data_1S60
# 
_entry.id   1S60 
# 
_audit_conform.dict_name       mmcif_pdbx.dic 
_audit_conform.dict_version    5.389 
_audit_conform.dict_location   http://mmcif.pdb.org/dictionaries/ascii/mmcif_pdbx.dic 
# 
loop_
_database_2.database_id 
_database_2.database_code 
_database_2.pdbx_database_accession 
_database_2.pdbx_DOI 
PDB   1S60         pdb_00001s60 10.2210/pdb1s60/pdb 
RCSB  RCSB021410   ?            ?                   
WWPDB D_1000021410 ?            ?                   
# 
loop_
_pdbx_audit_revision_history.ordinal 
_pdbx_audit_revision_history.data_content_type 
_pdbx_audit_revision_history.major_revision 
_pdbx_audit_revision_history.minor_revision 
_pdbx_audit_revision_history.revision_date 
1 'Structure model' 1 0 2004-05-18 
2 'Structure model' 1 1 2008-04-29 
3 'Structure model' 1 2 2011-07-13 
4 'Structure model' 1 3 2024-02-14 
5 'Structure model' 1 4 2024-04-03 
# 
_pdbx_audit_revision_details.ordinal             1 
_pdbx_audit_revision_details.revision_ordinal    1 
_pdbx_audit_revision_details.data_content_type   'Structure model' 
_pdbx_audit_revision_details.provider            repository 
_pdbx_audit_revision_details.type                'Initial release' 
_pdbx_audit_revision_details.description         ? 
_pdbx_audit_revision_details.details             ? 
# 
loop_
_pdbx_audit_revision_group.ordinal 
_pdbx_audit_revision_group.revision_ordinal 
_pdbx_audit_revision_group.data_content_type 
_pdbx_audit_revision_group.group 
1 2 'Structure model' 'Version format compliance' 
2 3 'Structure model' 'Derived calculations'      
3 3 'Structure model' 'Version format compliance' 
4 4 'Structure model' 'Data collection'           
5 4 'Structure model' 'Database references'       
6 4 'Structure model' 'Derived calculations'      
7 5 'Structure model' 'Refinement description'    
# 
loop_
_pdbx_audit_revision_category.ordinal 
_pdbx_audit_revision_category.revision_ordinal 
_pdbx_audit_revision_category.data_content_type 
_pdbx_audit_revision_category.category 
1 4 'Structure model' chem_comp_atom                
2 4 'Structure model' chem_comp_bond                
3 4 'Structure model' database_2                    
4 4 'Structure model' struct_ref_seq_dif            
5 4 'Structure model' struct_site                   
6 5 'Structure model' pdbx_initial_refinement_model 
# 
loop_
_pdbx_audit_revision_item.ordinal 
_pdbx_audit_revision_item.revision_ordinal 
_pdbx_audit_revision_item.data_content_type 
_pdbx_audit_revision_item.item 
1 4 'Structure model' '_database_2.pdbx_DOI'                
2 4 'Structure model' '_database_2.pdbx_database_accession' 
3 4 'Structure model' '_struct_ref_seq_dif.details'         
4 4 'Structure model' '_struct_site.pdbx_auth_asym_id'      
5 4 'Structure model' '_struct_site.pdbx_auth_comp_id'      
6 4 'Structure model' '_struct_site.pdbx_auth_seq_id'       
# 
_pdbx_database_status.status_code                     REL 
_pdbx_database_status.entry_id                        1S60 
_pdbx_database_status.recvd_initial_deposition_date   2004-01-22 
_pdbx_database_status.deposit_site                    RCSB 
_pdbx_database_status.process_site                    RCSB 
_pdbx_database_status.status_code_sf                  REL 
_pdbx_database_status.SG_entry                        . 
_pdbx_database_status.pdb_format_compatible           Y 
_pdbx_database_status.status_code_mr                  ? 
_pdbx_database_status.status_code_cs                  ? 
_pdbx_database_status.status_code_nmr_data            ? 
_pdbx_database_status.methods_development_category    ? 
# 
loop_
_pdbx_database_related.db_name 
_pdbx_database_related.db_id 
_pdbx_database_related.details 
_pdbx_database_related.content_type 
PDB 1S5K 
;Aminoglycoside N-Acetyltransferase AAC(6')-Iy in Complex with CoA and N-terminal His(6)-tag (crystal form 1)
;
unspecified 
PDB 1S3Z 
;Aminoglycoside N-Acetyltransferase AAC(6')-Iy in Complex with CoA and Ribostamycin
;
unspecified 
# 
loop_
_audit_author.name 
_audit_author.pdbx_ordinal 
'Vetting, M.W.'   1 
'Magnet, S.'      2 
'Nieves, E.'      3 
'Roderick, S.L.'  4 
'Blanchard, J.S.' 5 
# 
loop_
_citation.id 
_citation.title 
_citation.journal_abbrev 
_citation.journal_volume 
_citation.page_first 
_citation.page_last 
_citation.year 
_citation.journal_id_ASTM 
_citation.country 
_citation.journal_id_ISSN 
_citation.journal_id_CSD 
_citation.book_publisher 
_citation.pdbx_database_id_PubMed 
_citation.pdbx_database_id_DOI 
primary 'A bacterial acetyltransferase capable of regioselective N-acetylation of antibiotics and histones' Chem.Biol.   11 565  
573  2004 CBOLE2 UK 1074-5521 2050 ? 15123251 10.1016/j.chembiol.2004.03.017 
1       
;Kinetic and mutagenic characterization of the chromosomally encoded Salmonella enterica AAC(6')-Iy aminoglycoside N-acetyltransferase
;
Biochemistry 40 3700 3709 2001 BICHAW US 0006-2960 0033 ? ?        10.1021/bi002736e              
# 
loop_
_citation_author.citation_id 
_citation_author.name 
_citation_author.ordinal 
_citation_author.identifier_ORCID 
primary 'Vetting, M.W.'   1 ? 
primary 'Magnet, S.'      2 ? 
primary 'Nieves, E.'      3 ? 
primary 'Roderick, S.L.'  4 ? 
primary 'Blanchard, J.S.' 5 ? 
1       'Magnet, S.'      6 ? 
1       'Lambert, T.'     7 ? 
1       'Courvalin, P.'   8 ? 
1       'Blanchard, J.'   9 ? 
# 
loop_
_entity.id 
_entity.type 
_entity.src_method 
_entity.pdbx_description 
_entity.formula_weight 
_entity.pdbx_number_of_molecules 
_entity.pdbx_ec 
_entity.pdbx_mutation 
_entity.pdbx_fragment 
_entity.details 
1 polymer     man 
;aminoglycoside 6'-N-acetyltransferase
;
18556.926 1 2.3.1.82 ? ? ? 
2 non-polymer syn 'SULFATE ION'                           96.063    1 ?        ? ? ? 
3 non-polymer syn 'COENZYME A'                            767.534   1 ?        ? ? ? 
# 
_entity_name_com.entity_id   1 
_entity_name_com.name        
;Aminoglycoside N-Acetyltransferase AAC(6')-Iy
;
# 
_entity_poly.entity_id                      1 
_entity_poly.type                           'polypeptide(L)' 
_entity_poly.nstd_linkage                   no 
_entity_poly.nstd_monomer                   no 
_entity_poly.pdbx_seq_one_letter_code       
;MGSSHHHHHHSSGLVPRGSHMDIRQMNKTHLEHWRGLRKQLWPGHPDDAHLADGEEILQADHLASFIAMADGVAIGFADA
SIRHDYVNGCDSSPVVFLEGIFVLPSFRQRGVAKQLIAAVQRWGTNKGCREMASDTSPENTISQKVHQALGFEETERVIF
YRKRC
;
_entity_poly.pdbx_seq_one_letter_code_can   
;MGSSHHHHHHSSGLVPRGSHMDIRQMNKTHLEHWRGLRKQLWPGHPDDAHLADGEEILQADHLASFIAMADGVAIGFADA
SIRHDYVNGCDSSPVVFLEGIFVLPSFRQRGVAKQLIAAVQRWGTNKGCREMASDTSPENTISQKVHQALGFEETERVIF
YRKRC
;
_entity_poly.pdbx_strand_id                 A 
_entity_poly.pdbx_target_identifier         ? 
# 
loop_
_pdbx_entity_nonpoly.entity_id 
_pdbx_entity_nonpoly.name 
_pdbx_entity_nonpoly.comp_id 
2 'SULFATE ION' SO4 
3 'COENZYME A'  COA 
# 
loop_
_entity_poly_seq.entity_id 
_entity_poly_seq.num 
_entity_poly_seq.mon_id 
_entity_poly_seq.hetero 
1 1   MET n 
1 2   GLY n 
1 3   SER n 
1 4   SER n 
1 5   HIS n 
1 6   HIS n 
1 7   HIS n 
1 8   HIS n 
1 9   HIS n 
1 10  HIS n 
1 11  SER n 
1 12  SER n 
1 13  GLY n 
1 14  LEU n 
1 15  VAL n 
1 16  PRO n 
1 17  ARG n 
1 18  GLY n 
1 19  SER n 
1 20  HIS n 
1 21  MET n 
1 22  ASP n 
1 23  ILE n 
1 24  ARG n 
1 25  GLN n 
1 26  MET n 
1 27  ASN n 
1 28  LYS n 
1 29  THR n 
1 30  HIS n 
1 31  LEU n 
1 32  GLU n 
1 33  HIS n 
1 34  TRP n 
1 35  ARG n 
1 36  GLY n 
1 37  LEU n 
1 38  ARG n 
1 39  LYS n 
1 40  GLN n 
1 41  LEU n 
1 42  TRP n 
1 43  PRO n 
1 44  GLY n 
1 45  HIS n 
1 46  PRO n 
1 47  ASP n 
1 48  ASP n 
1 49  ALA n 
1 50  HIS n 
1 51  LEU n 
1 52  ALA n 
1 53  ASP n 
1 54  GLY n 
1 55  GLU n 
1 56  GLU n 
1 57  ILE n 
1 58  LEU n 
1 59  GLN n 
1 60  ALA n 
1 61  ASP n 
1 62  HIS n 
1 63  LEU n 
1 64  ALA n 
1 65  SER n 
1 66  PHE n 
1 67  ILE n 
1 68  ALA n 
1 69  MET n 
1 70  ALA n 
1 71  ASP n 
1 72  GLY n 
1 73  VAL n 
1 74  ALA n 
1 75  ILE n 
1 76  GLY n 
1 77  PHE n 
1 78  ALA n 
1 79  ASP n 
1 80  ALA n 
1 81  SER n 
1 82  ILE n 
1 83  ARG n 
1 84  HIS n 
1 85  ASP n 
1 86  TYR n 
1 87  VAL n 
1 88  ASN n 
1 89  GLY n 
1 90  CYS n 
1 91  ASP n 
1 92  SER n 
1 93  SER n 
1 94  PRO n 
1 95  VAL n 
1 96  VAL n 
1 97  PHE n 
1 98  LEU n 
1 99  GLU n 
1 100 GLY n 
1 101 ILE n 
1 102 PHE n 
1 103 VAL n 
1 104 LEU n 
1 105 PRO n 
1 106 SER n 
1 107 PHE n 
1 108 ARG n 
1 109 GLN n 
1 110 ARG n 
1 111 GLY n 
1 112 VAL n 
1 113 ALA n 
1 114 LYS n 
1 115 GLN n 
1 116 LEU n 
1 117 ILE n 
1 118 ALA n 
1 119 ALA n 
1 120 VAL n 
1 121 GLN n 
1 122 ARG n 
1 123 TRP n 
1 124 GLY n 
1 125 THR n 
1 126 ASN n 
1 127 LYS n 
1 128 GLY n 
1 129 CYS n 
1 130 ARG n 
1 131 GLU n 
1 132 MET n 
1 133 ALA n 
1 134 SER n 
1 135 ASP n 
1 136 THR n 
1 137 SER n 
1 138 PRO n 
1 139 GLU n 
1 140 ASN n 
1 141 THR n 
1 142 ILE n 
1 143 SER n 
1 144 GLN n 
1 145 LYS n 
1 146 VAL n 
1 147 HIS n 
1 148 GLN n 
1 149 ALA n 
1 150 LEU n 
1 151 GLY n 
1 152 PHE n 
1 153 GLU n 
1 154 GLU n 
1 155 THR n 
1 156 GLU n 
1 157 ARG n 
1 158 VAL n 
1 159 ILE n 
1 160 PHE n 
1 161 TYR n 
1 162 ARG n 
1 163 LYS n 
1 164 ARG n 
1 165 CYS n 
# 
_entity_src_gen.entity_id                          1 
_entity_src_gen.pdbx_src_id                        1 
_entity_src_gen.pdbx_alt_source_flag               sample 
_entity_src_gen.pdbx_seq_type                      ? 
_entity_src_gen.pdbx_beg_seq_num                   ? 
_entity_src_gen.pdbx_end_seq_num                   ? 
_entity_src_gen.gene_src_common_name               ? 
_entity_src_gen.gene_src_genus                     Salmonella 
_entity_src_gen.pdbx_gene_src_gene                 ? 
_entity_src_gen.gene_src_species                   ? 
_entity_src_gen.gene_src_strain                    ? 
_entity_src_gen.gene_src_tissue                    ? 
_entity_src_gen.gene_src_tissue_fraction           ? 
_entity_src_gen.gene_src_details                   ? 
_entity_src_gen.pdbx_gene_src_fragment             ? 
_entity_src_gen.pdbx_gene_src_scientific_name      'Salmonella enteritidis' 
_entity_src_gen.pdbx_gene_src_ncbi_taxonomy_id     592 
_entity_src_gen.pdbx_gene_src_variant              ? 
_entity_src_gen.pdbx_gene_src_cell_line            ? 
_entity_src_gen.pdbx_gene_src_atcc                 ? 
_entity_src_gen.pdbx_gene_src_organ                ? 
_entity_src_gen.pdbx_gene_src_organelle            ? 
_entity_src_gen.pdbx_gene_src_cell                 ? 
_entity_src_gen.pdbx_gene_src_cellular_location    ? 
_entity_src_gen.host_org_common_name               ? 
_entity_src_gen.pdbx_host_org_scientific_name      'Escherichia coli' 
_entity_src_gen.pdbx_host_org_ncbi_taxonomy_id     562 
_entity_src_gen.host_org_genus                     Escherichia 
_entity_src_gen.pdbx_host_org_gene                 ? 
_entity_src_gen.pdbx_host_org_organ                ? 
_entity_src_gen.host_org_species                   ? 
_entity_src_gen.pdbx_host_org_tissue               ? 
_entity_src_gen.pdbx_host_org_tissue_fraction      ? 
_entity_src_gen.pdbx_host_org_strain               ? 
_entity_src_gen.pdbx_host_org_variant              ? 
_entity_src_gen.pdbx_host_org_cell_line            ? 
_entity_src_gen.pdbx_host_org_atcc                 ? 
_entity_src_gen.pdbx_host_org_culture_collection   ? 
_entity_src_gen.pdbx_host_org_cell                 ? 
_entity_src_gen.pdbx_host_org_organelle            ? 
_entity_src_gen.pdbx_host_org_cellular_location    ? 
_entity_src_gen.pdbx_host_org_vector_type          plasmid 
_entity_src_gen.pdbx_host_org_vector               ? 
_entity_src_gen.host_org_details                   ? 
_entity_src_gen.expression_system_id               ? 
_entity_src_gen.plasmid_name                       pet28a+ 
_entity_src_gen.plasmid_details                    ? 
_entity_src_gen.pdbx_description                   ? 
# 
loop_
_chem_comp.id 
_chem_comp.type 
_chem_comp.mon_nstd_flag 
_chem_comp.name 
_chem_comp.pdbx_synonyms 
_chem_comp.formula 
_chem_comp.formula_weight 
ALA 'L-peptide linking' y ALANINE         ? 'C3 H7 N O2'          89.093  
ARG 'L-peptide linking' y ARGININE        ? 'C6 H15 N4 O2 1'      175.209 
ASN 'L-peptide linking' y ASPARAGINE      ? 'C4 H8 N2 O3'         132.118 
ASP 'L-peptide linking' y 'ASPARTIC ACID' ? 'C4 H7 N O4'          133.103 
COA non-polymer         . 'COENZYME A'    ? 'C21 H36 N7 O16 P3 S' 767.534 
CYS 'L-peptide linking' y CYSTEINE        ? 'C3 H7 N O2 S'        121.158 
GLN 'L-peptide linking' y GLUTAMINE       ? 'C5 H10 N2 O3'        146.144 
GLU 'L-peptide linking' y 'GLUTAMIC ACID' ? 'C5 H9 N O4'          147.129 
GLY 'peptide linking'   y GLYCINE         ? 'C2 H5 N O2'          75.067  
HIS 'L-peptide linking' y HISTIDINE       ? 'C6 H10 N3 O2 1'      156.162 
ILE 'L-peptide linking' y ISOLEUCINE      ? 'C6 H13 N O2'         131.173 
LEU 'L-peptide linking' y LEUCINE         ? 'C6 H13 N O2'         131.173 
LYS 'L-peptide linking' y LYSINE          ? 'C6 H15 N2 O2 1'      147.195 
MET 'L-peptide linking' y METHIONINE      ? 'C5 H11 N O2 S'       149.211 
PHE 'L-peptide linking' y PHENYLALANINE   ? 'C9 H11 N O2'         165.189 
PRO 'L-peptide linking' y PROLINE         ? 'C5 H9 N O2'          115.130 
SER 'L-peptide linking' y SERINE          ? 'C3 H7 N O3'          105.093 
SO4 non-polymer         . 'SULFATE ION'   ? 'O4 S -2'             96.063  
THR 'L-peptide linking' y THREONINE       ? 'C4 H9 N O3'          119.119 
TRP 'L-peptide linking' y TRYPTOPHAN      ? 'C11 H12 N2 O2'       204.225 
TYR 'L-peptide linking' y TYROSINE        ? 'C9 H11 N O3'         181.189 
VAL 'L-peptide linking' y VALINE          ? 'C5 H11 N O2'         117.146 
# 
loop_
_pdbx_poly_seq_scheme.asym_id 
_pdbx_poly_seq_scheme.entity_id 
_pdbx_poly_seq_scheme.seq_id 
_pdbx_poly_seq_scheme.mon_id 
_pdbx_poly_seq_scheme.ndb_seq_num 
_pdbx_poly_seq_scheme.pdb_seq_num 
_pdbx_poly_seq_scheme.auth_seq_num 
_pdbx_poly_seq_scheme.pdb_mon_id 
_pdbx_poly_seq_scheme.auth_mon_id 
_pdbx_poly_seq_scheme.pdb_strand_id 
_pdbx_poly_seq_scheme.pdb_ins_code 
_pdbx_poly_seq_scheme.hetero 
A 1 1   MET 1   -19 ?   ?   ?   A . n 
A 1 2   GLY 2   -18 ?   ?   ?   A . n 
A 1 3   SER 3   -17 ?   ?   ?   A . n 
A 1 4   SER 4   -16 ?   ?   ?   A . n 
A 1 5   HIS 5   -15 ?   ?   ?   A . n 
A 1 6   HIS 6   -14 ?   ?   ?   A . n 
A 1 7   HIS 7   -13 ?   ?   ?   A . n 
A 1 8   HIS 8   -12 ?   ?   ?   A . n 
A 1 9   HIS 9   -11 ?   ?   ?   A . n 
A 1 10  HIS 10  -10 ?   ?   ?   A . n 
A 1 11  SER 11  -9  ?   ?   ?   A . n 
A 1 12  SER 12  -8  ?   ?   ?   A . n 
A 1 13  GLY 13  -7  ?   ?   ?   A . n 
A 1 14  LEU 14  -6  993 LEU GLY A . n 
A 1 15  VAL 15  -5  994 VAL VAL A . n 
A 1 16  PRO 16  -4  995 PRO PRO A . n 
A 1 17  ARG 17  -3  996 ARG ARG A . n 
A 1 18  GLY 18  -2  997 GLY GLY A . n 
A 1 19  SER 19  -1  998 SER SER A . n 
A 1 20  HIS 20  0   999 HIS HIS A . n 
A 1 21  MET 21  1   1   MET MET A . n 
A 1 22  ASP 22  2   2   ASP ASP A . n 
A 1 23  ILE 23  3   3   ILE ILE A . n 
A 1 24  ARG 24  4   4   ARG ARG A . n 
A 1 25  GLN 25  5   5   GLN GLN A . n 
A 1 26  MET 26  6   6   MET MET A . n 
A 1 27  ASN 27  7   7   ASN ASN A . n 
A 1 28  LYS 28  8   8   LYS LYS A . n 
A 1 29  THR 29  9   9   THR THR A . n 
A 1 30  HIS 30  10  10  HIS HIS A . n 
A 1 31  LEU 31  11  11  LEU LEU A . n 
A 1 32  GLU 32  12  12  GLU GLU A . n 
A 1 33  HIS 33  13  13  HIS HIS A . n 
A 1 34  TRP 34  14  14  TRP TRP A . n 
A 1 35  ARG 35  15  15  ARG ARG A . n 
A 1 36  GLY 36  16  16  GLY GLY A . n 
A 1 37  LEU 37  17  17  LEU LEU A . n 
A 1 38  ARG 38  18  18  ARG ARG A . n 
A 1 39  LYS 39  19  19  LYS LYS A . n 
A 1 40  GLN 40  20  20  GLN GLN A . n 
A 1 41  LEU 41  21  21  LEU LEU A . n 
A 1 42  TRP 42  22  22  TRP TRP A . n 
A 1 43  PRO 43  23  23  PRO PRO A . n 
A 1 44  GLY 44  24  24  GLY GLY A . n 
A 1 45  HIS 45  25  25  HIS HIS A . n 
A 1 46  PRO 46  26  26  PRO PRO A . n 
A 1 47  ASP 47  27  27  ASP ASP A . n 
A 1 48  ASP 48  28  28  ASP ASP A . n 
A 1 49  ALA 49  29  29  ALA ALA A . n 
A 1 50  HIS 50  30  30  HIS HIS A . n 
A 1 51  LEU 51  31  31  LEU LEU A . n 
A 1 52  ALA 52  32  32  ALA ALA A . n 
A 1 53  ASP 53  33  33  ASP ASP A . n 
A 1 54  GLY 54  34  34  GLY GLY A . n 
A 1 55  GLU 55  35  35  GLU GLU A . n 
A 1 56  GLU 56  36  36  GLU GLU A . n 
A 1 57  ILE 57  37  37  ILE ILE A . n 
A 1 58  LEU 58  38  38  LEU LEU A . n 
A 1 59  GLN 59  39  39  GLN GLN A . n 
A 1 60  ALA 60  40  40  ALA ALA A . n 
A 1 61  ASP 61  41  41  ASP ASP A . n 
A 1 62  HIS 62  42  42  HIS HIS A . n 
A 1 63  LEU 63  43  43  LEU LEU A . n 
A 1 64  ALA 64  44  44  ALA ALA A . n 
A 1 65  SER 65  45  45  SER SER A . n 
A 1 66  PHE 66  46  46  PHE PHE A . n 
A 1 67  ILE 67  47  47  ILE ILE A . n 
A 1 68  ALA 68  48  48  ALA ALA A . n 
A 1 69  MET 69  49  49  MET MET A . n 
A 1 70  ALA 70  50  50  ALA ALA A . n 
A 1 71  ASP 71  51  51  ASP ASP A . n 
A 1 72  GLY 72  52  52  GLY GLY A . n 
A 1 73  VAL 73  53  53  VAL VAL A . n 
A 1 74  ALA 74  54  54  ALA ALA A . n 
A 1 75  ILE 75  55  55  ILE ILE A . n 
A 1 76  GLY 76  56  56  GLY GLY A . n 
A 1 77  PHE 77  57  57  PHE PHE A . n 
A 1 78  ALA 78  58  58  ALA ALA A . n 
A 1 79  ASP 79  59  59  ASP ASP A . n 
A 1 80  ALA 80  60  60  ALA ALA A . n 
A 1 81  SER 81  61  61  SER SER A . n 
A 1 82  ILE 82  62  62  ILE ILE A . n 
A 1 83  ARG 83  63  63  ARG ARG A . n 
A 1 84  HIS 84  64  64  HIS HIS A . n 
A 1 85  ASP 85  65  65  ASP ASP A . n 
A 1 86  TYR 86  66  66  TYR TYR A . n 
A 1 87  VAL 87  67  67  VAL VAL A . n 
A 1 88  ASN 88  68  68  ASN ASN A . n 
A 1 89  GLY 89  69  69  GLY GLY A . n 
A 1 90  CYS 90  70  70  CYS CYS A . n 
A 1 91  ASP 91  71  71  ASP ASP A . n 
A 1 92  SER 92  72  72  SER SER A . n 
A 1 93  SER 93  73  73  SER SER A . n 
A 1 94  PRO 94  74  74  PRO PRO A . n 
A 1 95  VAL 95  75  75  VAL VAL A . n 
A 1 96  VAL 96  76  76  VAL VAL A . n 
A 1 97  PHE 97  77  77  PHE PHE A . n 
A 1 98  LEU 98  78  78  LEU LEU A . n 
A 1 99  GLU 99  79  79  GLU GLU A . n 
A 1 100 GLY 100 80  80  GLY GLY A . n 
A 1 101 ILE 101 81  81  ILE ILE A . n 
A 1 102 PHE 102 82  82  PHE PHE A . n 
A 1 103 VAL 103 83  83  VAL VAL A . n 
A 1 104 LEU 104 84  84  LEU LEU A . n 
A 1 105 PRO 105 85  85  PRO PRO A . n 
A 1 106 SER 106 86  86  SER SER A . n 
A 1 107 PHE 107 87  87  PHE PHE A . n 
A 1 108 ARG 108 88  88  ARG ARG A . n 
A 1 109 GLN 109 89  89  GLN GLN A . n 
A 1 110 ARG 110 90  90  ARG ARG A . n 
A 1 111 GLY 111 91  91  GLY GLY A . n 
A 1 112 VAL 112 92  92  VAL VAL A . n 
A 1 113 ALA 113 93  93  ALA ALA A . n 
A 1 114 LYS 114 94  94  LYS LYS A . n 
A 1 115 GLN 115 95  95  GLN GLN A . n 
A 1 116 LEU 116 96  96  LEU LEU A . n 
A 1 117 ILE 117 97  97  ILE ILE A . n 
A 1 118 ALA 118 98  98  ALA ALA A . n 
A 1 119 ALA 119 99  99  ALA ALA A . n 
A 1 120 VAL 120 100 100 VAL VAL A . n 
A 1 121 GLN 121 101 101 GLN GLN A . n 
A 1 122 ARG 122 102 102 ARG ARG A . n 
A 1 123 TRP 123 103 103 TRP TRP A . n 
A 1 124 GLY 124 104 104 GLY GLY A . n 
A 1 125 THR 125 105 105 THR THR A . n 
A 1 126 ASN 126 106 106 ASN ASN A . n 
A 1 127 LYS 127 107 107 LYS LYS A . n 
A 1 128 GLY 128 108 108 GLY GLY A . n 
A 1 129 CYS 129 109 109 CYS CYS A . n 
A 1 130 ARG 130 110 110 ARG ARG A . n 
A 1 131 GLU 131 111 111 GLU GLU A . n 
A 1 132 MET 132 112 112 MET MET A . n 
A 1 133 ALA 133 113 113 ALA ALA A . n 
A 1 134 SER 134 114 114 SER SER A . n 
A 1 135 ASP 135 115 115 ASP ASP A . n 
A 1 136 THR 136 116 116 THR THR A . n 
A 1 137 SER 137 117 117 SER SER A . n 
A 1 138 PRO 138 118 118 PRO PRO A . n 
A 1 139 GLU 139 119 119 GLU GLU A . n 
A 1 140 ASN 140 120 120 ASN ASN A . n 
A 1 141 THR 141 121 121 THR THR A . n 
A 1 142 ILE 142 122 122 ILE ILE A . n 
A 1 143 SER 143 123 123 SER SER A . n 
A 1 144 GLN 144 124 124 GLN GLN A . n 
A 1 145 LYS 145 125 125 LYS LYS A . n 
A 1 146 VAL 146 126 126 VAL VAL A . n 
A 1 147 HIS 147 127 127 HIS HIS A . n 
A 1 148 GLN 148 128 128 GLN GLN A . n 
A 1 149 ALA 149 129 129 ALA ALA A . n 
A 1 150 LEU 150 130 130 LEU LEU A . n 
A 1 151 GLY 151 131 131 GLY GLY A . n 
A 1 152 PHE 152 132 132 PHE PHE A . n 
A 1 153 GLU 153 133 133 GLU GLU A . n 
A 1 154 GLU 154 134 134 GLU GLU A . n 
A 1 155 THR 155 135 135 THR THR A . n 
A 1 156 GLU 156 136 136 GLU GLU A . n 
A 1 157 ARG 157 137 137 ARG ARG A . n 
A 1 158 VAL 158 138 138 VAL VAL A . n 
A 1 159 ILE 159 139 139 ILE ILE A . n 
A 1 160 PHE 160 140 140 PHE PHE A . n 
A 1 161 TYR 161 141 141 TYR TYR A . n 
A 1 162 ARG 162 142 142 ARG ARG A . n 
A 1 163 LYS 163 143 143 LYS LYS A . n 
A 1 164 ARG 164 144 144 ARG ARG A . n 
A 1 165 CYS 165 145 145 CYS CYS A . n 
# 
loop_
_pdbx_nonpoly_scheme.asym_id 
_pdbx_nonpoly_scheme.entity_id 
_pdbx_nonpoly_scheme.mon_id 
_pdbx_nonpoly_scheme.ndb_seq_num 
_pdbx_nonpoly_scheme.pdb_seq_num 
_pdbx_nonpoly_scheme.auth_seq_num 
_pdbx_nonpoly_scheme.pdb_mon_id 
_pdbx_nonpoly_scheme.auth_mon_id 
_pdbx_nonpoly_scheme.pdb_strand_id 
_pdbx_nonpoly_scheme.pdb_ins_code 
B 2 SO4 1 800 800 SO4 SO4 A . 
C 3 COA 1 600 600 COA COA A . 
# 
loop_
_pdbx_unobs_or_zero_occ_atoms.id 
_pdbx_unobs_or_zero_occ_atoms.PDB_model_num 
_pdbx_unobs_or_zero_occ_atoms.polymer_flag 
_pdbx_unobs_or_zero_occ_atoms.occupancy_flag 
_pdbx_unobs_or_zero_occ_atoms.auth_asym_id 
_pdbx_unobs_or_zero_occ_atoms.auth_comp_id 
_pdbx_unobs_or_zero_occ_atoms.auth_seq_id 
_pdbx_unobs_or_zero_occ_atoms.PDB_ins_code 
_pdbx_unobs_or_zero_occ_atoms.auth_atom_id 
_pdbx_unobs_or_zero_occ_atoms.label_alt_id 
_pdbx_unobs_or_zero_occ_atoms.label_asym_id 
_pdbx_unobs_or_zero_occ_atoms.label_comp_id 
_pdbx_unobs_or_zero_occ_atoms.label_seq_id 
_pdbx_unobs_or_zero_occ_atoms.label_atom_id 
1 1 Y 1 A LEU -6 ? CB  ? A LEU 14 CB  
2 1 Y 1 A LEU -6 ? CG  ? A LEU 14 CG  
3 1 Y 1 A LEU -6 ? CD1 ? A LEU 14 CD1 
4 1 Y 1 A LEU -6 ? CD2 ? A LEU 14 CD2 
# 
loop_
_software.name 
_software.classification 
_software.version 
_software.citation_id 
_software.pdbx_ordinal 
DENZO     'data reduction' .   ? 1 
SCALEPACK 'data scaling'   .   ? 2 
AMoRE     phasing          .   ? 3 
CNS       refinement       1.0 ? 4 
# 
_cell.entry_id           1S60 
_cell.length_a           84.600 
_cell.length_b           84.600 
_cell.length_c           66.750 
_cell.angle_alpha        90.00 
_cell.angle_beta         90.00 
_cell.angle_gamma        120.00 
_cell.Z_PDB              6 
_cell.pdbx_unique_axis   ? 
# 
_symmetry.entry_id                         1S60 
_symmetry.space_group_name_H-M             'P 32 2 1' 
_symmetry.pdbx_full_space_group_name_H-M   ? 
_symmetry.cell_setting                     ? 
_symmetry.Int_Tables_number                154 
# 
_exptl.entry_id          1S60 
_exptl.method            'X-RAY DIFFRACTION' 
_exptl.crystals_number   1 
# 
_exptl_crystal.id                    1 
_exptl_crystal.density_meas          ? 
_exptl_crystal.density_percent_sol   66.89 
_exptl_crystal.description           ? 
_exptl_crystal.density_Matthews      3.71 
# 
_exptl_crystal_grow.crystal_id      1 
_exptl_crystal_grow.method          'vapor diffusion under oil' 
_exptl_crystal_grow.temp            293 
_exptl_crystal_grow.temp_details    ? 
_exptl_crystal_grow.pH              8.8 
_exptl_crystal_grow.pdbx_details    'Bicine, Ammonium Sulfate, pH 8.8, vapor diffusion under oil, temperature 293K' 
_exptl_crystal_grow.pdbx_pH_range   . 
# 
_diffrn.id                     1 
_diffrn.ambient_temp           77 
_diffrn.ambient_temp_details   ? 
_diffrn.crystal_id             1 
# 
_diffrn_detector.diffrn_id              1 
_diffrn_detector.detector               'IMAGE PLATE' 
_diffrn_detector.type                   'RIGAKU RAXIS IV' 
_diffrn_detector.pdbx_collection_date   2002-06-26 
_diffrn_detector.details                'MSC Blue Confocal' 
# 
_diffrn_radiation.diffrn_id                        1 
_diffrn_radiation.wavelength_id                    1 
_diffrn_radiation.pdbx_monochromatic_or_laue_m_l   M 
_diffrn_radiation.monochromator                    'Optics MSC Blue Confocal' 
_diffrn_radiation.pdbx_diffrn_protocol             'SINGLE WAVELENGTH' 
_diffrn_radiation.pdbx_scattering_type             x-ray 
# 
_diffrn_radiation_wavelength.id           1 
_diffrn_radiation_wavelength.wavelength   1.5418 
_diffrn_radiation_wavelength.wt           1.0 
# 
_diffrn_source.diffrn_id                   1 
_diffrn_source.source                      'ROTATING ANODE' 
_diffrn_source.type                        'RIGAKU RU200' 
_diffrn_source.pdbx_synchrotron_site       ? 
_diffrn_source.pdbx_synchrotron_beamline   ? 
_diffrn_source.pdbx_wavelength             ? 
_diffrn_source.pdbx_wavelength_list        1.5418 
# 
_reflns.entry_id                     1S60 
_reflns.observed_criterion_sigma_F   0 
_reflns.observed_criterion_sigma_I   0 
_reflns.d_resolution_high            3.0 
_reflns.d_resolution_low             20.0 
_reflns.number_all                   5773 
_reflns.number_obs                   5773 
_reflns.percent_possible_obs         95.3 
_reflns.pdbx_Rmerge_I_obs            ? 
_reflns.pdbx_Rsym_value              0.046 
_reflns.pdbx_netI_over_sigmaI        19.8 
_reflns.B_iso_Wilson_estimate        71.0 
_reflns.pdbx_redundancy              4.0 
_reflns.R_free_details               ? 
_reflns.limit_h_max                  ? 
_reflns.limit_h_min                  ? 
_reflns.limit_k_max                  ? 
_reflns.limit_k_min                  ? 
_reflns.limit_l_max                  ? 
_reflns.limit_l_min                  ? 
_reflns.observed_criterion_F_max     ? 
_reflns.observed_criterion_F_min     ? 
_reflns.pdbx_ordinal                 1 
_reflns.pdbx_diffrn_id               1 
# 
_reflns_shell.d_res_high             3.0 
_reflns_shell.d_res_low              3.11 
_reflns_shell.percent_possible_all   87.0 
_reflns_shell.Rmerge_I_obs           ? 
_reflns_shell.pdbx_Rsym_value        0.136 
_reflns_shell.meanI_over_sigI_obs    ? 
_reflns_shell.pdbx_redundancy        ? 
_reflns_shell.percent_possible_obs   ? 
_reflns_shell.number_unique_all      ? 
_reflns_shell.pdbx_ordinal           1 
_reflns_shell.pdbx_diffrn_id         1 
# 
_refine.entry_id                                 1S60 
_refine.ls_d_res_high                            3.0 
_refine.ls_d_res_low                             20.0 
_refine.pdbx_ls_sigma_F                          0 
_refine.pdbx_ls_sigma_I                          0 
_refine.ls_number_reflns_all                     5559 
_refine.ls_number_reflns_obs                     5559 
_refine.ls_number_reflns_R_free                  306 
_refine.ls_percent_reflns_obs                    95.9 
_refine.ls_R_factor_all                          ? 
_refine.ls_R_factor_obs                          0.225 
_refine.ls_R_factor_R_work                       0.225 
_refine.ls_R_factor_R_free                       0.267 
_refine.ls_redundancy_reflns_obs                 ? 
_refine.pdbx_data_cutoff_high_absF               ? 
_refine.pdbx_data_cutoff_low_absF                ? 
_refine.ls_number_parameters                     ? 
_refine.ls_number_restraints                     ? 
_refine.ls_percent_reflns_R_free                 ? 
_refine.ls_R_factor_R_free_error                 ? 
_refine.ls_R_factor_R_free_error_details         ? 
_refine.pdbx_method_to_determine_struct          'MOLECULAR REPLACEMENT' 
_refine.pdbx_starting_model                      
'Partially refined model created by fitting a Se-MET derived Map from same crystal form collected at synchotron radiation source.' 
_refine.pdbx_ls_cross_valid_method               THROUGHOUT 
_refine.pdbx_R_Free_selection_details            random 
_refine.pdbx_stereochem_target_val_spec_case     ? 
_refine.pdbx_stereochemistry_target_values       'Engh & Huber' 
_refine.solvent_model_details                    ? 
_refine.solvent_model_param_bsol                 ? 
_refine.solvent_model_param_ksol                 ? 
_refine.occupancy_max                            ? 
_refine.occupancy_min                            ? 
_refine.pdbx_isotropic_thermal_model             ? 
_refine.B_iso_mean                               ? 
_refine.aniso_B[1][1]                            ? 
_refine.aniso_B[1][2]                            ? 
_refine.aniso_B[1][3]                            ? 
_refine.aniso_B[2][2]                            ? 
_refine.aniso_B[2][3]                            ? 
_refine.aniso_B[3][3]                            ? 
_refine.details                                  ? 
_refine.B_iso_min                                ? 
_refine.B_iso_max                                ? 
_refine.correlation_coeff_Fo_to_Fc               ? 
_refine.correlation_coeff_Fo_to_Fc_free          ? 
_refine.pdbx_solvent_vdw_probe_radii             ? 
_refine.pdbx_solvent_ion_probe_radii             ? 
_refine.pdbx_solvent_shrinkage_radii             ? 
_refine.overall_SU_R_Cruickshank_DPI             ? 
_refine.overall_SU_R_free                        ? 
_refine.overall_SU_B                             ? 
_refine.overall_SU_ML                            ? 
_refine.pdbx_overall_ESU_R                       ? 
_refine.pdbx_overall_ESU_R_Free                  ? 
_refine.pdbx_data_cutoff_high_rms_absF           ? 
_refine.pdbx_refine_id                           'X-RAY DIFFRACTION' 
_refine.pdbx_diffrn_id                           1 
_refine.pdbx_TLS_residual_ADP_flag               ? 
_refine.pdbx_overall_phase_error                 ? 
_refine.pdbx_overall_SU_R_free_Cruickshank_DPI   ? 
_refine.pdbx_overall_SU_R_Blow_DPI               ? 
_refine.pdbx_overall_SU_R_free_Blow_DPI          ? 
# 
_refine_hist.pdbx_refine_id                   'X-RAY DIFFRACTION' 
_refine_hist.cycle_id                         LAST 
_refine_hist.pdbx_number_atoms_protein        1200 
_refine_hist.pdbx_number_atoms_nucleic_acid   0 
_refine_hist.pdbx_number_atoms_ligand         53 
_refine_hist.number_atoms_solvent             0 
_refine_hist.number_atoms_total               1253 
_refine_hist.d_res_high                       3.0 
_refine_hist.d_res_low                        20.0 
# 
loop_
_refine_ls_restr.type 
_refine_ls_restr.dev_ideal 
_refine_ls_restr.dev_ideal_target 
_refine_ls_restr.weight 
_refine_ls_restr.number 
_refine_ls_restr.pdbx_refine_id 
_refine_ls_restr.pdbx_restraint_function 
c_angle_deg 1.95  ? ? ? 'X-RAY DIFFRACTION' ? 
c_bond_d    .0148 ? ? ? 'X-RAY DIFFRACTION' ? 
# 
_refine_ls_shell.pdbx_total_number_of_bins_used   ? 
_refine_ls_shell.d_res_high                       3.0 
_refine_ls_shell.d_res_low                        3.14 
_refine_ls_shell.number_reflns_R_work             ? 
_refine_ls_shell.R_factor_R_work                  0.281 
_refine_ls_shell.percent_reflns_obs               ? 
_refine_ls_shell.R_factor_R_free                  0.352 
_refine_ls_shell.R_factor_R_free_error            ? 
_refine_ls_shell.percent_reflns_R_free            ? 
_refine_ls_shell.number_reflns_R_free             ? 
_refine_ls_shell.number_reflns_obs                ? 
_refine_ls_shell.redundancy_reflns_obs            ? 
_refine_ls_shell.number_reflns_all                ? 
_refine_ls_shell.pdbx_refine_id                   'X-RAY DIFFRACTION' 
_refine_ls_shell.R_factor_all                     ? 
# 
_struct.entry_id                  1S60 
_struct.title                     
;Aminoglycoside N-Acetyltransferase AAC(6')-Iy in Complex with CoA and N-terminal His(6)-tag (crystal form 2)
;
_struct.pdbx_model_details        ? 
_struct.pdbx_CASP_flag            ? 
_struct.pdbx_model_type_details   ? 
# 
_struct_keywords.entry_id        1S60 
_struct_keywords.pdbx_keywords   TRANSFERASE 
_struct_keywords.text            'GNAT, N-acetyltransferase, acetyltransferase, aminoglycoside, CoA, transferase' 
# 
loop_
_struct_asym.id 
_struct_asym.pdbx_blank_PDB_chainid_flag 
_struct_asym.pdbx_modified 
_struct_asym.entity_id 
_struct_asym.details 
A N N 1 ? 
B N N 2 ? 
C N N 3 ? 
# 
_struct_ref.id                         1 
_struct_ref.db_name                    UNP 
_struct_ref.db_code                    Q9R381_SALEN 
_struct_ref.pdbx_db_accession          Q9R381 
_struct_ref.entity_id                  1 
_struct_ref.pdbx_seq_one_letter_code   
;MDIRQMNKTHLEHWRGLRKQLWPGHPDDAHLADGEEILQADHLASFIAMADGVAIGFADASIRHDYVNGCDSSPVVFLEG
IFVLPSFRQRGVAKQLIAAVQRWGTNKGCREMASDTSPENTISQKVHQALGFEETERVIFYRKRC
;
_struct_ref.pdbx_align_begin           1 
_struct_ref.pdbx_db_isoform            ? 
# 
_struct_ref_seq.align_id                      1 
_struct_ref_seq.ref_id                        1 
_struct_ref_seq.pdbx_PDB_id_code              1S60 
_struct_ref_seq.pdbx_strand_id                A 
_struct_ref_seq.seq_align_beg                 21 
_struct_ref_seq.pdbx_seq_align_beg_ins_code   ? 
_struct_ref_seq.seq_align_end                 165 
_struct_ref_seq.pdbx_seq_align_end_ins_code   ? 
_struct_ref_seq.pdbx_db_accession             Q9R381 
_struct_ref_seq.db_align_beg                  1 
_struct_ref_seq.pdbx_db_align_beg_ins_code    ? 
_struct_ref_seq.db_align_end                  145 
_struct_ref_seq.pdbx_db_align_end_ins_code    ? 
_struct_ref_seq.pdbx_auth_seq_align_beg       1 
_struct_ref_seq.pdbx_auth_seq_align_end       145 
# 
loop_
_struct_ref_seq_dif.align_id 
_struct_ref_seq_dif.pdbx_pdb_id_code 
_struct_ref_seq_dif.mon_id 
_struct_ref_seq_dif.pdbx_pdb_strand_id 
_struct_ref_seq_dif.seq_num 
_struct_ref_seq_dif.pdbx_pdb_ins_code 
_struct_ref_seq_dif.pdbx_seq_db_name 
_struct_ref_seq_dif.pdbx_seq_db_accession_code 
_struct_ref_seq_dif.db_mon_id 
_struct_ref_seq_dif.pdbx_seq_db_seq_num 
_struct_ref_seq_dif.details 
_struct_ref_seq_dif.pdbx_auth_seq_num 
_struct_ref_seq_dif.pdbx_ordinal 
1 1S60 MET A 1  ? UNP Q9R381 ? ? 'expression tag' -19 1  
1 1S60 GLY A 2  ? UNP Q9R381 ? ? 'expression tag' -18 2  
1 1S60 SER A 3  ? UNP Q9R381 ? ? 'expression tag' -17 3  
1 1S60 SER A 4  ? UNP Q9R381 ? ? 'expression tag' -16 4  
1 1S60 HIS A 5  ? UNP Q9R381 ? ? 'expression tag' -15 5  
1 1S60 HIS A 6  ? UNP Q9R381 ? ? 'expression tag' -14 6  
1 1S60 HIS A 7  ? UNP Q9R381 ? ? 'expression tag' -13 7  
1 1S60 HIS A 8  ? UNP Q9R381 ? ? 'expression tag' -12 8  
1 1S60 HIS A 9  ? UNP Q9R381 ? ? 'expression tag' -11 9  
1 1S60 HIS A 10 ? UNP Q9R381 ? ? 'expression tag' -10 10 
1 1S60 SER A 11 ? UNP Q9R381 ? ? 'expression tag' -9  11 
1 1S60 SER A 12 ? UNP Q9R381 ? ? 'expression tag' -8  12 
1 1S60 GLY A 13 ? UNP Q9R381 ? ? 'expression tag' -7  13 
1 1S60 LEU A 14 ? UNP Q9R381 ? ? 'expression tag' -6  14 
1 1S60 VAL A 15 ? UNP Q9R381 ? ? 'expression tag' -5  15 
1 1S60 PRO A 16 ? UNP Q9R381 ? ? 'expression tag' -4  16 
1 1S60 ARG A 17 ? UNP Q9R381 ? ? 'expression tag' -3  17 
1 1S60 GLY A 18 ? UNP Q9R381 ? ? 'expression tag' -2  18 
1 1S60 SER A 19 ? UNP Q9R381 ? ? 'expression tag' -1  19 
1 1S60 HIS A 20 ? UNP Q9R381 ? ? 'expression tag' 0   20 
# 
_pdbx_struct_assembly.id                   1 
_pdbx_struct_assembly.details              author_and_software_defined_assembly 
_pdbx_struct_assembly.method_details       PISA,PQS 
_pdbx_struct_assembly.oligomeric_details   dimeric 
_pdbx_struct_assembly.oligomeric_count     2 
# 
loop_
_pdbx_struct_assembly_prop.biol_id 
_pdbx_struct_assembly_prop.type 
_pdbx_struct_assembly_prop.value 
_pdbx_struct_assembly_prop.details 
1 'ABSA (A^2)' 6890  ? 
1 MORE         -53   ? 
1 'SSA (A^2)'  15720 ? 
# 
_pdbx_struct_assembly_gen.assembly_id       1 
_pdbx_struct_assembly_gen.oper_expression   1,2 
_pdbx_struct_assembly_gen.asym_id_list      A,B,C 
# 
loop_
_pdbx_struct_oper_list.id 
_pdbx_struct_oper_list.type 
_pdbx_struct_oper_list.name 
_pdbx_struct_oper_list.symmetry_operation 
_pdbx_struct_oper_list.matrix[1][1] 
_pdbx_struct_oper_list.matrix[1][2] 
_pdbx_struct_oper_list.matrix[1][3] 
_pdbx_struct_oper_list.vector[1] 
_pdbx_struct_oper_list.matrix[2][1] 
_pdbx_struct_oper_list.matrix[2][2] 
_pdbx_struct_oper_list.matrix[2][3] 
_pdbx_struct_oper_list.vector[2] 
_pdbx_struct_oper_list.matrix[3][1] 
_pdbx_struct_oper_list.matrix[3][2] 
_pdbx_struct_oper_list.matrix[3][3] 
_pdbx_struct_oper_list.vector[3] 
1 'identity operation'         1_555 x,y,z             1.0000000000 0.0000000000  0.0000000000  0.0000000000  0.0000000000  1.0000000000  0.0000000000 0.0000000000 0.0000000000  0.0000000000 1.0000000000  0.0000000000  
2 'crystal symmetry operation' 5_676 x-y+1,-y+2,-z+4/3 0.2226821995 -0.7721362581 -0.5951623618 16.9840933424 -0.7721362581 -0.5123880912 0.3758510913 7.5232240601 -0.5951623618 0.3758510913 -0.7102941082 25.1312843155 
# 
_struct_biol.id                    1 
_struct_biol.details               
;The biological assembly is a dimer generated from the monomer in the assymetric unit by the operations  
1 0 0 
0 -1 0 
0 0 -1 
0 146.5 89.0
;
_struct_biol.pdbx_parent_biol_id   ? 
# 
loop_
_struct_conf.conf_type_id 
_struct_conf.id 
_struct_conf.pdbx_PDB_helix_id 
_struct_conf.beg_label_comp_id 
_struct_conf.beg_label_asym_id 
_struct_conf.beg_label_seq_id 
_struct_conf.pdbx_beg_PDB_ins_code 
_struct_conf.end_label_comp_id 
_struct_conf.end_label_asym_id 
_struct_conf.end_label_seq_id 
_struct_conf.pdbx_end_PDB_ins_code 
_struct_conf.beg_auth_comp_id 
_struct_conf.beg_auth_asym_id 
_struct_conf.beg_auth_seq_id 
_struct_conf.end_auth_comp_id 
_struct_conf.end_auth_asym_id 
_struct_conf.end_auth_seq_id 
_struct_conf.pdbx_PDB_helix_class 
_struct_conf.details 
_struct_conf.pdbx_PDB_helix_length 
HELX_P HELX_P1 1 ASN A 27  ? THR A 29  ? ASN A 7   THR A 9   5 ? 3  
HELX_P HELX_P2 2 HIS A 30  ? LYS A 39  ? HIS A 10  LYS A 19  1 ? 10 
HELX_P HELX_P3 3 PRO A 46  ? ALA A 60  ? PRO A 26  ALA A 40  1 ? 15 
HELX_P HELX_P4 4 PRO A 105 ? ARG A 108 ? PRO A 85  ARG A 88  5 ? 4  
HELX_P HELX_P5 5 GLY A 111 ? ASN A 126 ? GLY A 91  ASN A 106 1 ? 16 
HELX_P HELX_P6 6 ASN A 140 ? LEU A 150 ? ASN A 120 LEU A 130 1 ? 11 
# 
_struct_conf_type.id          HELX_P 
_struct_conf_type.criteria    ? 
_struct_conf_type.reference   ? 
# 
_struct_mon_prot_cis.pdbx_id                1 
_struct_mon_prot_cis.label_comp_id          SER 
_struct_mon_prot_cis.label_seq_id           93 
_struct_mon_prot_cis.label_asym_id          A 
_struct_mon_prot_cis.label_alt_id           . 
_struct_mon_prot_cis.pdbx_PDB_ins_code      ? 
_struct_mon_prot_cis.auth_comp_id           SER 
_struct_mon_prot_cis.auth_seq_id            73 
_struct_mon_prot_cis.auth_asym_id           A 
_struct_mon_prot_cis.pdbx_label_comp_id_2   PRO 
_struct_mon_prot_cis.pdbx_label_seq_id_2    94 
_struct_mon_prot_cis.pdbx_label_asym_id_2   A 
_struct_mon_prot_cis.pdbx_PDB_ins_code_2    ? 
_struct_mon_prot_cis.pdbx_auth_comp_id_2    PRO 
_struct_mon_prot_cis.pdbx_auth_seq_id_2     74 
_struct_mon_prot_cis.pdbx_auth_asym_id_2    A 
_struct_mon_prot_cis.pdbx_PDB_model_num     1 
_struct_mon_prot_cis.pdbx_omega_angle       -1.18 
# 
_struct_sheet.id               A 
_struct_sheet.type             ? 
_struct_sheet.number_strands   5 
_struct_sheet.details          ? 
# 
loop_
_struct_sheet_order.sheet_id 
_struct_sheet_order.range_id_1 
_struct_sheet_order.range_id_2 
_struct_sheet_order.offset 
_struct_sheet_order.sense 
A 1 2 ? anti-parallel 
A 2 3 ? anti-parallel 
A 3 4 ? anti-parallel 
A 4 5 ? parallel      
# 
loop_
_struct_sheet_range.sheet_id 
_struct_sheet_range.id 
_struct_sheet_range.beg_label_comp_id 
_struct_sheet_range.beg_label_asym_id 
_struct_sheet_range.beg_label_seq_id 
_struct_sheet_range.pdbx_beg_PDB_ins_code 
_struct_sheet_range.end_label_comp_id 
_struct_sheet_range.end_label_asym_id 
_struct_sheet_range.end_label_seq_id 
_struct_sheet_range.pdbx_end_PDB_ins_code 
_struct_sheet_range.beg_auth_comp_id 
_struct_sheet_range.beg_auth_asym_id 
_struct_sheet_range.beg_auth_seq_id 
_struct_sheet_range.end_auth_comp_id 
_struct_sheet_range.end_auth_asym_id 
_struct_sheet_range.end_auth_seq_id 
A 1 MET A 21  ? GLN A 25  ? MET A 1   GLN A 5   
A 2 LEU A 63  ? ALA A 70  ? LEU A 43  ALA A 50  
A 3 VAL A 73  ? ARG A 83  ? VAL A 53  ARG A 63  
A 4 VAL A 95  ? VAL A 103 ? VAL A 75  VAL A 83  
A 5 GLU A 131 ? SER A 134 ? GLU A 111 SER A 114 
# 
loop_
_pdbx_struct_sheet_hbond.sheet_id 
_pdbx_struct_sheet_hbond.range_id_1 
_pdbx_struct_sheet_hbond.range_id_2 
_pdbx_struct_sheet_hbond.range_1_label_atom_id 
_pdbx_struct_sheet_hbond.range_1_label_comp_id 
_pdbx_struct_sheet_hbond.range_1_label_asym_id 
_pdbx_struct_sheet_hbond.range_1_label_seq_id 
_pdbx_struct_sheet_hbond.range_1_PDB_ins_code 
_pdbx_struct_sheet_hbond.range_1_auth_atom_id 
_pdbx_struct_sheet_hbond.range_1_auth_comp_id 
_pdbx_struct_sheet_hbond.range_1_auth_asym_id 
_pdbx_struct_sheet_hbond.range_1_auth_seq_id 
_pdbx_struct_sheet_hbond.range_2_label_atom_id 
_pdbx_struct_sheet_hbond.range_2_label_comp_id 
_pdbx_struct_sheet_hbond.range_2_label_asym_id 
_pdbx_struct_sheet_hbond.range_2_label_seq_id 
_pdbx_struct_sheet_hbond.range_2_PDB_ins_code 
_pdbx_struct_sheet_hbond.range_2_auth_atom_id 
_pdbx_struct_sheet_hbond.range_2_auth_comp_id 
_pdbx_struct_sheet_hbond.range_2_auth_asym_id 
_pdbx_struct_sheet_hbond.range_2_auth_seq_id 
A 1 2 N ASP A 22 ? N ASP A 2  O MET A 69  ? O MET A 49  
A 2 3 N ALA A 70 ? N ALA A 50 O VAL A 73  ? O VAL A 53  
A 3 4 N ASP A 79 ? N ASP A 59 O GLY A 100 ? O GLY A 80  
A 4 5 N VAL A 96 ? N VAL A 76 O GLU A 131 ? O GLU A 111 
# 
loop_
_struct_site.id 
_struct_site.pdbx_evidence_code 
_struct_site.pdbx_auth_asym_id 
_struct_site.pdbx_auth_comp_id 
_struct_site.pdbx_auth_seq_id 
_struct_site.pdbx_auth_ins_code 
_struct_site.pdbx_num_residues 
_struct_site.details 
AC1 Software A SO4 800 ? 4  'BINDING SITE FOR RESIDUE SO4 A 800' 
AC2 Software A COA 600 ? 19 'BINDING SITE FOR RESIDUE COA A 600' 
# 
loop_
_struct_site_gen.id 
_struct_site_gen.site_id 
_struct_site_gen.pdbx_num_res 
_struct_site_gen.label_comp_id 
_struct_site_gen.label_asym_id 
_struct_site_gen.label_seq_id 
_struct_site_gen.pdbx_auth_ins_code 
_struct_site_gen.auth_comp_id 
_struct_site_gen.auth_asym_id 
_struct_site_gen.auth_seq_id 
_struct_site_gen.label_atom_id 
_struct_site_gen.label_alt_id 
_struct_site_gen.symmetry 
_struct_site_gen.details 
1  AC1 4  THR A 136 ? THR A 116 . ? 1_555 ? 
2  AC1 4  SER A 137 ? SER A 117 . ? 1_555 ? 
3  AC1 4  ASN A 140 ? ASN A 120 . ? 1_555 ? 
4  AC1 4  COA C .   ? COA A 600 . ? 1_555 ? 
5  AC2 19 GLY A 100 ? GLY A 80  . ? 1_555 ? 
6  AC2 19 ILE A 101 ? ILE A 81  . ? 1_555 ? 
7  AC2 19 PHE A 102 ? PHE A 82  . ? 1_555 ? 
8  AC2 19 VAL A 103 ? VAL A 83  . ? 1_555 ? 
9  AC2 19 ARG A 108 ? ARG A 88  . ? 1_555 ? 
10 AC2 19 GLN A 109 ? GLN A 89  . ? 1_555 ? 
11 AC2 19 ARG A 110 ? ARG A 90  . ? 1_555 ? 
12 AC2 19 GLY A 111 ? GLY A 91  . ? 1_555 ? 
13 AC2 19 VAL A 112 ? VAL A 92  . ? 1_555 ? 
14 AC2 19 ALA A 113 ? ALA A 93  . ? 1_555 ? 
15 AC2 19 LYS A 114 ? LYS A 94  . ? 1_555 ? 
16 AC2 19 ASN A 140 ? ASN A 120 . ? 1_555 ? 
17 AC2 19 ILE A 142 ? ILE A 122 . ? 1_555 ? 
18 AC2 19 SER A 143 ? SER A 123 . ? 1_555 ? 
19 AC2 19 LYS A 145 ? LYS A 125 . ? 1_555 ? 
20 AC2 19 VAL A 146 ? VAL A 126 . ? 1_555 ? 
21 AC2 19 ALA A 149 ? ALA A 129 . ? 1_555 ? 
22 AC2 19 LEU A 150 ? LEU A 130 . ? 1_555 ? 
23 AC2 19 SO4 B .   ? SO4 A 800 . ? 1_555 ? 
# 
loop_
_pdbx_validate_rmsd_angle.id 
_pdbx_validate_rmsd_angle.PDB_model_num 
_pdbx_validate_rmsd_angle.auth_atom_id_1 
_pdbx_validate_rmsd_angle.auth_asym_id_1 
_pdbx_validate_rmsd_angle.auth_comp_id_1 
_pdbx_validate_rmsd_angle.auth_seq_id_1 
_pdbx_validate_rmsd_angle.PDB_ins_code_1 
_pdbx_validate_rmsd_angle.label_alt_id_1 
_pdbx_validate_rmsd_angle.auth_atom_id_2 
_pdbx_validate_rmsd_angle.auth_asym_id_2 
_pdbx_validate_rmsd_angle.auth_comp_id_2 
_pdbx_validate_rmsd_angle.auth_seq_id_2 
_pdbx_validate_rmsd_angle.PDB_ins_code_2 
_pdbx_validate_rmsd_angle.label_alt_id_2 
_pdbx_validate_rmsd_angle.auth_atom_id_3 
_pdbx_validate_rmsd_angle.auth_asym_id_3 
_pdbx_validate_rmsd_angle.auth_comp_id_3 
_pdbx_validate_rmsd_angle.auth_seq_id_3 
_pdbx_validate_rmsd_angle.PDB_ins_code_3 
_pdbx_validate_rmsd_angle.label_alt_id_3 
_pdbx_validate_rmsd_angle.angle_value 
_pdbx_validate_rmsd_angle.angle_target_value 
_pdbx_validate_rmsd_angle.angle_deviation 
_pdbx_validate_rmsd_angle.angle_standard_deviation 
_pdbx_validate_rmsd_angle.linker_flag 
1 1 C  A HIS 25 ? ? N  A PRO 26 ? ? CA  A PRO 26 ? ? 129.14 119.30 9.84  1.50 Y 
2 1 NE A ARG 88 ? ? CZ A ARG 88 ? ? NH1 A ARG 88 ? ? 116.45 120.30 -3.85 0.50 N 
# 
loop_
_pdbx_validate_torsion.id 
_pdbx_validate_torsion.PDB_model_num 
_pdbx_validate_torsion.auth_comp_id 
_pdbx_validate_torsion.auth_asym_id 
_pdbx_validate_torsion.auth_seq_id 
_pdbx_validate_torsion.PDB_ins_code 
_pdbx_validate_torsion.label_alt_id 
_pdbx_validate_torsion.phi 
_pdbx_validate_torsion.psi 
1 1 ARG A -3  ? ? -109.64 -164.32 
2 1 HIS A 0   ? ? 1.17    146.38  
3 1 ASP A 51  ? ? 38.72   57.13   
4 1 ASN A 68  ? ? -31.80  119.66  
5 1 SER A 86  ? ? -62.20  23.49   
6 1 PHE A 87  ? ? -150.77 11.17   
7 1 GLN A 89  ? ? 62.82   65.59   
8 1 ARG A 90  ? ? -161.15 7.05    
9 1 ASN A 106 ? ? -56.36  0.82    
# 
loop_
_pdbx_validate_chiral.id 
_pdbx_validate_chiral.PDB_model_num 
_pdbx_validate_chiral.auth_atom_id 
_pdbx_validate_chiral.label_alt_id 
_pdbx_validate_chiral.auth_asym_id 
_pdbx_validate_chiral.auth_comp_id 
_pdbx_validate_chiral.auth_seq_id 
_pdbx_validate_chiral.PDB_ins_code 
_pdbx_validate_chiral.details 
_pdbx_validate_chiral.omega 
1 1 C3B ? A COA 600 ? 'WRONG HAND' . 
2 1 CAP ? A COA 600 ? 'WRONG HAND' . 
# 
loop_
_pdbx_unobs_or_zero_occ_residues.id 
_pdbx_unobs_or_zero_occ_residues.PDB_model_num 
_pdbx_unobs_or_zero_occ_residues.polymer_flag 
_pdbx_unobs_or_zero_occ_residues.occupancy_flag 
_pdbx_unobs_or_zero_occ_residues.auth_asym_id 
_pdbx_unobs_or_zero_occ_residues.auth_comp_id 
_pdbx_unobs_or_zero_occ_residues.auth_seq_id 
_pdbx_unobs_or_zero_occ_residues.PDB_ins_code 
_pdbx_unobs_or_zero_occ_residues.label_asym_id 
_pdbx_unobs_or_zero_occ_residues.label_comp_id 
_pdbx_unobs_or_zero_occ_residues.label_seq_id 
1  1 Y 1 A MET -19 ? A MET 1  
2  1 Y 1 A GLY -18 ? A GLY 2  
3  1 Y 1 A SER -17 ? A SER 3  
4  1 Y 1 A SER -16 ? A SER 4  
5  1 Y 1 A HIS -15 ? A HIS 5  
6  1 Y 1 A HIS -14 ? A HIS 6  
7  1 Y 1 A HIS -13 ? A HIS 7  
8  1 Y 1 A HIS -12 ? A HIS 8  
9  1 Y 1 A HIS -11 ? A HIS 9  
10 1 Y 1 A HIS -10 ? A HIS 10 
11 1 Y 1 A SER -9  ? A SER 11 
12 1 Y 1 A SER -8  ? A SER 12 
13 1 Y 1 A GLY -7  ? A GLY 13 
# 
loop_
_chem_comp_atom.comp_id 
_chem_comp_atom.atom_id 
_chem_comp_atom.type_symbol 
_chem_comp_atom.pdbx_aromatic_flag 
_chem_comp_atom.pdbx_stereo_config 
_chem_comp_atom.pdbx_ordinal 
ALA N    N N N 1   
ALA CA   C N S 2   
ALA C    C N N 3   
ALA O    O N N 4   
ALA CB   C N N 5   
ALA OXT  O N N 6   
ALA H    H N N 7   
ALA H2   H N N 8   
ALA HA   H N N 9   
ALA HB1  H N N 10  
ALA HB2  H N N 11  
ALA HB3  H N N 12  
ALA HXT  H N N 13  
ARG N    N N N 14  
ARG CA   C N S 15  
ARG C    C N N 16  
ARG O    O N N 17  
ARG CB   C N N 18  
ARG CG   C N N 19  
ARG CD   C N N 20  
ARG NE   N N N 21  
ARG CZ   C N N 22  
ARG NH1  N N N 23  
ARG NH2  N N N 24  
ARG OXT  O N N 25  
ARG H    H N N 26  
ARG H2   H N N 27  
ARG HA   H N N 28  
ARG HB2  H N N 29  
ARG HB3  H N N 30  
ARG HG2  H N N 31  
ARG HG3  H N N 32  
ARG HD2  H N N 33  
ARG HD3  H N N 34  
ARG HE   H N N 35  
ARG HH11 H N N 36  
ARG HH12 H N N 37  
ARG HH21 H N N 38  
ARG HH22 H N N 39  
ARG HXT  H N N 40  
ASN N    N N N 41  
ASN CA   C N S 42  
ASN C    C N N 43  
ASN O    O N N 44  
ASN CB   C N N 45  
ASN CG   C N N 46  
ASN OD1  O N N 47  
ASN ND2  N N N 48  
ASN OXT  O N N 49  
ASN H    H N N 50  
ASN H2   H N N 51  
ASN HA   H N N 52  
ASN HB2  H N N 53  
ASN HB3  H N N 54  
ASN HD21 H N N 55  
ASN HD22 H N N 56  
ASN HXT  H N N 57  
ASP N    N N N 58  
ASP CA   C N S 59  
ASP C    C N N 60  
ASP O    O N N 61  
ASP CB   C N N 62  
ASP CG   C N N 63  
ASP OD1  O N N 64  
ASP OD2  O N N 65  
ASP OXT  O N N 66  
ASP H    H N N 67  
ASP H2   H N N 68  
ASP HA   H N N 69  
ASP HB2  H N N 70  
ASP HB3  H N N 71  
ASP HD2  H N N 72  
ASP HXT  H N N 73  
COA N1A  N Y N 74  
COA C2A  C Y N 75  
COA N3A  N Y N 76  
COA C4A  C Y N 77  
COA C5A  C Y N 78  
COA C6A  C Y N 79  
COA N6A  N N N 80  
COA N7A  N Y N 81  
COA C8A  C Y N 82  
COA N9A  N Y N 83  
COA C1B  C N R 84  
COA C2B  C N R 85  
COA O2B  O N N 86  
COA C3B  C N S 87  
COA O3B  O N N 88  
COA P3B  P N N 89  
COA O7A  O N N 90  
COA O8A  O N N 91  
COA O9A  O N N 92  
COA C4B  C N R 93  
COA O4B  O N N 94  
COA C5B  C N N 95  
COA O5B  O N N 96  
COA P1A  P N S 97  
COA O1A  O N N 98  
COA O2A  O N N 99  
COA O3A  O N N 100 
COA P2A  P N S 101 
COA O4A  O N N 102 
COA O5A  O N N 103 
COA O6A  O N N 104 
COA CBP  C N N 105 
COA CCP  C N N 106 
COA CDP  C N N 107 
COA CEP  C N N 108 
COA CAP  C N R 109 
COA OAP  O N N 110 
COA C9P  C N N 111 
COA O9P  O N N 112 
COA N8P  N N N 113 
COA C7P  C N N 114 
COA C6P  C N N 115 
COA C5P  C N N 116 
COA O5P  O N N 117 
COA N4P  N N N 118 
COA C3P  C N N 119 
COA C2P  C N N 120 
COA S1P  S N N 121 
COA H2A  H N N 122 
COA H61A H N N 123 
COA H62A H N N 124 
COA H8A  H N N 125 
COA H1B  H N N 126 
COA H2B  H N N 127 
COA HO2A H N N 128 
COA H3B  H N N 129 
COA HOA8 H N N 130 
COA HOA9 H N N 131 
COA H4B  H N N 132 
COA H51A H N N 133 
COA H52A H N N 134 
COA HOA2 H N N 135 
COA HOA5 H N N 136 
COA H121 H N N 137 
COA H122 H N N 138 
COA H131 H N N 139 
COA H132 H N N 140 
COA H133 H N N 141 
COA H141 H N N 142 
COA H142 H N N 143 
COA H143 H N N 144 
COA H10  H N N 145 
COA HO1  H N N 146 
COA HN8  H N N 147 
COA H71  H N N 148 
COA H72  H N N 149 
COA H61  H N N 150 
COA H62  H N N 151 
COA HN4  H N N 152 
COA H31  H N N 153 
COA H32  H N N 154 
COA H21  H N N 155 
COA H22  H N N 156 
COA HS1  H N N 157 
CYS N    N N N 158 
CYS CA   C N R 159 
CYS C    C N N 160 
CYS O    O N N 161 
CYS CB   C N N 162 
CYS SG   S N N 163 
CYS OXT  O N N 164 
CYS H    H N N 165 
CYS H2   H N N 166 
CYS HA   H N N 167 
CYS HB2  H N N 168 
CYS HB3  H N N 169 
CYS HG   H N N 170 
CYS HXT  H N N 171 
GLN N    N N N 172 
GLN CA   C N S 173 
GLN C    C N N 174 
GLN O    O N N 175 
GLN CB   C N N 176 
GLN CG   C N N 177 
GLN CD   C N N 178 
GLN OE1  O N N 179 
GLN NE2  N N N 180 
GLN OXT  O N N 181 
GLN H    H N N 182 
GLN H2   H N N 183 
GLN HA   H N N 184 
GLN HB2  H N N 185 
GLN HB3  H N N 186 
GLN HG2  H N N 187 
GLN HG3  H N N 188 
GLN HE21 H N N 189 
GLN HE22 H N N 190 
GLN HXT  H N N 191 
GLU N    N N N 192 
GLU CA   C N S 193 
GLU C    C N N 194 
GLU O    O N N 195 
GLU CB   C N N 196 
GLU CG   C N N 197 
GLU CD   C N N 198 
GLU OE1  O N N 199 
GLU OE2  O N N 200 
GLU OXT  O N N 201 
GLU H    H N N 202 
GLU H2   H N N 203 
GLU HA   H N N 204 
GLU HB2  H N N 205 
GLU HB3  H N N 206 
GLU HG2  H N N 207 
GLU HG3  H N N 208 
GLU HE2  H N N 209 
GLU HXT  H N N 210 
GLY N    N N N 211 
GLY CA   C N N 212 
GLY C    C N N 213 
GLY O    O N N 214 
GLY OXT  O N N 215 
GLY H    H N N 216 
GLY H2   H N N 217 
GLY HA2  H N N 218 
GLY HA3  H N N 219 
GLY HXT  H N N 220 
HIS N    N N N 221 
HIS CA   C N S 222 
HIS C    C N N 223 
HIS O    O N N 224 
HIS CB   C N N 225 
HIS CG   C Y N 226 
HIS ND1  N Y N 227 
HIS CD2  C Y N 228 
HIS CE1  C Y N 229 
HIS NE2  N Y N 230 
HIS OXT  O N N 231 
HIS H    H N N 232 
HIS H2   H N N 233 
HIS HA   H N N 234 
HIS HB2  H N N 235 
HIS HB3  H N N 236 
HIS HD1  H N N 237 
HIS HD2  H N N 238 
HIS HE1  H N N 239 
HIS HE2  H N N 240 
HIS HXT  H N N 241 
ILE N    N N N 242 
ILE CA   C N S 243 
ILE C    C N N 244 
ILE O    O N N 245 
ILE CB   C N S 246 
ILE CG1  C N N 247 
ILE CG2  C N N 248 
ILE CD1  C N N 249 
ILE OXT  O N N 250 
ILE H    H N N 251 
ILE H2   H N N 252 
ILE HA   H N N 253 
ILE HB   H N N 254 
ILE HG12 H N N 255 
ILE HG13 H N N 256 
ILE HG21 H N N 257 
ILE HG22 H N N 258 
ILE HG23 H N N 259 
ILE HD11 H N N 260 
ILE HD12 H N N 261 
ILE HD13 H N N 262 
ILE HXT  H N N 263 
LEU N    N N N 264 
LEU CA   C N S 265 
LEU C    C N N 266 
LEU O    O N N 267 
LEU CB   C N N 268 
LEU CG   C N N 269 
LEU CD1  C N N 270 
LEU CD2  C N N 271 
LEU OXT  O N N 272 
LEU H    H N N 273 
LEU H2   H N N 274 
LEU HA   H N N 275 
LEU HB2  H N N 276 
LEU HB3  H N N 277 
LEU HG   H N N 278 
LEU HD11 H N N 279 
LEU HD12 H N N 280 
LEU HD13 H N N 281 
LEU HD21 H N N 282 
LEU HD22 H N N 283 
LEU HD23 H N N 284 
LEU HXT  H N N 285 
LYS N    N N N 286 
LYS CA   C N S 287 
LYS C    C N N 288 
LYS O    O N N 289 
LYS CB   C N N 290 
LYS CG   C N N 291 
LYS CD   C N N 292 
LYS CE   C N N 293 
LYS NZ   N N N 294 
LYS OXT  O N N 295 
LYS H    H N N 296 
LYS H2   H N N 297 
LYS HA   H N N 298 
LYS HB2  H N N 299 
LYS HB3  H N N 300 
LYS HG2  H N N 301 
LYS HG3  H N N 302 
LYS HD2  H N N 303 
LYS HD3  H N N 304 
LYS HE2  H N N 305 
LYS HE3  H N N 306 
LYS HZ1  H N N 307 
LYS HZ2  H N N 308 
LYS HZ3  H N N 309 
LYS HXT  H N N 310 
MET N    N N N 311 
MET CA   C N S 312 
MET C    C N N 313 
MET O    O N N 314 
MET CB   C N N 315 
MET CG   C N N 316 
MET SD   S N N 317 
MET CE   C N N 318 
MET OXT  O N N 319 
MET H    H N N 320 
MET H2   H N N 321 
MET HA   H N N 322 
MET HB2  H N N 323 
MET HB3  H N N 324 
MET HG2  H N N 325 
MET HG3  H N N 326 
MET HE1  H N N 327 
MET HE2  H N N 328 
MET HE3  H N N 329 
MET HXT  H N N 330 
PHE N    N N N 331 
PHE CA   C N S 332 
PHE C    C N N 333 
PHE O    O N N 334 
PHE CB   C N N 335 
PHE CG   C Y N 336 
PHE CD1  C Y N 337 
PHE CD2  C Y N 338 
PHE CE1  C Y N 339 
PHE CE2  C Y N 340 
PHE CZ   C Y N 341 
PHE OXT  O N N 342 
PHE H    H N N 343 
PHE H2   H N N 344 
PHE HA   H N N 345 
PHE HB2  H N N 346 
PHE HB3  H N N 347 
PHE HD1  H N N 348 
PHE HD2  H N N 349 
PHE HE1  H N N 350 
PHE HE2  H N N 351 
PHE HZ   H N N 352 
PHE HXT  H N N 353 
PRO N    N N N 354 
PRO CA   C N S 355 
PRO C    C N N 356 
PRO O    O N N 357 
PRO CB   C N N 358 
PRO CG   C N N 359 
PRO CD   C N N 360 
PRO OXT  O N N 361 
PRO H    H N N 362 
PRO HA   H N N 363 
PRO HB2  H N N 364 
PRO HB3  H N N 365 
PRO HG2  H N N 366 
PRO HG3  H N N 367 
PRO HD2  H N N 368 
PRO HD3  H N N 369 
PRO HXT  H N N 370 
SER N    N N N 371 
SER CA   C N S 372 
SER C    C N N 373 
SER O    O N N 374 
SER CB   C N N 375 
SER OG   O N N 376 
SER OXT  O N N 377 
SER H    H N N 378 
SER H2   H N N 379 
SER HA   H N N 380 
SER HB2  H N N 381 
SER HB3  H N N 382 
SER HG   H N N 383 
SER HXT  H N N 384 
SO4 S    S N N 385 
SO4 O1   O N N 386 
SO4 O2   O N N 387 
SO4 O3   O N N 388 
SO4 O4   O N N 389 
THR N    N N N 390 
THR CA   C N S 391 
THR C    C N N 392 
THR O    O N N 393 
THR CB   C N R 394 
THR OG1  O N N 395 
THR CG2  C N N 396 
THR OXT  O N N 397 
THR H    H N N 398 
THR H2   H N N 399 
THR HA   H N N 400 
THR HB   H N N 401 
THR HG1  H N N 402 
THR HG21 H N N 403 
THR HG22 H N N 404 
THR HG23 H N N 405 
THR HXT  H N N 406 
TRP N    N N N 407 
TRP CA   C N S 408 
TRP C    C N N 409 
TRP O    O N N 410 
TRP CB   C N N 411 
TRP CG   C Y N 412 
TRP CD1  C Y N 413 
TRP CD2  C Y N 414 
TRP NE1  N Y N 415 
TRP CE2  C Y N 416 
TRP CE3  C Y N 417 
TRP CZ2  C Y N 418 
TRP CZ3  C Y N 419 
TRP CH2  C Y N 420 
TRP OXT  O N N 421 
TRP H    H N N 422 
TRP H2   H N N 423 
TRP HA   H N N 424 
TRP HB2  H N N 425 
TRP HB3  H N N 426 
TRP HD1  H N N 427 
TRP HE1  H N N 428 
TRP HE3  H N N 429 
TRP HZ2  H N N 430 
TRP HZ3  H N N 431 
TRP HH2  H N N 432 
TRP HXT  H N N 433 
TYR N    N N N 434 
TYR CA   C N S 435 
TYR C    C N N 436 
TYR O    O N N 437 
TYR CB   C N N 438 
TYR CG   C Y N 439 
TYR CD1  C Y N 440 
TYR CD2  C Y N 441 
TYR CE1  C Y N 442 
TYR CE2  C Y N 443 
TYR CZ   C Y N 444 
TYR OH   O N N 445 
TYR OXT  O N N 446 
TYR H    H N N 447 
TYR H2   H N N 448 
TYR HA   H N N 449 
TYR HB2  H N N 450 
TYR HB3  H N N 451 
TYR HD1  H N N 452 
TYR HD2  H N N 453 
TYR HE1  H N N 454 
TYR HE2  H N N 455 
TYR HH   H N N 456 
TYR HXT  H N N 457 
VAL N    N N N 458 
VAL CA   C N S 459 
VAL C    C N N 460 
VAL O    O N N 461 
VAL CB   C N N 462 
VAL CG1  C N N 463 
VAL CG2  C N N 464 
VAL OXT  O N N 465 
VAL H    H N N 466 
VAL H2   H N N 467 
VAL HA   H N N 468 
VAL HB   H N N 469 
VAL HG11 H N N 470 
VAL HG12 H N N 471 
VAL HG13 H N N 472 
VAL HG21 H N N 473 
VAL HG22 H N N 474 
VAL HG23 H N N 475 
VAL HXT  H N N 476 
# 
loop_
_chem_comp_bond.comp_id 
_chem_comp_bond.atom_id_1 
_chem_comp_bond.atom_id_2 
_chem_comp_bond.value_order 
_chem_comp_bond.pdbx_aromatic_flag 
_chem_comp_bond.pdbx_stereo_config 
_chem_comp_bond.pdbx_ordinal 
ALA N   CA   sing N N 1   
ALA N   H    sing N N 2   
ALA N   H2   sing N N 3   
ALA CA  C    sing N N 4   
ALA CA  CB   sing N N 5   
ALA CA  HA   sing N N 6   
ALA C   O    doub N N 7   
ALA C   OXT  sing N N 8   
ALA CB  HB1  sing N N 9   
ALA CB  HB2  sing N N 10  
ALA CB  HB3  sing N N 11  
ALA OXT HXT  sing N N 12  
ARG N   CA   sing N N 13  
ARG N   H    sing N N 14  
ARG N   H2   sing N N 15  
ARG CA  C    sing N N 16  
ARG CA  CB   sing N N 17  
ARG CA  HA   sing N N 18  
ARG C   O    doub N N 19  
ARG C   OXT  sing N N 20  
ARG CB  CG   sing N N 21  
ARG CB  HB2  sing N N 22  
ARG CB  HB3  sing N N 23  
ARG CG  CD   sing N N 24  
ARG CG  HG2  sing N N 25  
ARG CG  HG3  sing N N 26  
ARG CD  NE   sing N N 27  
ARG CD  HD2  sing N N 28  
ARG CD  HD3  sing N N 29  
ARG NE  CZ   sing N N 30  
ARG NE  HE   sing N N 31  
ARG CZ  NH1  sing N N 32  
ARG CZ  NH2  doub N N 33  
ARG NH1 HH11 sing N N 34  
ARG NH1 HH12 sing N N 35  
ARG NH2 HH21 sing N N 36  
ARG NH2 HH22 sing N N 37  
ARG OXT HXT  sing N N 38  
ASN N   CA   sing N N 39  
ASN N   H    sing N N 40  
ASN N   H2   sing N N 41  
ASN CA  C    sing N N 42  
ASN CA  CB   sing N N 43  
ASN CA  HA   sing N N 44  
ASN C   O    doub N N 45  
ASN C   OXT  sing N N 46  
ASN CB  CG   sing N N 47  
ASN CB  HB2  sing N N 48  
ASN CB  HB3  sing N N 49  
ASN CG  OD1  doub N N 50  
ASN CG  ND2  sing N N 51  
ASN ND2 HD21 sing N N 52  
ASN ND2 HD22 sing N N 53  
ASN OXT HXT  sing N N 54  
ASP N   CA   sing N N 55  
ASP N   H    sing N N 56  
ASP N   H2   sing N N 57  
ASP CA  C    sing N N 58  
ASP CA  CB   sing N N 59  
ASP CA  HA   sing N N 60  
ASP C   O    doub N N 61  
ASP C   OXT  sing N N 62  
ASP CB  CG   sing N N 63  
ASP CB  HB2  sing N N 64  
ASP CB  HB3  sing N N 65  
ASP CG  OD1  doub N N 66  
ASP CG  OD2  sing N N 67  
ASP OD2 HD2  sing N N 68  
ASP OXT HXT  sing N N 69  
COA N1A C2A  sing Y N 70  
COA N1A C6A  doub Y N 71  
COA C2A N3A  doub Y N 72  
COA C2A H2A  sing N N 73  
COA N3A C4A  sing Y N 74  
COA C4A C5A  doub Y N 75  
COA C4A N9A  sing Y N 76  
COA C5A C6A  sing Y N 77  
COA C5A N7A  sing Y N 78  
COA C6A N6A  sing N N 79  
COA N6A H61A sing N N 80  
COA N6A H62A sing N N 81  
COA N7A C8A  doub Y N 82  
COA C8A N9A  sing Y N 83  
COA C8A H8A  sing N N 84  
COA N9A C1B  sing N N 85  
COA C1B C2B  sing N N 86  
COA C1B O4B  sing N N 87  
COA C1B H1B  sing N N 88  
COA C2B O2B  sing N N 89  
COA C2B C3B  sing N N 90  
COA C2B H2B  sing N N 91  
COA O2B HO2A sing N N 92  
COA C3B O3B  sing N N 93  
COA C3B C4B  sing N N 94  
COA C3B H3B  sing N N 95  
COA O3B P3B  sing N N 96  
COA P3B O7A  doub N N 97  
COA P3B O8A  sing N N 98  
COA P3B O9A  sing N N 99  
COA O8A HOA8 sing N N 100 
COA O9A HOA9 sing N N 101 
COA C4B O4B  sing N N 102 
COA C4B C5B  sing N N 103 
COA C4B H4B  sing N N 104 
COA C5B O5B  sing N N 105 
COA C5B H51A sing N N 106 
COA C5B H52A sing N N 107 
COA O5B P1A  sing N N 108 
COA P1A O1A  doub N N 109 
COA P1A O2A  sing N N 110 
COA P1A O3A  sing N N 111 
COA O2A HOA2 sing N N 112 
COA O3A P2A  sing N N 113 
COA P2A O4A  doub N N 114 
COA P2A O5A  sing N N 115 
COA P2A O6A  sing N N 116 
COA O5A HOA5 sing N N 117 
COA O6A CCP  sing N N 118 
COA CBP CCP  sing N N 119 
COA CBP CDP  sing N N 120 
COA CBP CEP  sing N N 121 
COA CBP CAP  sing N N 122 
COA CCP H121 sing N N 123 
COA CCP H122 sing N N 124 
COA CDP H131 sing N N 125 
COA CDP H132 sing N N 126 
COA CDP H133 sing N N 127 
COA CEP H141 sing N N 128 
COA CEP H142 sing N N 129 
COA CEP H143 sing N N 130 
COA CAP OAP  sing N N 131 
COA CAP C9P  sing N N 132 
COA CAP H10  sing N N 133 
COA OAP HO1  sing N N 134 
COA C9P O9P  doub N N 135 
COA C9P N8P  sing N N 136 
COA N8P C7P  sing N N 137 
COA N8P HN8  sing N N 138 
COA C7P C6P  sing N N 139 
COA C7P H71  sing N N 140 
COA C7P H72  sing N N 141 
COA C6P C5P  sing N N 142 
COA C6P H61  sing N N 143 
COA C6P H62  sing N N 144 
COA C5P O5P  doub N N 145 
COA C5P N4P  sing N N 146 
COA N4P C3P  sing N N 147 
COA N4P HN4  sing N N 148 
COA C3P C2P  sing N N 149 
COA C3P H31  sing N N 150 
COA C3P H32  sing N N 151 
COA C2P S1P  sing N N 152 
COA C2P H21  sing N N 153 
COA C2P H22  sing N N 154 
COA S1P HS1  sing N N 155 
CYS N   CA   sing N N 156 
CYS N   H    sing N N 157 
CYS N   H2   sing N N 158 
CYS CA  C    sing N N 159 
CYS CA  CB   sing N N 160 
CYS CA  HA   sing N N 161 
CYS C   O    doub N N 162 
CYS C   OXT  sing N N 163 
CYS CB  SG   sing N N 164 
CYS CB  HB2  sing N N 165 
CYS CB  HB3  sing N N 166 
CYS SG  HG   sing N N 167 
CYS OXT HXT  sing N N 168 
GLN N   CA   sing N N 169 
GLN N   H    sing N N 170 
GLN N   H2   sing N N 171 
GLN CA  C    sing N N 172 
GLN CA  CB   sing N N 173 
GLN CA  HA   sing N N 174 
GLN C   O    doub N N 175 
GLN C   OXT  sing N N 176 
GLN CB  CG   sing N N 177 
GLN CB  HB2  sing N N 178 
GLN CB  HB3  sing N N 179 
GLN CG  CD   sing N N 180 
GLN CG  HG2  sing N N 181 
GLN CG  HG3  sing N N 182 
GLN CD  OE1  doub N N 183 
GLN CD  NE2  sing N N 184 
GLN NE2 HE21 sing N N 185 
GLN NE2 HE22 sing N N 186 
GLN OXT HXT  sing N N 187 
GLU N   CA   sing N N 188 
GLU N   H    sing N N 189 
GLU N   H2   sing N N 190 
GLU CA  C    sing N N 191 
GLU CA  CB   sing N N 192 
GLU CA  HA   sing N N 193 
GLU C   O    doub N N 194 
GLU C   OXT  sing N N 195 
GLU CB  CG   sing N N 196 
GLU CB  HB2  sing N N 197 
GLU CB  HB3  sing N N 198 
GLU CG  CD   sing N N 199 
GLU CG  HG2  sing N N 200 
GLU CG  HG3  sing N N 201 
GLU CD  OE1  doub N N 202 
GLU CD  OE2  sing N N 203 
GLU OE2 HE2  sing N N 204 
GLU OXT HXT  sing N N 205 
GLY N   CA   sing N N 206 
GLY N   H    sing N N 207 
GLY N   H2   sing N N 208 
GLY CA  C    sing N N 209 
GLY CA  HA2  sing N N 210 
GLY CA  HA3  sing N N 211 
GLY C   O    doub N N 212 
GLY C   OXT  sing N N 213 
GLY OXT HXT  sing N N 214 
HIS N   CA   sing N N 215 
HIS N   H    sing N N 216 
HIS N   H2   sing N N 217 
HIS CA  C    sing N N 218 
HIS CA  CB   sing N N 219 
HIS CA  HA   sing N N 220 
HIS C   O    doub N N 221 
HIS C   OXT  sing N N 222 
HIS CB  CG   sing N N 223 
HIS CB  HB2  sing N N 224 
HIS CB  HB3  sing N N 225 
HIS CG  ND1  sing Y N 226 
HIS CG  CD2  doub Y N 227 
HIS ND1 CE1  doub Y N 228 
HIS ND1 HD1  sing N N 229 
HIS CD2 NE2  sing Y N 230 
HIS CD2 HD2  sing N N 231 
HIS CE1 NE2  sing Y N 232 
HIS CE1 HE1  sing N N 233 
HIS NE2 HE2  sing N N 234 
HIS OXT HXT  sing N N 235 
ILE N   CA   sing N N 236 
ILE N   H    sing N N 237 
ILE N   H2   sing N N 238 
ILE CA  C    sing N N 239 
ILE CA  CB   sing N N 240 
ILE CA  HA   sing N N 241 
ILE C   O    doub N N 242 
ILE C   OXT  sing N N 243 
ILE CB  CG1  sing N N 244 
ILE CB  CG2  sing N N 245 
ILE CB  HB   sing N N 246 
ILE CG1 CD1  sing N N 247 
ILE CG1 HG12 sing N N 248 
ILE CG1 HG13 sing N N 249 
ILE CG2 HG21 sing N N 250 
ILE CG2 HG22 sing N N 251 
ILE CG2 HG23 sing N N 252 
ILE CD1 HD11 sing N N 253 
ILE CD1 HD12 sing N N 254 
ILE CD1 HD13 sing N N 255 
ILE OXT HXT  sing N N 256 
LEU N   CA   sing N N 257 
LEU N   H    sing N N 258 
LEU N   H2   sing N N 259 
LEU CA  C    sing N N 260 
LEU CA  CB   sing N N 261 
LEU CA  HA   sing N N 262 
LEU C   O    doub N N 263 
LEU C   OXT  sing N N 264 
LEU CB  CG   sing N N 265 
LEU CB  HB2  sing N N 266 
LEU CB  HB3  sing N N 267 
LEU CG  CD1  sing N N 268 
LEU CG  CD2  sing N N 269 
LEU CG  HG   sing N N 270 
LEU CD1 HD11 sing N N 271 
LEU CD1 HD12 sing N N 272 
LEU CD1 HD13 sing N N 273 
LEU CD2 HD21 sing N N 274 
LEU CD2 HD22 sing N N 275 
LEU CD2 HD23 sing N N 276 
LEU OXT HXT  sing N N 277 
LYS N   CA   sing N N 278 
LYS N   H    sing N N 279 
LYS N   H2   sing N N 280 
LYS CA  C    sing N N 281 
LYS CA  CB   sing N N 282 
LYS CA  HA   sing N N 283 
LYS C   O    doub N N 284 
LYS C   OXT  sing N N 285 
LYS CB  CG   sing N N 286 
LYS CB  HB2  sing N N 287 
LYS CB  HB3  sing N N 288 
LYS CG  CD   sing N N 289 
LYS CG  HG2  sing N N 290 
LYS CG  HG3  sing N N 291 
LYS CD  CE   sing N N 292 
LYS CD  HD2  sing N N 293 
LYS CD  HD3  sing N N 294 
LYS CE  NZ   sing N N 295 
LYS CE  HE2  sing N N 296 
LYS CE  HE3  sing N N 297 
LYS NZ  HZ1  sing N N 298 
LYS NZ  HZ2  sing N N 299 
LYS NZ  HZ3  sing N N 300 
LYS OXT HXT  sing N N 301 
MET N   CA   sing N N 302 
MET N   H    sing N N 303 
MET N   H2   sing N N 304 
MET CA  C    sing N N 305 
MET CA  CB   sing N N 306 
MET CA  HA   sing N N 307 
MET C   O    doub N N 308 
MET C   OXT  sing N N 309 
MET CB  CG   sing N N 310 
MET CB  HB2  sing N N 311 
MET CB  HB3  sing N N 312 
MET CG  SD   sing N N 313 
MET CG  HG2  sing N N 314 
MET CG  HG3  sing N N 315 
MET SD  CE   sing N N 316 
MET CE  HE1  sing N N 317 
MET CE  HE2  sing N N 318 
MET CE  HE3  sing N N 319 
MET OXT HXT  sing N N 320 
PHE N   CA   sing N N 321 
PHE N   H    sing N N 322 
PHE N   H2   sing N N 323 
PHE CA  C    sing N N 324 
PHE CA  CB   sing N N 325 
PHE CA  HA   sing N N 326 
PHE C   O    doub N N 327 
PHE C   OXT  sing N N 328 
PHE CB  CG   sing N N 329 
PHE CB  HB2  sing N N 330 
PHE CB  HB3  sing N N 331 
PHE CG  CD1  doub Y N 332 
PHE CG  CD2  sing Y N 333 
PHE CD1 CE1  sing Y N 334 
PHE CD1 HD1  sing N N 335 
PHE CD2 CE2  doub Y N 336 
PHE CD2 HD2  sing N N 337 
PHE CE1 CZ   doub Y N 338 
PHE CE1 HE1  sing N N 339 
PHE CE2 CZ   sing Y N 340 
PHE CE2 HE2  sing N N 341 
PHE CZ  HZ   sing N N 342 
PHE OXT HXT  sing N N 343 
PRO N   CA   sing N N 344 
PRO N   CD   sing N N 345 
PRO N   H    sing N N 346 
PRO CA  C    sing N N 347 
PRO CA  CB   sing N N 348 
PRO CA  HA   sing N N 349 
PRO C   O    doub N N 350 
PRO C   OXT  sing N N 351 
PRO CB  CG   sing N N 352 
PRO CB  HB2  sing N N 353 
PRO CB  HB3  sing N N 354 
PRO CG  CD   sing N N 355 
PRO CG  HG2  sing N N 356 
PRO CG  HG3  sing N N 357 
PRO CD  HD2  sing N N 358 
PRO CD  HD3  sing N N 359 
PRO OXT HXT  sing N N 360 
SER N   CA   sing N N 361 
SER N   H    sing N N 362 
SER N   H2   sing N N 363 
SER CA  C    sing N N 364 
SER CA  CB   sing N N 365 
SER CA  HA   sing N N 366 
SER C   O    doub N N 367 
SER C   OXT  sing N N 368 
SER CB  OG   sing N N 369 
SER CB  HB2  sing N N 370 
SER CB  HB3  sing N N 371 
SER OG  HG   sing N N 372 
SER OXT HXT  sing N N 373 
SO4 S   O1   doub N N 374 
SO4 S   O2   doub N N 375 
SO4 S   O3   sing N N 376 
SO4 S   O4   sing N N 377 
THR N   CA   sing N N 378 
THR N   H    sing N N 379 
THR N   H2   sing N N 380 
THR CA  C    sing N N 381 
THR CA  CB   sing N N 382 
THR CA  HA   sing N N 383 
THR C   O    doub N N 384 
THR C   OXT  sing N N 385 
THR CB  OG1  sing N N 386 
THR CB  CG2  sing N N 387 
THR CB  HB   sing N N 388 
THR OG1 HG1  sing N N 389 
THR CG2 HG21 sing N N 390 
THR CG2 HG22 sing N N 391 
THR CG2 HG23 sing N N 392 
THR OXT HXT  sing N N 393 
TRP N   CA   sing N N 394 
TRP N   H    sing N N 395 
TRP N   H2   sing N N 396 
TRP CA  C    sing N N 397 
TRP CA  CB   sing N N 398 
TRP CA  HA   sing N N 399 
TRP C   O    doub N N 400 
TRP C   OXT  sing N N 401 
TRP CB  CG   sing N N 402 
TRP CB  HB2  sing N N 403 
TRP CB  HB3  sing N N 404 
TRP CG  CD1  doub Y N 405 
TRP CG  CD2  sing Y N 406 
TRP CD1 NE1  sing Y N 407 
TRP CD1 HD1  sing N N 408 
TRP CD2 CE2  doub Y N 409 
TRP CD2 CE3  sing Y N 410 
TRP NE1 CE2  sing Y N 411 
TRP NE1 HE1  sing N N 412 
TRP CE2 CZ2  sing Y N 413 
TRP CE3 CZ3  doub Y N 414 
TRP CE3 HE3  sing N N 415 
TRP CZ2 CH2  doub Y N 416 
TRP CZ2 HZ2  sing N N 417 
TRP CZ3 CH2  sing Y N 418 
TRP CZ3 HZ3  sing N N 419 
TRP CH2 HH2  sing N N 420 
TRP OXT HXT  sing N N 421 
TYR N   CA   sing N N 422 
TYR N   H    sing N N 423 
TYR N   H2   sing N N 424 
TYR CA  C    sing N N 425 
TYR CA  CB   sing N N 426 
TYR CA  HA   sing N N 427 
TYR C   O    doub N N 428 
TYR C   OXT  sing N N 429 
TYR CB  CG   sing N N 430 
TYR CB  HB2  sing N N 431 
TYR CB  HB3  sing N N 432 
TYR CG  CD1  doub Y N 433 
TYR CG  CD2  sing Y N 434 
TYR CD1 CE1  sing Y N 435 
TYR CD1 HD1  sing N N 436 
TYR CD2 CE2  doub Y N 437 
TYR CD2 HD2  sing N N 438 
TYR CE1 CZ   doub Y N 439 
TYR CE1 HE1  sing N N 440 
TYR CE2 CZ   sing Y N 441 
TYR CE2 HE2  sing N N 442 
TYR CZ  OH   sing N N 443 
TYR OH  HH   sing N N 444 
TYR OXT HXT  sing N N 445 
VAL N   CA   sing N N 446 
VAL N   H    sing N N 447 
VAL N   H2   sing N N 448 
VAL CA  C    sing N N 449 
VAL CA  CB   sing N N 450 
VAL CA  HA   sing N N 451 
VAL C   O    doub N N 452 
VAL C   OXT  sing N N 453 
VAL CB  CG1  sing N N 454 
VAL CB  CG2  sing N N 455 
VAL CB  HB   sing N N 456 
VAL CG1 HG11 sing N N 457 
VAL CG1 HG12 sing N N 458 
VAL CG1 HG13 sing N N 459 
VAL CG2 HG21 sing N N 460 
VAL CG2 HG22 sing N N 461 
VAL CG2 HG23 sing N N 462 
VAL OXT HXT  sing N N 463 
# 
_pdbx_initial_refinement_model.accession_code   ? 
_pdbx_initial_refinement_model.id               1 
_pdbx_initial_refinement_model.entity_id_list   ? 
_pdbx_initial_refinement_model.type             'experimental model' 
_pdbx_initial_refinement_model.source_name      Other 
_pdbx_initial_refinement_model.details          
'Partially refined model created by fitting a Se-MET derived Map from same crystal form collected at synchotron radiation source.' 
# 
_atom_sites.entry_id                    1S60 
_atom_sites.fract_transf_matrix[1][1]   -0.00598666 
_atom_sites.fract_transf_matrix[1][2]   0.00638760 
_atom_sites.fract_transf_matrix[1][3]   0.01047081 
_atom_sites.fract_transf_matrix[2][1]   0.00651086 
_atom_sites.fract_transf_matrix[2][2]   0.00110263 
_atom_sites.fract_transf_matrix[2][3]   0.01194521 
_atom_sites.fract_transf_matrix[3][1]   0.00601314 
_atom_sites.fract_transf_matrix[3][2]   0.01297105 
_atom_sites.fract_transf_matrix[3][3]   -0.00447485 
_atom_sites.fract_transf_vector[1]      0.281785 
_atom_sites.fract_transf_vector[2]      0.790467 
_atom_sites.fract_transf_vector[3]      0.623028 
# 
loop_
_atom_type.symbol 
C 
N 
O 
P 
S 
# 
loop_
_atom_site.group_PDB 
_atom_site.id 
_atom_site.type_symbol 
_atom_site.label_atom_id 
_atom_site.label_alt_id 
_atom_site.label_comp_id 
_atom_site.label_asym_id 
_atom_site.label_entity_id 
_atom_site.label_seq_id 
_atom_site.pdbx_PDB_ins_code 
_atom_site.Cartn_x 
_atom_site.Cartn_y 
_atom_site.Cartn_z 
_atom_site.occupancy 
_atom_site.B_iso_or_equiv 
_atom_site.pdbx_formal_charge 
_atom_site.auth_seq_id 
_atom_site.auth_comp_id 
_atom_site.auth_asym_id 
_atom_site.auth_atom_id 
_atom_site.pdbx_PDB_model_num 
ATOM   1    N N   . LEU A 1 14  ? -19.432 -11.251 -25.326 1.00 99.79  ? -6  LEU A N   1 
ATOM   2    C CA  . LEU A 1 14  ? -19.402 -12.118 -24.094 1.00 99.53  ? -6  LEU A CA  1 
ATOM   3    C C   . LEU A 1 14  ? -19.924 -11.292 -22.943 1.00 98.63  ? -6  LEU A C   1 
ATOM   4    O O   . LEU A 1 14  ? -19.310 -10.284 -22.589 1.00 99.38  ? -6  LEU A O   1 
ATOM   5    N N   . VAL A 1 15  ? -21.029 -11.727 -22.334 1.00 95.42  ? -5  VAL A N   1 
ATOM   6    C CA  . VAL A 1 15  ? -21.667 -10.937 -21.272 1.00 90.71  ? -5  VAL A CA  1 
ATOM   7    C C   . VAL A 1 15  ? -22.139 -11.495 -19.900 1.00 89.96  ? -5  VAL A C   1 
ATOM   8    O O   . VAL A 1 15  ? -22.176 -10.734 -18.928 1.00 92.64  ? -5  VAL A O   1 
ATOM   9    C CB  . VAL A 1 15  ? -22.891 -10.160 -21.895 1.00 85.19  ? -5  VAL A CB  1 
ATOM   10   C CG1 . VAL A 1 15  ? -23.632 -9.355  -20.831 1.00 83.53  ? -5  VAL A CG1 1 
ATOM   11   C CG2 . VAL A 1 15  ? -22.412 -9.252  -23.032 1.00 83.53  ? -5  VAL A CG2 1 
ATOM   12   N N   . PRO A 1 16  ? -22.482 -12.799 -19.778 1.00 83.15  ? -4  PRO A N   1 
ATOM   13   C CA  . PRO A 1 16  ? -22.951 -13.285 -18.459 1.00 79.32  ? -4  PRO A CA  1 
ATOM   14   C C   . PRO A 1 16  ? -22.121 -12.906 -17.222 1.00 76.83  ? -4  PRO A C   1 
ATOM   15   O O   . PRO A 1 16  ? -22.644 -12.936 -16.086 1.00 78.95  ? -4  PRO A O   1 
ATOM   16   C CB  . PRO A 1 16  ? -23.026 -14.808 -18.633 1.00 77.43  ? -4  PRO A CB  1 
ATOM   17   C CG  . PRO A 1 16  ? -23.163 -14.986 -20.099 1.00 77.15  ? -4  PRO A CG  1 
ATOM   18   C CD  . PRO A 1 16  ? -22.219 -13.939 -20.669 1.00 79.37  ? -4  PRO A CD  1 
ATOM   19   N N   . ARG A 1 17  ? -20.842 -12.556 -17.436 1.00 69.49  ? -3  ARG A N   1 
ATOM   20   C CA  . ARG A 1 17  ? -19.966 -12.202 -16.326 1.00 61.08  ? -3  ARG A CA  1 
ATOM   21   C C   . ARG A 1 17  ? -19.613 -10.746 -16.272 1.00 60.44  ? -3  ARG A C   1 
ATOM   22   O O   . ARG A 1 17  ? -20.266 -9.907  -16.879 1.00 60.73  ? -3  ARG A O   1 
ATOM   23   C CB  . ARG A 1 17  ? -18.676 -13.027 -16.366 1.00 53.62  ? -3  ARG A CB  1 
ATOM   24   C CG  . ARG A 1 17  ? -18.963 -14.515 -16.252 1.00 47.83  ? -3  ARG A CG  1 
ATOM   25   C CD  . ARG A 1 17  ? -17.764 -15.391 -16.087 1.00 44.18  ? -3  ARG A CD  1 
ATOM   26   N NE  . ARG A 1 17  ? -18.172 -16.779 -16.263 1.00 42.35  ? -3  ARG A NE  1 
ATOM   27   C CZ  . ARG A 1 17  ? -17.353 -17.819 -16.166 1.00 41.60  ? -3  ARG A CZ  1 
ATOM   28   N NH1 . ARG A 1 17  ? -16.071 -17.618 -15.875 1.00 41.47  ? -3  ARG A NH1 1 
ATOM   29   N NH2 . ARG A 1 17  ? -17.822 -19.050 -16.394 1.00 41.47  ? -3  ARG A NH2 1 
ATOM   30   N N   . GLY A 1 18  ? -18.585 -10.449 -15.497 1.00 59.30  ? -2  GLY A N   1 
ATOM   31   C CA  . GLY A 1 18  ? -18.120 -9.089  -15.369 1.00 57.98  ? -2  GLY A CA  1 
ATOM   32   C C   . GLY A 1 18  ? -16.742 -9.152  -15.978 1.00 56.83  ? -2  GLY A C   1 
ATOM   33   O O   . GLY A 1 18  ? -16.502 -10.073 -16.771 1.00 56.53  ? -2  GLY A O   1 
ATOM   34   N N   . SER A 1 19  ? -15.833 -8.243  -15.616 1.00 56.87  ? -1  SER A N   1 
ATOM   35   C CA  . SER A 1 19  ? -14.503 -8.258  -16.215 1.00 58.65  ? -1  SER A CA  1 
ATOM   36   C C   . SER A 1 19  ? -13.291 -8.221  -15.305 1.00 66.72  ? -1  SER A C   1 
ATOM   37   O O   . SER A 1 19  ? -12.682 -7.192  -15.120 1.00 64.58  ? -1  SER A O   1 
ATOM   38   C CB  . SER A 1 19  ? -14.381 -7.127  -17.240 1.00 55.27  ? -1  SER A CB  1 
ATOM   39   O OG  . SER A 1 19  ? -14.793 -5.908  -16.681 1.00 54.02  ? -1  SER A OG  1 
ATOM   40   N N   . HIS A 1 20  ? -12.931 -9.380  -14.790 1.00 79.58  ? 0   HIS A N   1 
ATOM   41   C CA  . HIS A 1 20  ? -11.788 -9.612  -13.902 1.00 91.46  ? 0   HIS A CA  1 
ATOM   42   C C   . HIS A 1 20  ? -10.882 -8.479  -13.452 1.00 83.35  ? 0   HIS A C   1 
ATOM   43   O O   . HIS A 1 20  ? -10.643 -7.530  -14.181 1.00 85.51  ? 0   HIS A O   1 
ATOM   44   C CB  . HIS A 1 20  ? -10.930 -10.710 -14.528 1.00 107.41 ? 0   HIS A CB  1 
ATOM   45   C CG  . HIS A 1 20  ? -11.742 -11.763 -15.229 1.00 119.37 ? 0   HIS A CG  1 
ATOM   46   N ND1 . HIS A 1 20  ? -12.836 -12.373 -14.647 1.00 123.31 ? 0   HIS A ND1 1 
ATOM   47   C CD2 . HIS A 1 20  ? -11.645 -12.285 -16.478 1.00 123.31 ? 0   HIS A CD2 1 
ATOM   48   C CE1 . HIS A 1 20  ? -13.379 -13.220 -15.505 1.00 124.94 ? 0   HIS A CE1 1 
ATOM   49   N NE2 . HIS A 1 20  ? -12.675 -13.184 -16.624 1.00 124.94 ? 0   HIS A NE2 1 
ATOM   50   N N   . MET A 1 21  ? -10.384 -8.594  -12.230 1.00 69.92  ? 1   MET A N   1 
ATOM   51   C CA  . MET A 1 21  ? -9.459  -7.624  -11.698 1.00 57.17  ? 1   MET A CA  1 
ATOM   52   C C   . MET A 1 21  ? -8.191  -8.335  -11.296 1.00 51.89  ? 1   MET A C   1 
ATOM   53   O O   . MET A 1 21  ? -8.248  -9.367  -10.669 1.00 49.20  ? 1   MET A O   1 
ATOM   54   C CB  . MET A 1 21  ? -10.004 -6.941  -10.473 1.00 53.35  ? 1   MET A CB  1 
ATOM   55   C CG  . MET A 1 21  ? -8.867  -6.544  -9.470  1.00 52.00  ? 1   MET A CG  1 
ATOM   56   S SD  . MET A 1 21  ? -9.443  -5.634  -8.055  1.00 51.95  ? 1   MET A SD  1 
ATOM   57   C CE  . MET A 1 21  ? -9.376  -3.983  -8.828  1.00 52.13  ? 1   MET A CE  1 
ATOM   58   N N   . ASP A 1 22  ? -7.038  -7.767  -11.636 1.00 53.96  ? 2   ASP A N   1 
ATOM   59   C CA  . ASP A 1 22  ? -5.771  -8.401  -11.315 1.00 58.09  ? 2   ASP A CA  1 
ATOM   60   C C   . ASP A 1 22  ? -4.890  -7.615  -10.350 1.00 52.88  ? 2   ASP A C   1 
ATOM   61   O O   . ASP A 1 22  ? -4.542  -6.458  -10.605 1.00 52.56  ? 2   ASP A O   1 
ATOM   62   C CB  . ASP A 1 22  ? -4.997  -8.687  -12.616 1.00 67.84  ? 2   ASP A CB  1 
ATOM   63   C CG  . ASP A 1 22  ? -4.494  -10.148 -12.701 1.00 76.03  ? 2   ASP A CG  1 
ATOM   64   O OD1 . ASP A 1 22  ? -5.294  -11.095 -12.424 1.00 78.20  ? 2   ASP A OD1 1 
ATOM   65   O OD2 . ASP A 1 22  ? -3.297  -10.351 -13.051 1.00 78.20  ? 2   ASP A OD2 1 
ATOM   66   N N   . ILE A 1 23  ? -4.560  -8.239  -9.221  1.00 48.37  ? 3   ILE A N   1 
ATOM   67   C CA  . ILE A 1 23  ? -3.650  -7.614  -8.261  1.00 44.22  ? 3   ILE A CA  1 
ATOM   68   C C   . ILE A 1 23  ? -2.306  -8.179  -8.723  1.00 46.33  ? 3   ILE A C   1 
ATOM   69   O O   . ILE A 1 23  ? -2.113  -9.398  -8.734  1.00 46.45  ? 3   ILE A O   1 
ATOM   70   C CB  . ILE A 1 23  ? -3.924  -8.044  -6.775  1.00 38.63  ? 3   ILE A CB  1 
ATOM   71   C CG1 . ILE A 1 23  ? -5.339  -7.634  -6.351  1.00 35.87  ? 3   ILE A CG1 1 
ATOM   72   C CG2 . ILE A 1 23  ? -2.900  -7.421  -5.858  1.00 37.57  ? 3   ILE A CG2 1 
ATOM   73   C CD1 . ILE A 1 23  ? -5.706  -6.238  -6.697  1.00 34.72  ? 3   ILE A CD1 1 
ATOM   74   N N   . ARG A 1 24  ? -1.402  -7.301  -9.135  1.00 48.51  ? 4   ARG A N   1 
ATOM   75   C CA  . ARG A 1 24  ? -0.113  -7.725  -9.634  1.00 51.03  ? 4   ARG A CA  1 
ATOM   76   C C   . ARG A 1 24  ? 0.952   -6.953  -8.892  1.00 48.83  ? 4   ARG A C   1 
ATOM   77   O O   . ARG A 1 24  ? 0.665   -5.884  -8.372  1.00 47.74  ? 4   ARG A O   1 
ATOM   78   C CB  . ARG A 1 24  ? 0.002   -7.393  -11.130 1.00 56.29  ? 4   ARG A CB  1 
ATOM   79   C CG  . ARG A 1 24  ? -0.969  -8.113  -12.089 1.00 60.90  ? 4   ARG A CG  1 
ATOM   80   C CD  . ARG A 1 24  ? -0.671  -7.679  -13.556 1.00 64.15  ? 4   ARG A CD  1 
ATOM   81   N NE  . ARG A 1 24  ? -1.876  -7.624  -14.406 1.00 65.95  ? 4   ARG A NE  1 
ATOM   82   C CZ  . ARG A 1 24  ? -1.949  -6.936  -15.546 1.00 66.75  ? 4   ARG A CZ  1 
ATOM   83   N NH1 . ARG A 1 24  ? -0.883  -6.258  -15.970 1.00 66.88  ? 4   ARG A NH1 1 
ATOM   84   N NH2 . ARG A 1 24  ? -3.087  -6.884  -16.235 1.00 66.88  ? 4   ARG A NH2 1 
ATOM   85   N N   . GLN A 1 25  ? 2.174   -7.482  -8.834  1.00 49.14  ? 5   GLN A N   1 
ATOM   86   C CA  . GLN A 1 25  ? 3.270   -6.759  -8.183  1.00 50.12  ? 5   GLN A CA  1 
ATOM   87   C C   . GLN A 1 25  ? 3.825   -5.798  -9.223  1.00 52.98  ? 5   GLN A C   1 
ATOM   88   O O   . GLN A 1 25  ? 4.156   -6.201  -10.316 1.00 53.18  ? 5   GLN A O   1 
ATOM   89   C CB  . GLN A 1 25  ? 4.374   -7.694  -7.725  1.00 48.43  ? 5   GLN A CB  1 
ATOM   90   C CG  . GLN A 1 25  ? 5.422   -6.957  -6.935  1.00 46.93  ? 5   GLN A CG  1 
ATOM   91   C CD  . GLN A 1 25  ? 6.490   -7.859  -6.305  1.00 45.75  ? 5   GLN A CD  1 
ATOM   92   O OE1 . GLN A 1 25  ? 7.634   -7.408  -6.114  1.00 45.45  ? 5   GLN A OE1 1 
ATOM   93   N NE2 . GLN A 1 25  ? 6.127   -9.117  -5.955  1.00 45.45  ? 5   GLN A NE2 1 
ATOM   94   N N   . MET A 1 26  ? 3.895   -4.519  -8.894  1.00 55.47  ? 6   MET A N   1 
ATOM   95   C CA  . MET A 1 26  ? 4.363   -3.518  -9.831  1.00 58.00  ? 6   MET A CA  1 
ATOM   96   C C   . MET A 1 26  ? 5.780   -3.735  -10.345 1.00 60.32  ? 6   MET A C   1 
ATOM   97   O O   . MET A 1 26  ? 6.748   -3.622  -9.581  1.00 59.73  ? 6   MET A O   1 
ATOM   98   C CB  . MET A 1 26  ? 4.275   -2.149  -9.176  1.00 58.58  ? 6   MET A CB  1 
ATOM   99   C CG  . MET A 1 26  ? 4.746   -1.035  -10.047 1.00 59.22  ? 6   MET A CG  1 
ATOM   100  S SD  . MET A 1 26  ? 5.506   0.305   -9.110  1.00 59.70  ? 6   MET A SD  1 
ATOM   101  C CE  . MET A 1 26  ? 7.180   -0.267  -8.961  1.00 59.91  ? 6   MET A CE  1 
ATOM   102  N N   . ASN A 1 27  ? 5.891   -4.036  -11.640 1.00 63.98  ? 7   ASN A N   1 
ATOM   103  C CA  . ASN A 1 27  ? 7.186   -4.217  -12.317 1.00 67.87  ? 7   ASN A CA  1 
ATOM   104  C C   . ASN A 1 27  ? 7.364   -2.929  -13.125 1.00 71.06  ? 7   ASN A C   1 
ATOM   105  O O   . ASN A 1 27  ? 6.533   -2.034  -12.986 1.00 71.16  ? 7   ASN A O   1 
ATOM   106  C CB  . ASN A 1 27  ? 7.144   -5.408  -13.251 1.00 68.34  ? 7   ASN A CB  1 
ATOM   107  C CG  . ASN A 1 27  ? 5.925   -5.400  -14.133 1.00 68.62  ? 7   ASN A CG  1 
ATOM   108  O OD1 . ASN A 1 27  ? 5.530   -4.355  -14.668 1.00 68.68  ? 7   ASN A OD1 1 
ATOM   109  N ND2 . ASN A 1 27  ? 5.318   -6.573  -14.307 1.00 68.68  ? 7   ASN A ND2 1 
ATOM   110  N N   . LYS A 1 28  ? 8.382   -2.810  -13.983 1.00 73.63  ? 8   LYS A N   1 
ATOM   111  C CA  . LYS A 1 28  ? 8.554   -1.531  -14.702 1.00 75.19  ? 8   LYS A CA  1 
ATOM   112  C C   . LYS A 1 28  ? 7.472   -1.147  -15.725 1.00 70.41  ? 8   LYS A C   1 
ATOM   113  O O   . LYS A 1 28  ? 7.286   0.042   -16.015 1.00 71.45  ? 8   LYS A O   1 
ATOM   114  C CB  . LYS A 1 28  ? 9.956   -1.418  -15.336 1.00 79.70  ? 8   LYS A CB  1 
ATOM   115  C CG  . LYS A 1 28  ? 10.343  -2.501  -16.337 1.00 82.64  ? 8   LYS A CG  1 
ATOM   116  C CD  . LYS A 1 28  ? 11.746  -2.244  -16.946 1.00 84.26  ? 8   LYS A CD  1 
ATOM   117  C CE  . LYS A 1 28  ? 11.839  -0.891  -17.672 1.00 84.97  ? 8   LYS A CE  1 
ATOM   118  N NZ  . LYS A 1 28  ? 13.053  -0.772  -18.546 1.00 85.18  ? 8   LYS A NZ  1 
ATOM   119  N N   . THR A 1 29  ? 6.730   -2.117  -16.249 1.00 63.05  ? 9   THR A N   1 
ATOM   120  C CA  . THR A 1 29  ? 5.678   -1.779  -17.212 1.00 55.71  ? 9   THR A CA  1 
ATOM   121  C C   . THR A 1 29  ? 4.403   -1.314  -16.545 1.00 54.82  ? 9   THR A C   1 
ATOM   122  O O   . THR A 1 29  ? 3.340   -1.305  -17.177 1.00 54.47  ? 9   THR A O   1 
ATOM   123  C CB  . THR A 1 29  ? 5.281   -2.977  -18.101 1.00 50.47  ? 9   THR A CB  1 
ATOM   124  O OG1 . THR A 1 29  ? 4.837   -4.080  -17.281 1.00 49.10  ? 9   THR A OG1 1 
ATOM   125  C CG2 . THR A 1 29  ? 6.461   -3.372  -18.997 1.00 49.10  ? 9   THR A CG2 1 
ATOM   126  N N   . HIS A 1 30  ? 4.496   -0.974  -15.262 1.00 54.96  ? 10  HIS A N   1 
ATOM   127  C CA  . HIS A 1 30  ? 3.341   -0.516  -14.481 1.00 54.90  ? 10  HIS A CA  1 
ATOM   128  C C   . HIS A 1 30  ? 3.660   0.857   -13.923 1.00 53.14  ? 10  HIS A C   1 
ATOM   129  O O   . HIS A 1 30  ? 2.803   1.501   -13.334 1.00 53.72  ? 10  HIS A O   1 
ATOM   130  C CB  . HIS A 1 30  ? 3.069   -1.444  -13.292 1.00 55.87  ? 10  HIS A CB  1 
ATOM   131  C CG  . HIS A 1 30  ? 2.474   -2.771  -13.651 1.00 56.31  ? 10  HIS A CG  1 
ATOM   132  N ND1 . HIS A 1 30  ? 3.052   -3.968  -13.269 1.00 56.37  ? 10  HIS A ND1 1 
ATOM   133  C CD2 . HIS A 1 30  ? 1.308   -3.093  -14.261 1.00 56.37  ? 10  HIS A CD2 1 
ATOM   134  C CE1 . HIS A 1 30  ? 2.259   -4.967  -13.625 1.00 56.36  ? 10  HIS A CE1 1 
ATOM   135  N NE2 . HIS A 1 30  ? 1.193   -4.466  -14.227 1.00 56.36  ? 10  HIS A NE2 1 
ATOM   136  N N   . LEU A 1 31  ? 4.901   1.284   -14.096 1.00 50.15  ? 11  LEU A N   1 
ATOM   137  C CA  . LEU A 1 31  ? 5.360   2.570   -13.594 1.00 47.74  ? 11  LEU A CA  1 
ATOM   138  C C   . LEU A 1 31  ? 4.531   3.810   -13.883 1.00 49.83  ? 11  LEU A C   1 
ATOM   139  O O   . LEU A 1 31  ? 4.576   4.733   -13.083 1.00 48.16  ? 11  LEU A O   1 
ATOM   140  C CB  . LEU A 1 31  ? 6.803   2.835   -14.031 1.00 45.14  ? 11  LEU A CB  1 
ATOM   141  C CG  . LEU A 1 31  ? 7.921   2.212   -13.210 1.00 43.71  ? 11  LEU A CG  1 
ATOM   142  C CD1 . LEU A 1 31  ? 8.914   3.291   -12.747 1.00 43.40  ? 11  LEU A CD1 1 
ATOM   143  C CD2 . LEU A 1 31  ? 7.305   1.569   -12.015 1.00 43.40  ? 11  LEU A CD2 1 
ATOM   144  N N   . GLU A 1 32  ? 3.798   3.876   -14.997 1.00 56.36  ? 12  GLU A N   1 
ATOM   145  C CA  . GLU A 1 32  ? 2.993   5.090   -15.225 1.00 64.17  ? 12  GLU A CA  1 
ATOM   146  C C   . GLU A 1 32  ? 1.601   4.972   -14.673 1.00 61.85  ? 12  GLU A C   1 
ATOM   147  O O   . GLU A 1 32  ? 1.007   5.971   -14.299 1.00 60.95  ? 12  GLU A O   1 
ATOM   148  C CB  . GLU A 1 32  ? 2.934   5.527   -16.703 1.00 74.51  ? 12  GLU A CB  1 
ATOM   149  C CG  . GLU A 1 32  ? 3.682   6.863   -16.946 1.00 83.25  ? 12  GLU A CG  1 
ATOM   150  C CD  . GLU A 1 32  ? 5.130   6.833   -16.362 1.00 89.57  ? 12  GLU A CD  1 
ATOM   151  O OE1 . GLU A 1 32  ? 5.972   6.052   -16.881 1.00 91.11  ? 12  GLU A OE1 1 
ATOM   152  O OE2 . GLU A 1 32  ? 5.432   7.561   -15.372 1.00 91.11  ? 12  GLU A OE2 1 
ATOM   153  N N   . HIS A 1 33  ? 1.088   3.749   -14.609 1.00 61.22  ? 13  HIS A N   1 
ATOM   154  C CA  . HIS A 1 33  ? -0.234  3.510   -14.040 1.00 60.34  ? 13  HIS A CA  1 
ATOM   155  C C   . HIS A 1 33  ? -0.115  3.821   -12.549 1.00 58.07  ? 13  HIS A C   1 
ATOM   156  O O   . HIS A 1 33  ? -0.929  4.566   -11.980 1.00 59.26  ? 13  HIS A O   1 
ATOM   157  C CB  . HIS A 1 33  ? -0.614  2.055   -14.203 1.00 60.48  ? 13  HIS A CB  1 
ATOM   158  C CG  . HIS A 1 33  ? -0.962  1.675   -15.605 1.00 59.86  ? 13  HIS A CG  1 
ATOM   159  N ND1 . HIS A 1 33  ? -0.410  0.571   -16.230 1.00 59.44  ? 13  HIS A ND1 1 
ATOM   160  C CD2 . HIS A 1 33  ? -1.873  2.184   -16.460 1.00 59.44  ? 13  HIS A CD2 1 
ATOM   161  C CE1 . HIS A 1 33  ? -0.981  0.416   -17.411 1.00 59.16  ? 13  HIS A CE1 1 
ATOM   162  N NE2 . HIS A 1 33  ? -1.869  1.376   -17.576 1.00 59.16  ? 13  HIS A NE2 1 
ATOM   163  N N   . TRP A 1 34  ? 0.906   3.228   -11.934 1.00 53.26  ? 14  TRP A N   1 
ATOM   164  C CA  . TRP A 1 34  ? 1.194   3.433   -10.533 1.00 49.05  ? 14  TRP A CA  1 
ATOM   165  C C   . TRP A 1 34  ? 1.426   4.927   -10.279 1.00 47.20  ? 14  TRP A C   1 
ATOM   166  O O   . TRP A 1 34  ? 0.763   5.520   -9.446  1.00 45.05  ? 14  TRP A O   1 
ATOM   167  C CB  . TRP A 1 34  ? 2.420   2.613   -10.175 1.00 49.08  ? 14  TRP A CB  1 
ATOM   168  C CG  . TRP A 1 34  ? 2.905   2.727   -8.780  1.00 50.39  ? 14  TRP A CG  1 
ATOM   169  C CD1 . TRP A 1 34  ? 2.390   2.115   -7.692  1.00 51.07  ? 14  TRP A CD1 1 
ATOM   170  C CD2 . TRP A 1 34  ? 4.079   3.430   -8.332  1.00 51.34  ? 14  TRP A CD2 1 
ATOM   171  N NE1 . TRP A 1 34  ? 3.165   2.379   -6.584  1.00 51.56  ? 14  TRP A NE1 1 
ATOM   172  C CE2 . TRP A 1 34  ? 4.207   3.190   -6.950  1.00 51.72  ? 14  TRP A CE2 1 
ATOM   173  C CE3 . TRP A 1 34  ? 5.026   4.254   -8.965  1.00 51.71  ? 14  TRP A CE3 1 
ATOM   174  C CZ2 . TRP A 1 34  ? 5.250   3.718   -6.192  1.00 51.91  ? 14  TRP A CZ2 1 
ATOM   175  C CZ3 . TRP A 1 34  ? 6.056   4.785   -8.209  1.00 51.90  ? 14  TRP A CZ3 1 
ATOM   176  C CH2 . TRP A 1 34  ? 6.157   4.519   -6.838  1.00 51.95  ? 14  TRP A CH2 1 
ATOM   177  N N   . ARG A 1 35  ? 2.357   5.550   -10.996 1.00 50.92  ? 15  ARG A N   1 
ATOM   178  C CA  . ARG A 1 35  ? 2.598   6.985   -10.807 1.00 56.03  ? 15  ARG A CA  1 
ATOM   179  C C   . ARG A 1 35  ? 1.295   7.778   -10.905 1.00 51.73  ? 15  ARG A C   1 
ATOM   180  O O   . ARG A 1 35  ? 1.055   8.697   -10.119 1.00 51.13  ? 15  ARG A O   1 
ATOM   181  C CB  . ARG A 1 35  ? 3.583   7.531   -11.851 1.00 65.43  ? 15  ARG A CB  1 
ATOM   182  C CG  . ARG A 1 35  ? 4.519   8.614   -11.300 1.00 72.94  ? 15  ARG A CG  1 
ATOM   183  C CD  . ARG A 1 35  ? 4.490   9.927   -12.077 1.00 77.81  ? 15  ARG A CD  1 
ATOM   184  N NE  . ARG A 1 35  ? 5.121   9.856   -13.399 1.00 80.32  ? 15  ARG A NE  1 
ATOM   185  C CZ  . ARG A 1 35  ? 4.459   9.853   -14.561 1.00 81.38  ? 15  ARG A CZ  1 
ATOM   186  N NH1 . ARG A 1 35  ? 3.124   9.910   -14.599 1.00 81.55  ? 15  ARG A NH1 1 
ATOM   187  N NH2 . ARG A 1 35  ? 5.143   9.825   -15.700 1.00 81.55  ? 15  ARG A NH2 1 
ATOM   188  N N   . GLY A 1 36  ? 0.457   7.430   -11.876 1.00 49.01  ? 16  GLY A N   1 
ATOM   189  C CA  . GLY A 1 36  ? -0.806  8.128   -12.041 1.00 47.46  ? 16  GLY A CA  1 
ATOM   190  C C   . GLY A 1 36  ? -1.736  8.130   -10.831 1.00 46.88  ? 16  GLY A C   1 
ATOM   191  O O   . GLY A 1 36  ? -2.340  9.160   -10.537 1.00 46.59  ? 16  GLY A O   1 
ATOM   192  N N   . LEU A 1 37  ? -1.872  6.977   -10.155 1.00 46.96  ? 17  LEU A N   1 
ATOM   193  C CA  . LEU A 1 37  ? -2.721  6.819   -8.965  1.00 46.31  ? 17  LEU A CA  1 
ATOM   194  C C   . LEU A 1 37  ? -2.069  7.467   -7.732  1.00 48.76  ? 17  LEU A C   1 
ATOM   195  O O   . LEU A 1 37  ? -2.733  8.186   -6.959  1.00 50.19  ? 17  LEU A O   1 
ATOM   196  C CB  . LEU A 1 37  ? -2.970  5.339   -8.691  1.00 41.82  ? 17  LEU A CB  1 
ATOM   197  C CG  . LEU A 1 37  ? -3.819  4.539   -9.695  1.00 37.39  ? 17  LEU A CG  1 
ATOM   198  C CD1 . LEU A 1 37  ? -3.999  3.118   -9.182  1.00 36.14  ? 17  LEU A CD1 1 
ATOM   199  C CD2 . LEU A 1 37  ? -5.200  5.168   -9.882  1.00 36.14  ? 17  LEU A CD2 1 
ATOM   200  N N   . ARG A 1 38  ? -0.759  7.228   -7.585  1.00 47.86  ? 18  ARG A N   1 
ATOM   201  C CA  . ARG A 1 38  ? 0.054   7.754   -6.479  1.00 46.83  ? 18  ARG A CA  1 
ATOM   202  C C   . ARG A 1 38  ? 0.028   9.273   -6.414  1.00 46.43  ? 18  ARG A C   1 
ATOM   203  O O   . ARG A 1 38  ? 0.125   9.835   -5.323  1.00 44.54  ? 18  ARG A O   1 
ATOM   204  C CB  . ARG A 1 38  ? 1.493   7.256   -6.613  1.00 47.63  ? 18  ARG A CB  1 
ATOM   205  C CG  . ARG A 1 38  ? 2.346   7.307   -5.376  1.00 48.99  ? 18  ARG A CG  1 
ATOM   206  C CD  . ARG A 1 38  ? 3.316   6.145   -5.458  1.00 50.22  ? 18  ARG A CD  1 
ATOM   207  N NE  . ARG A 1 38  ? 4.189   5.929   -4.302  1.00 51.01  ? 18  ARG A NE  1 
ATOM   208  C CZ  . ARG A 1 38  ? 5.178   6.739   -3.946  1.00 51.39  ? 18  ARG A CZ  1 
ATOM   209  N NH1 . ARG A 1 38  ? 5.417   7.842   -4.639  1.00 51.46  ? 18  ARG A NH1 1 
ATOM   210  N NH2 . ARG A 1 38  ? 5.976   6.407   -2.937  1.00 51.46  ? 18  ARG A NH2 1 
ATOM   211  N N   . LYS A 1 39  ? -0.101  9.941   -7.565  1.00 50.91  ? 19  LYS A N   1 
ATOM   212  C CA  . LYS A 1 39  ? -0.168  11.408  -7.580  1.00 56.97  ? 19  LYS A CA  1 
ATOM   213  C C   . LYS A 1 39  ? -1.409  11.868  -6.807  1.00 52.87  ? 19  LYS A C   1 
ATOM   214  O O   . LYS A 1 39  ? -1.515  13.021  -6.420  1.00 51.59  ? 19  LYS A O   1 
ATOM   215  C CB  . LYS A 1 39  ? -0.254  11.954  -9.008  1.00 67.68  ? 19  LYS A CB  1 
ATOM   216  C CG  . LYS A 1 39  ? 1.015   11.812  -9.852  1.00 76.60  ? 19  LYS A CG  1 
ATOM   217  C CD  . LYS A 1 39  ? 0.815   12.370  -11.285 1.00 82.57  ? 19  LYS A CD  1 
ATOM   218  C CE  . LYS A 1 39  ? 0.514   13.852  -11.294 1.00 85.68  ? 19  LYS A CE  1 
ATOM   219  N NZ  . LYS A 1 39  ? 1.702   14.617  -10.847 1.00 86.73  ? 19  LYS A NZ  1 
ATOM   220  N N   . GLN A 1 40  ? -2.344  10.951  -6.575  1.00 51.79  ? 20  GLN A N   1 
ATOM   221  C CA  . GLN A 1 40  ? -3.568  11.273  -5.866  1.00 51.54  ? 20  GLN A CA  1 
ATOM   222  C C   . GLN A 1 40  ? -3.594  10.807  -4.428  1.00 48.55  ? 20  GLN A C   1 
ATOM   223  O O   . GLN A 1 40  ? -4.564  10.988  -3.709  1.00 48.94  ? 20  GLN A O   1 
ATOM   224  C CB  . GLN A 1 40  ? -4.720  10.682  -6.624  1.00 54.22  ? 20  GLN A CB  1 
ATOM   225  C CG  . GLN A 1 40  ? -4.667  11.063  -8.072  1.00 56.42  ? 20  GLN A CG  1 
ATOM   226  C CD  . GLN A 1 40  ? -5.969  10.850  -8.728  1.00 57.96  ? 20  GLN A CD  1 
ATOM   227  O OE1 . GLN A 1 40  ? -6.985  11.449  -8.317  1.00 58.33  ? 20  GLN A OE1 1 
ATOM   228  N NE2 . GLN A 1 40  ? -5.988  9.962   -9.737  1.00 58.33  ? 20  GLN A NE2 1 
ATOM   229  N N   . LEU A 1 41  ? -2.503  10.192  -4.012  1.00 44.60  ? 21  LEU A N   1 
ATOM   230  C CA  . LEU A 1 41  ? -2.357  9.744   -2.645  1.00 40.28  ? 21  LEU A CA  1 
ATOM   231  C C   . LEU A 1 41  ? -1.466  10.827  -2.028  1.00 42.45  ? 21  LEU A C   1 
ATOM   232  O O   . LEU A 1 41  ? -1.703  11.257  -0.894  1.00 43.06  ? 21  LEU A O   1 
ATOM   233  C CB  . LEU A 1 41  ? -1.651  8.373   -2.600  1.00 33.70  ? 21  LEU A CB  1 
ATOM   234  C CG  . LEU A 1 41  ? -1.585  7.734   -1.232  1.00 28.15  ? 21  LEU A CG  1 
ATOM   235  C CD1 . LEU A 1 41  ? -3.018  7.627   -0.670  1.00 26.67  ? 21  LEU A CD1 1 
ATOM   236  C CD2 . LEU A 1 41  ? -0.942  6.403   -1.347  1.00 26.67  ? 21  LEU A CD2 1 
ATOM   237  N N   . TRP A 1 42  ? -0.470  11.268  -2.815  1.00 43.26  ? 22  TRP A N   1 
ATOM   238  C CA  . TRP A 1 42  ? 0.510   12.268  -2.410  1.00 43.77  ? 22  TRP A CA  1 
ATOM   239  C C   . TRP A 1 42  ? 0.571   13.424  -3.389  1.00 44.71  ? 22  TRP A C   1 
ATOM   240  O O   . TRP A 1 42  ? 1.594   13.659  -4.057  1.00 44.46  ? 22  TRP A O   1 
ATOM   241  C CB  . TRP A 1 42  ? 1.901   11.621  -2.276  1.00 43.47  ? 22  TRP A CB  1 
ATOM   242  C CG  . TRP A 1 42  ? 2.014   10.702  -1.089  1.00 43.32  ? 22  TRP A CG  1 
ATOM   243  C CD1 . TRP A 1 42  ? 1.884   11.050  0.226   1.00 43.29  ? 22  TRP A CD1 1 
ATOM   244  C CD2 . TRP A 1 42  ? 2.165   9.274   -1.112  1.00 43.31  ? 22  TRP A CD2 1 
ATOM   245  N NE1 . TRP A 1 42  ? 1.926   9.925   1.021   1.00 43.31  ? 22  TRP A NE1 1 
ATOM   246  C CE2 . TRP A 1 42  ? 2.092   8.823   0.220   1.00 43.32  ? 22  TRP A CE2 1 
ATOM   247  C CE3 . TRP A 1 42  ? 2.334   8.337   -2.128  1.00 43.32  ? 22  TRP A CE3 1 
ATOM   248  C CZ2 . TRP A 1 42  ? 2.202   7.472   0.559   1.00 43.33  ? 22  TRP A CZ2 1 
ATOM   249  C CZ3 . TRP A 1 42  ? 2.440   6.994   -1.792  1.00 43.33  ? 22  TRP A CZ3 1 
ATOM   250  C CH2 . TRP A 1 42  ? 2.366   6.571   -0.457  1.00 43.34  ? 22  TRP A CH2 1 
ATOM   251  N N   . PRO A 1 43  ? -0.535  14.163  -3.510  1.00 46.32  ? 23  PRO A N   1 
ATOM   252  C CA  . PRO A 1 43  ? -0.489  15.290  -4.452  1.00 49.36  ? 23  PRO A CA  1 
ATOM   253  C C   . PRO A 1 43  ? 0.415   16.248  -3.733  1.00 54.92  ? 23  PRO A C   1 
ATOM   254  O O   . PRO A 1 43  ? 0.068   16.687  -2.650  1.00 55.38  ? 23  PRO A O   1 
ATOM   255  C CB  . PRO A 1 43  ? -1.939  15.754  -4.492  1.00 47.13  ? 23  PRO A CB  1 
ATOM   256  C CG  . PRO A 1 43  ? -2.433  15.449  -3.080  1.00 45.78  ? 23  PRO A CG  1 
ATOM   257  C CD  . PRO A 1 43  ? -1.769  14.154  -2.698  1.00 45.57  ? 23  PRO A CD  1 
ATOM   258  N N   . GLY A 1 44  ? 1.572   16.584  -4.275  1.00 59.04  ? 24  GLY A N   1 
ATOM   259  C CA  . GLY A 1 44  ? 2.428   17.460  -3.490  1.00 61.63  ? 24  GLY A CA  1 
ATOM   260  C C   . GLY A 1 44  ? 3.817   16.919  -3.592  1.00 62.46  ? 24  GLY A C   1 
ATOM   261  O O   . GLY A 1 44  ? 4.788   17.577  -3.249  1.00 63.58  ? 24  GLY A O   1 
ATOM   262  N N   . HIS A 1 45  ? 3.882   15.691  -4.088  1.00 60.25  ? 25  HIS A N   1 
ATOM   263  C CA  . HIS A 1 45  ? 5.137   14.955  -4.360  1.00 57.76  ? 25  HIS A CA  1 
ATOM   264  C C   . HIS A 1 45  ? 5.218   15.091  -5.942  1.00 61.09  ? 25  HIS A C   1 
ATOM   265  O O   . HIS A 1 45  ? 4.362   14.569  -6.658  1.00 60.12  ? 25  HIS A O   1 
ATOM   266  C CB  . HIS A 1 45  ? 4.937   13.492  -3.884  1.00 52.98  ? 25  HIS A CB  1 
ATOM   267  C CG  . HIS A 1 45  ? 6.187   12.656  -3.833  1.00 49.22  ? 25  HIS A CG  1 
ATOM   268  N ND1 . HIS A 1 45  ? 7.249   12.952  -3.005  1.00 47.94  ? 25  HIS A ND1 1 
ATOM   269  C CD2 . HIS A 1 45  ? 6.482   11.463  -4.404  1.00 47.94  ? 25  HIS A CD2 1 
ATOM   270  C CE1 . HIS A 1 45  ? 8.137   11.971  -3.059  1.00 47.37  ? 25  HIS A CE1 1 
ATOM   271  N NE2 . HIS A 1 45  ? 7.697   11.055  -3.897  1.00 47.37  ? 25  HIS A NE2 1 
ATOM   272  N N   . PRO A 1 46  ? 6.263   15.770  -6.476  1.00 66.62  ? 26  PRO A N   1 
ATOM   273  C CA  . PRO A 1 46  ? 6.560   16.057  -7.889  1.00 68.25  ? 26  PRO A CA  1 
ATOM   274  C C   . PRO A 1 46  ? 6.751   14.816  -8.778  1.00 67.87  ? 26  PRO A C   1 
ATOM   275  O O   . PRO A 1 46  ? 7.279   13.763  -8.316  1.00 65.16  ? 26  PRO A O   1 
ATOM   276  C CB  . PRO A 1 46  ? 7.829   16.874  -7.814  1.00 70.87  ? 26  PRO A CB  1 
ATOM   277  C CG  . PRO A 1 46  ? 7.874   17.436  -6.427  1.00 71.90  ? 26  PRO A CG  1 
ATOM   278  C CD  . PRO A 1 46  ? 7.320   16.317  -5.607  1.00 70.27  ? 26  PRO A CD  1 
ATOM   279  N N   . ASP A 1 47  ? 6.335   14.875  -10.042 1.00 74.15  ? 27  ASP A N   1 
ATOM   280  C CA  . ASP A 1 47  ? 6.416   13.672  -10.924 1.00 83.04  ? 27  ASP A CA  1 
ATOM   281  C C   . ASP A 1 47  ? 7.768   13.018  -10.968 1.00 79.37  ? 27  ASP A C   1 
ATOM   282  O O   . ASP A 1 47  ? 7.921   11.869  -11.270 1.00 77.27  ? 27  ASP A O   1 
ATOM   283  C CB  . ASP A 1 47  ? 5.989   14.112  -12.307 1.00 97.26  ? 27  ASP A CB  1 
ATOM   284  C CG  . ASP A 1 47  ? 4.498   14.324  -12.402 1.00 109.69 ? 27  ASP A CG  1 
ATOM   285  O OD1 . ASP A 1 47  ? 3.744   13.330  -12.392 1.00 113.03 ? 27  ASP A OD1 1 
ATOM   286  O OD2 . ASP A 1 47  ? 4.106   15.492  -12.508 1.00 113.03 ? 27  ASP A OD2 1 
ATOM   287  N N   . ASP A 1 48  ? 8.754   13.857  -10.743 1.00 80.81  ? 28  ASP A N   1 
ATOM   288  C CA  . ASP A 1 48  ? 10.119  13.452  -10.695 1.00 83.43  ? 28  ASP A CA  1 
ATOM   289  C C   . ASP A 1 48  ? 10.310  12.560  -9.470  1.00 76.70  ? 28  ASP A C   1 
ATOM   290  O O   . ASP A 1 48  ? 10.705  11.391  -9.558  1.00 76.98  ? 28  ASP A O   1 
ATOM   291  C CB  . ASP A 1 48  ? 11.004  14.697  -10.650 1.00 92.43  ? 28  ASP A CB  1 
ATOM   292  C CG  . ASP A 1 48  ? 11.922  14.786  -11.820 1.00 99.74  ? 28  ASP A CG  1 
ATOM   293  O OD1 . ASP A 1 48  ? 11.702  13.960  -12.728 1.00 101.65 ? 28  ASP A OD1 1 
ATOM   294  O OD2 . ASP A 1 48  ? 12.835  15.670  -11.777 1.00 101.65 ? 28  ASP A OD2 1 
ATOM   295  N N   . ALA A 1 49  ? 9.905   13.114  -8.339  1.00 69.50  ? 29  ALA A N   1 
ATOM   296  C CA  . ALA A 1 49  ? 9.969   12.377  -7.092  1.00 63.01  ? 29  ALA A CA  1 
ATOM   297  C C   . ALA A 1 49  ? 9.342   10.976  -7.230  1.00 59.68  ? 29  ALA A C   1 
ATOM   298  O O   . ALA A 1 49  ? 9.993   9.965   -6.896  1.00 59.74  ? 29  ALA A O   1 
ATOM   299  C CB  . ALA A 1 49  ? 9.268   13.142  -5.953  1.00 61.62  ? 29  ALA A CB  1 
ATOM   300  N N   . HIS A 1 50  ? 8.086   10.922  -7.703  1.00 57.05  ? 30  HIS A N   1 
ATOM   301  C CA  . HIS A 1 50  ? 7.370   9.677   -7.914  1.00 55.29  ? 30  HIS A CA  1 
ATOM   302  C C   . HIS A 1 50  ? 8.159   8.713   -8.775  1.00 58.57  ? 30  HIS A C   1 
ATOM   303  O O   . HIS A 1 50  ? 8.193   7.506   -8.489  1.00 57.52  ? 30  HIS A O   1 
ATOM   304  C CB  . HIS A 1 50  ? 6.036   9.958   -8.583  1.00 51.80  ? 30  HIS A CB  1 
ATOM   305  C CG  . HIS A 1 50  ? 4.957   10.361  -7.629  1.00 49.43  ? 30  HIS A CG  1 
ATOM   306  N ND1 . HIS A 1 50  ? 4.383   11.616  -7.634  1.00 48.70  ? 30  HIS A ND1 1 
ATOM   307  C CD2 . HIS A 1 50  ? 4.353   9.670   -6.629  1.00 48.70  ? 30  HIS A CD2 1 
ATOM   308  C CE1 . HIS A 1 50  ? 3.472   11.687  -6.677  1.00 48.43  ? 30  HIS A CE1 1 
ATOM   309  N NE2 . HIS A 1 50  ? 3.439   10.519  -6.054  1.00 48.43  ? 30  HIS A NE2 1 
ATOM   310  N N   . LEU A 1 51  ? 8.793   9.235   -9.828  1.00 64.38  ? 31  LEU A N   1 
ATOM   311  C CA  . LEU A 1 51  ? 9.590   8.399   -10.737 1.00 70.16  ? 31  LEU A CA  1 
ATOM   312  C C   . LEU A 1 51  ? 10.790  7.822   -10.015 1.00 69.82  ? 31  LEU A C   1 
ATOM   313  O O   . LEU A 1 51  ? 11.102  6.633   -10.139 1.00 70.71  ? 31  LEU A O   1 
ATOM   314  C CB  . LEU A 1 51  ? 10.090  9.204   -11.929 1.00 74.94  ? 31  LEU A CB  1 
ATOM   315  C CG  . LEU A 1 51  ? 9.843   8.463   -13.241 1.00 78.36  ? 31  LEU A CG  1 
ATOM   316  C CD1 . LEU A 1 51  ? 8.536   8.987   -13.865 1.00 79.21  ? 31  LEU A CD1 1 
ATOM   317  C CD2 . LEU A 1 51  ? 11.043  8.639   -14.172 1.00 79.21  ? 31  LEU A CD2 1 
ATOM   318  N N   . ALA A 1 52  ? 11.473  8.692   -9.279  1.00 67.00  ? 32  ALA A N   1 
ATOM   319  C CA  . ALA A 1 52  ? 12.619  8.279   -8.494  1.00 63.36  ? 32  ALA A CA  1 
ATOM   320  C C   . ALA A 1 52  ? 12.203  7.048   -7.652  1.00 59.22  ? 32  ALA A C   1 
ATOM   321  O O   . ALA A 1 52  ? 12.839  5.973   -7.728  1.00 60.23  ? 32  ALA A O   1 
ATOM   322  C CB  . ALA A 1 52  ? 13.054  9.443   -7.588  1.00 63.31  ? 32  ALA A CB  1 
ATOM   323  N N   . ASP A 1 53  ? 11.118  7.231   -6.883  1.00 53.19  ? 33  ASP A N   1 
ATOM   324  C CA  . ASP A 1 53  ? 10.546  6.225   -6.002  1.00 47.68  ? 33  ASP A CA  1 
ATOM   325  C C   . ASP A 1 53  ? 10.286  4.925   -6.733  1.00 44.33  ? 33  ASP A C   1 
ATOM   326  O O   . ASP A 1 53  ? 10.725  3.880   -6.280  1.00 42.59  ? 33  ASP A O   1 
ATOM   327  C CB  . ASP A 1 53  ? 9.266   6.762   -5.368  1.00 47.51  ? 33  ASP A CB  1 
ATOM   328  C CG  . ASP A 1 53  ? 9.501   8.062   -4.557  1.00 48.20  ? 33  ASP A CG  1 
ATOM   329  O OD1 . ASP A 1 53  ? 8.524   8.599   -3.968  1.00 48.47  ? 33  ASP A OD1 1 
ATOM   330  O OD2 . ASP A 1 53  ? 10.658  8.554   -4.501  1.00 48.47  ? 33  ASP A OD2 1 
ATOM   331  N N   . GLY A 1 54  ? 9.594   4.973   -7.868  1.00 45.99  ? 34  GLY A N   1 
ATOM   332  C CA  . GLY A 1 54  ? 9.344   3.746   -8.615  1.00 50.51  ? 34  GLY A CA  1 
ATOM   333  C C   . GLY A 1 54  ? 10.624  2.946   -8.883  1.00 57.91  ? 34  GLY A C   1 
ATOM   334  O O   . GLY A 1 54  ? 10.687  1.719   -8.688  1.00 55.74  ? 34  GLY A O   1 
ATOM   335  N N   . GLU A 1 55  ? 11.659  3.645   -9.350  1.00 70.82  ? 35  GLU A N   1 
ATOM   336  C CA  . GLU A 1 55  ? 12.952  3.028   -9.632  1.00 84.16  ? 35  GLU A CA  1 
ATOM   337  C C   . GLU A 1 55  ? 13.435  2.314   -8.365  1.00 82.39  ? 35  GLU A C   1 
ATOM   338  O O   . GLU A 1 55  ? 13.677  1.099   -8.361  1.00 82.38  ? 35  GLU A O   1 
ATOM   339  C CB  . GLU A 1 55  ? 13.941  4.114   -10.058 1.00 97.55  ? 35  GLU A CB  1 
ATOM   340  C CG  . GLU A 1 55  ? 13.698  4.646   -11.477 1.00 107.80 ? 35  GLU A CG  1 
ATOM   341  C CD  . GLU A 1 55  ? 14.100  6.119   -11.638 1.00 114.65 ? 35  GLU A CD  1 
ATOM   342  O OE1 . GLU A 1 55  ? 15.086  6.552   -10.996 1.00 116.25 ? 35  GLU A OE1 1 
ATOM   343  O OE2 . GLU A 1 55  ? 13.439  6.844   -12.418 1.00 116.25 ? 35  GLU A OE2 1 
ATOM   344  N N   . GLU A 1 56  ? 13.553  3.087   -7.288  1.00 80.14  ? 36  GLU A N   1 
ATOM   345  C CA  . GLU A 1 56  ? 13.977  2.585   -5.992  1.00 77.99  ? 36  GLU A CA  1 
ATOM   346  C C   . GLU A 1 56  ? 13.185  1.324   -5.613  1.00 71.06  ? 36  GLU A C   1 
ATOM   347  O O   . GLU A 1 56  ? 13.773  0.270   -5.403  1.00 70.93  ? 36  GLU A O   1 
ATOM   348  C CB  . GLU A 1 56  ? 13.760  3.685   -4.951  1.00 82.73  ? 36  GLU A CB  1 
ATOM   349  C CG  . GLU A 1 56  ? 14.324  3.405   -3.578  1.00 86.82  ? 36  GLU A CG  1 
ATOM   350  C CD  . GLU A 1 56  ? 15.831  3.418   -3.571  1.00 89.83  ? 36  GLU A CD  1 
ATOM   351  O OE1 . GLU A 1 56  ? 16.397  4.298   -4.260  1.00 90.57  ? 36  GLU A OE1 1 
ATOM   352  O OE2 . GLU A 1 56  ? 16.440  2.567   -2.872  1.00 90.57  ? 36  GLU A OE2 1 
ATOM   353  N N   . ILE A 1 57  ? 11.854  1.446   -5.535  1.00 64.62  ? 37  ILE A N   1 
ATOM   354  C CA  . ILE A 1 57  ? 10.966  0.333   -5.174  1.00 58.71  ? 37  ILE A CA  1 
ATOM   355  C C   . ILE A 1 57  ? 11.348  -0.898  -5.984  1.00 60.50  ? 37  ILE A C   1 
ATOM   356  O O   . ILE A 1 57  ? 11.805  -1.915  -5.435  1.00 60.83  ? 37  ILE A O   1 
ATOM   357  C CB  . ILE A 1 57  ? 9.483   0.645   -5.484  1.00 51.90  ? 37  ILE A CB  1 
ATOM   358  C CG1 . ILE A 1 57  ? 9.088   2.015   -4.931  1.00 48.74  ? 37  ILE A CG1 1 
ATOM   359  C CG2 . ILE A 1 57  ? 8.588   -0.445  -4.890  1.00 50.52  ? 37  ILE A CG2 1 
ATOM   360  C CD1 . ILE A 1 57  ? 8.909   2.061   -3.460  1.00 47.46  ? 37  ILE A CD1 1 
ATOM   361  N N   . LEU A 1 58  ? 11.134  -0.795  -7.294  1.00 61.51  ? 38  LEU A N   1 
ATOM   362  C CA  . LEU A 1 58  ? 11.458  -1.873  -8.226  1.00 61.78  ? 38  LEU A CA  1 
ATOM   363  C C   . LEU A 1 58  ? 12.735  -2.637  -7.829  1.00 67.42  ? 38  LEU A C   1 
ATOM   364  O O   . LEU A 1 58  ? 12.667  -3.837  -7.496  1.00 68.15  ? 38  LEU A O   1 
ATOM   365  C CB  . LEU A 1 58  ? 11.598  -1.296  -9.638  1.00 55.68  ? 38  LEU A CB  1 
ATOM   366  C CG  . LEU A 1 58  ? 10.506  -1.575  -10.679 1.00 50.22  ? 38  LEU A CG  1 
ATOM   367  C CD1 . LEU A 1 58  ? 9.306   -2.320  -10.072 1.00 48.74  ? 38  LEU A CD1 1 
ATOM   368  C CD2 . LEU A 1 58  ? 10.109  -0.231  -11.309 1.00 48.74  ? 38  LEU A CD2 1 
ATOM   369  N N   . GLN A 1 59  ? 13.882  -1.941  -7.829  1.00 71.14  ? 39  GLN A N   1 
ATOM   370  C CA  . GLN A 1 59  ? 15.158  -2.583  -7.486  1.00 74.03  ? 39  GLN A CA  1 
ATOM   371  C C   . GLN A 1 59  ? 15.381  -3.158  -6.064  1.00 67.91  ? 39  GLN A C   1 
ATOM   372  O O   . GLN A 1 59  ? 15.988  -4.231  -5.929  1.00 67.36  ? 39  GLN A O   1 
ATOM   373  C CB  . GLN A 1 59  ? 16.355  -1.682  -7.893  1.00 82.27  ? 39  GLN A CB  1 
ATOM   374  C CG  . GLN A 1 59  ? 16.307  -0.180  -7.548  1.00 88.89  ? 39  GLN A CG  1 
ATOM   375  C CD  . GLN A 1 59  ? 17.496  0.613   -8.161  1.00 93.56  ? 39  GLN A CD  1 
ATOM   376  O OE1 . GLN A 1 59  ? 17.533  1.857   -8.124  1.00 94.68  ? 39  GLN A OE1 1 
ATOM   377  N NE2 . GLN A 1 59  ? 18.467  -0.116  -8.724  1.00 94.68  ? 39  GLN A NE2 1 
ATOM   378  N N   . ALA A 1 60  ? 14.871  -2.496  -5.023  1.00 63.27  ? 40  ALA A N   1 
ATOM   379  C CA  . ALA A 1 60  ? 15.066  -2.953  -3.638  1.00 60.50  ? 40  ALA A CA  1 
ATOM   380  C C   . ALA A 1 60  ? 14.436  -4.315  -3.230  1.00 62.82  ? 40  ALA A C   1 
ATOM   381  O O   . ALA A 1 60  ? 13.324  -4.671  -3.648  1.00 60.95  ? 40  ALA A O   1 
ATOM   382  C CB  . ALA A 1 60  ? 14.620  -1.841  -2.671  1.00 58.68  ? 40  ALA A CB  1 
ATOM   383  N N   . ASP A 1 61  ? 15.162  -5.058  -2.390  1.00 70.02  ? 41  ASP A N   1 
ATOM   384  C CA  . ASP A 1 61  ? 14.708  -6.375  -1.946  1.00 77.86  ? 41  ASP A CA  1 
ATOM   385  C C   . ASP A 1 61  ? 13.607  -6.223  -0.929  1.00 76.93  ? 41  ASP A C   1 
ATOM   386  O O   . ASP A 1 61  ? 12.739  -7.078  -0.844  1.00 77.72  ? 41  ASP A O   1 
ATOM   387  C CB  . ASP A 1 61  ? 15.844  -7.206  -1.291  1.00 85.44  ? 41  ASP A CB  1 
ATOM   388  C CG  . ASP A 1 61  ? 17.150  -7.226  -2.113  1.00 91.27  ? 41  ASP A CG  1 
ATOM   389  O OD1 . ASP A 1 61  ? 17.092  -7.516  -3.339  1.00 92.75  ? 41  ASP A OD1 1 
ATOM   390  O OD2 . ASP A 1 61  ? 18.234  -6.962  -1.517  1.00 92.75  ? 41  ASP A OD2 1 
ATOM   391  N N   . HIS A 1 62  ? 13.653  -5.131  -0.162  1.00 73.39  ? 42  HIS A N   1 
ATOM   392  C CA  . HIS A 1 62  ? 12.662  -4.869  0.890   1.00 68.13  ? 42  HIS A CA  1 
ATOM   393  C C   . HIS A 1 62  ? 11.442  -4.016  0.517   1.00 66.15  ? 42  HIS A C   1 
ATOM   394  O O   . HIS A 1 62  ? 10.515  -3.862  1.317   1.00 68.55  ? 42  HIS A O   1 
ATOM   395  C CB  . HIS A 1 62  ? 13.341  -4.233  2.101   1.00 62.48  ? 42  HIS A CB  1 
ATOM   396  C CG  . HIS A 1 62  ? 13.778  -2.818  1.880   1.00 56.46  ? 42  HIS A CG  1 
ATOM   397  N ND1 . HIS A 1 62  ? 14.685  -2.462  0.907   1.00 54.03  ? 42  HIS A ND1 1 
ATOM   398  C CD2 . HIS A 1 62  ? 13.466  -1.671  2.536   1.00 54.03  ? 42  HIS A CD2 1 
ATOM   399  C CE1 . HIS A 1 62  ? 14.914  -1.159  0.975   1.00 52.80  ? 42  HIS A CE1 1 
ATOM   400  N NE2 . HIS A 1 62  ? 14.188  -0.655  1.955   1.00 52.80  ? 42  HIS A NE2 1 
ATOM   401  N N   . LEU A 1 63  ? 11.455  -3.451  -0.681  1.00 58.20  ? 43  LEU A N   1 
ATOM   402  C CA  . LEU A 1 63  ? 10.352  -2.643  -1.157  1.00 48.72  ? 43  LEU A CA  1 
ATOM   403  C C   . LEU A 1 63  ? 9.526   -3.410  -2.184  1.00 44.06  ? 43  LEU A C   1 
ATOM   404  O O   . LEU A 1 63  ? 10.069  -4.135  -2.998  1.00 44.42  ? 43  LEU A O   1 
ATOM   405  C CB  . LEU A 1 63  ? 10.904  -1.356  -1.769  1.00 43.71  ? 43  LEU A CB  1 
ATOM   406  C CG  . LEU A 1 63  ? 10.894  -0.130  -0.844  1.00 39.59  ? 43  LEU A CG  1 
ATOM   407  C CD1 . LEU A 1 63  ? 11.071  -0.583  0.600   1.00 38.52  ? 43  LEU A CD1 1 
ATOM   408  C CD2 . LEU A 1 63  ? 11.958  0.916   -1.290  1.00 38.52  ? 43  LEU A CD2 1 
ATOM   409  N N   . ALA A 1 64  ? 8.212   -3.261  -2.121  1.00 39.08  ? 44  ALA A N   1 
ATOM   410  C CA  . ALA A 1 64  ? 7.278   -3.878  -3.069  1.00 35.33  ? 44  ALA A CA  1 
ATOM   411  C C   . ALA A 1 64  ? 6.031   -2.993  -3.222  1.00 36.49  ? 44  ALA A C   1 
ATOM   412  O O   . ALA A 1 64  ? 5.644   -2.247  -2.318  1.00 35.81  ? 44  ALA A O   1 
ATOM   413  C CB  . ALA A 1 64  ? 6.851   -5.249  -2.601  1.00 33.25  ? 44  ALA A CB  1 
ATOM   414  N N   . SER A 1 65  ? 5.410   -3.050  -4.394  1.00 39.75  ? 45  SER A N   1 
ATOM   415  C CA  . SER A 1 65  ? 4.173   -2.321  -4.621  1.00 42.96  ? 45  SER A CA  1 
ATOM   416  C C   . SER A 1 65  ? 3.194   -3.238  -5.296  1.00 44.93  ? 45  SER A C   1 
ATOM   417  O O   . SER A 1 65  ? 3.550   -4.259  -5.851  1.00 45.60  ? 45  SER A O   1 
ATOM   418  C CB  . SER A 1 65  ? 4.402   -1.087  -5.452  1.00 43.44  ? 45  SER A CB  1 
ATOM   419  O OG  . SER A 1 65  ? 4.709   -0.015  -4.584  1.00 43.54  ? 45  SER A OG  1 
ATOM   420  N N   . PHE A 1 66  ? 1.926   -2.921  -5.185  1.00 45.15  ? 46  PHE A N   1 
ATOM   421  C CA  . PHE A 1 66  ? 0.965   -3.745  -5.837  1.00 44.94  ? 46  PHE A CA  1 
ATOM   422  C C   . PHE A 1 66  ? -0.040  -2.881  -6.562  1.00 42.77  ? 46  PHE A C   1 
ATOM   423  O O   . PHE A 1 66  ? -0.462  -1.816  -6.087  1.00 42.71  ? 46  PHE A O   1 
ATOM   424  C CB  . PHE A 1 66  ? 0.361   -4.658  -4.817  1.00 46.76  ? 46  PHE A CB  1 
ATOM   425  C CG  . PHE A 1 66  ? 1.389   -5.488  -4.123  1.00 48.44  ? 46  PHE A CG  1 
ATOM   426  C CD1 . PHE A 1 66  ? 2.048   -5.005  -3.001  1.00 49.10  ? 46  PHE A CD1 1 
ATOM   427  C CD2 . PHE A 1 66  ? 1.749   -6.739  -4.623  1.00 49.10  ? 46  PHE A CD2 1 
ATOM   428  C CE1 . PHE A 1 66  ? 3.062   -5.755  -2.377  1.00 49.46  ? 46  PHE A CE1 1 
ATOM   429  C CE2 . PHE A 1 66  ? 2.758   -7.499  -4.010  1.00 49.46  ? 46  PHE A CE2 1 
ATOM   430  C CZ  . PHE A 1 66  ? 3.412   -6.999  -2.884  1.00 49.57  ? 46  PHE A CZ  1 
ATOM   431  N N   . ILE A 1 67  ? -0.362  -3.309  -7.772  1.00 40.66  ? 47  ILE A N   1 
ATOM   432  C CA  . ILE A 1 67  ? -1.301  -2.574  -8.583  1.00 38.54  ? 47  ILE A CA  1 
ATOM   433  C C   . ILE A 1 67  ? -2.504  -3.434  -8.779  1.00 40.81  ? 47  ILE A C   1 
ATOM   434  O O   . ILE A 1 67  ? -2.398  -4.641  -8.912  1.00 41.24  ? 47  ILE A O   1 
ATOM   435  C CB  . ILE A 1 67  ? -0.697  -2.230  -9.972  1.00 34.27  ? 47  ILE A CB  1 
ATOM   436  C CG1 . ILE A 1 67  ? 0.665   -1.594  -9.800  1.00 32.09  ? 47  ILE A CG1 1 
ATOM   437  C CG2 . ILE A 1 67  ? -1.519  -1.216  -10.664 1.00 33.45  ? 47  ILE A CG2 1 
ATOM   438  C CD1 . ILE A 1 67  ? 0.618   -0.339  -8.973  1.00 31.17  ? 47  ILE A CD1 1 
ATOM   439  N N   . ALA A 1 68  ? -3.664  -2.814  -8.762  1.00 42.08  ? 48  ALA A N   1 
ATOM   440  C CA  . ALA A 1 68  ? -4.886  -3.552  -9.020  1.00 42.85  ? 48  ALA A CA  1 
ATOM   441  C C   . ALA A 1 68  ? -5.315  -3.063  -10.394 1.00 42.83  ? 48  ALA A C   1 
ATOM   442  O O   . ALA A 1 68  ? -5.763  -1.921  -10.544 1.00 42.73  ? 48  ALA A O   1 
ATOM   443  C CB  . ALA A 1 68  ? -5.966  -3.236  -7.965  1.00 43.17  ? 48  ALA A CB  1 
ATOM   444  N N   . MET A 1 69  ? -5.106  -3.923  -11.392 1.00 42.98  ? 49  MET A N   1 
ATOM   445  C CA  . MET A 1 69  ? -5.497  -3.670  -12.804 1.00 43.38  ? 49  MET A CA  1 
ATOM   446  C C   . MET A 1 69  ? -6.925  -4.205  -13.085 1.00 42.73  ? 49  MET A C   1 
ATOM   447  O O   . MET A 1 69  ? -7.279  -5.290  -12.651 1.00 42.22  ? 49  MET A O   1 
ATOM   448  C CB  . MET A 1 69  ? -4.525  -4.382  -13.761 1.00 44.83  ? 49  MET A CB  1 
ATOM   449  C CG  . MET A 1 69  ? -3.091  -3.970  -13.660 1.00 46.15  ? 49  MET A CG  1 
ATOM   450  S SD  . MET A 1 69  ? -2.930  -2.198  -13.895 1.00 47.06  ? 49  MET A SD  1 
ATOM   451  C CE  . MET A 1 69  ? -3.694  -1.904  -15.406 1.00 47.43  ? 49  MET A CE  1 
ATOM   452  N N   . ALA A 1 70  ? -7.743  -3.446  -13.792 1.00 43.48  ? 50  ALA A N   1 
ATOM   453  C CA  . ALA A 1 70  ? -9.096  -3.911  -14.129 1.00 45.14  ? 50  ALA A CA  1 
ATOM   454  C C   . ALA A 1 70  ? -9.203  -3.539  -15.569 1.00 48.94  ? 50  ALA A C   1 
ATOM   455  O O   . ALA A 1 70  ? -8.951  -2.373  -15.917 1.00 47.24  ? 50  ALA A O   1 
ATOM   456  C CB  . ALA A 1 70  ? -10.213 -3.169  -13.352 1.00 44.58  ? 50  ALA A CB  1 
ATOM   457  N N   . ASP A 1 71  ? -9.573  -4.517  -16.399 1.00 57.16  ? 51  ASP A N   1 
ATOM   458  C CA  . ASP A 1 71  ? -9.715  -4.302  -17.839 1.00 67.03  ? 51  ASP A CA  1 
ATOM   459  C C   . ASP A 1 71  ? -8.630  -3.380  -18.417 1.00 63.19  ? 51  ASP A C   1 
ATOM   460  O O   . ASP A 1 71  ? -8.954  -2.340  -18.989 1.00 61.28  ? 51  ASP A O   1 
ATOM   461  C CB  . ASP A 1 71  ? -11.084 -3.703  -18.162 1.00 81.74  ? 51  ASP A CB  1 
ATOM   462  C CG  . ASP A 1 71  ? -11.985 -4.674  -18.901 1.00 94.37  ? 51  ASP A CG  1 
ATOM   463  O OD1 . ASP A 1 71  ? -13.108 -4.236  -19.224 1.00 97.75  ? 51  ASP A OD1 1 
ATOM   464  O OD2 . ASP A 1 71  ? -11.589 -5.861  -19.168 1.00 97.75  ? 51  ASP A OD2 1 
ATOM   465  N N   . GLY A 1 72  ? -7.353  -3.748  -18.234 1.00 63.94  ? 52  GLY A N   1 
ATOM   466  C CA  . GLY A 1 72  ? -6.229  -2.982  -18.773 1.00 66.17  ? 52  GLY A CA  1 
ATOM   467  C C   . GLY A 1 72  ? -5.913  -1.610  -18.188 1.00 68.70  ? 52  GLY A C   1 
ATOM   468  O O   . GLY A 1 72  ? -5.030  -0.908  -18.699 1.00 69.27  ? 52  GLY A O   1 
ATOM   469  N N   . VAL A 1 73  ? -6.625  -1.213  -17.133 1.00 69.36  ? 53  VAL A N   1 
ATOM   470  C CA  . VAL A 1 73  ? -6.371  0.071   -16.484 1.00 68.06  ? 53  VAL A CA  1 
ATOM   471  C C   . VAL A 1 73  ? -6.104  -0.131  -14.985 1.00 68.92  ? 53  VAL A C   1 
ATOM   472  O O   . VAL A 1 73  ? -6.622  -1.074  -14.386 1.00 71.79  ? 53  VAL A O   1 
ATOM   473  C CB  . VAL A 1 73  ? -7.561  1.049   -16.703 1.00 63.66  ? 53  VAL A CB  1 
ATOM   474  C CG1 . VAL A 1 73  ? -8.123  1.528   -15.372 1.00 62.25  ? 53  VAL A CG1 1 
ATOM   475  C CG2 . VAL A 1 73  ? -7.085  2.235   -17.548 1.00 62.25  ? 53  VAL A CG2 1 
ATOM   476  N N   . ALA A 1 74  ? -5.307  0.766   -14.399 1.00 62.87  ? 54  ALA A N   1 
ATOM   477  C CA  . ALA A 1 74  ? -4.933  0.727   -12.976 1.00 55.56  ? 54  ALA A CA  1 
ATOM   478  C C   . ALA A 1 74  ? -5.938  1.432   -12.075 1.00 49.96  ? 54  ALA A C   1 
ATOM   479  O O   . ALA A 1 74  ? -6.073  2.632   -12.140 1.00 48.77  ? 54  ALA A O   1 
ATOM   480  C CB  . ALA A 1 74  ? -3.567  1.364   -12.801 1.00 54.77  ? 54  ALA A CB  1 
ATOM   481  N N   . ILE A 1 75  ? -6.639  0.704   -11.224 1.00 47.52  ? 55  ILE A N   1 
ATOM   482  C CA  . ILE A 1 75  ? -7.621  1.363   -10.378 1.00 46.29  ? 55  ILE A CA  1 
ATOM   483  C C   . ILE A 1 75  ? -7.330  1.471   -8.870  1.00 43.89  ? 55  ILE A C   1 
ATOM   484  O O   . ILE A 1 75  ? -8.135  2.044   -8.113  1.00 43.51  ? 55  ILE A O   1 
ATOM   485  C CB  . ILE A 1 75  ? -9.006  0.730   -10.567 1.00 48.16  ? 55  ILE A CB  1 
ATOM   486  C CG1 . ILE A 1 75  ? -8.952  -0.754  -10.249 1.00 49.28  ? 55  ILE A CG1 1 
ATOM   487  C CG2 . ILE A 1 75  ? -9.487  0.953   -11.986 1.00 48.52  ? 55  ILE A CG2 1 
ATOM   488  C CD1 . ILE A 1 75  ? -10.326 -1.351  -10.129 1.00 49.78  ? 55  ILE A CD1 1 
ATOM   489  N N   . GLY A 1 76  ? -6.195  0.928   -8.437  1.00 42.60  ? 56  GLY A N   1 
ATOM   490  C CA  . GLY A 1 76  ? -5.837  1.014   -7.041  1.00 41.66  ? 56  GLY A CA  1 
ATOM   491  C C   . GLY A 1 76  ? -4.452  0.465   -6.873  1.00 40.72  ? 56  GLY A C   1 
ATOM   492  O O   . GLY A 1 76  ? -4.031  -0.379  -7.673  1.00 41.02  ? 56  GLY A O   1 
ATOM   493  N N   . PHE A 1 77  ? -3.725  0.941   -5.861  1.00 38.84  ? 57  PHE A N   1 
ATOM   494  C CA  . PHE A 1 77  ? -2.379  0.424   -5.597  1.00 36.06  ? 57  PHE A CA  1 
ATOM   495  C C   . PHE A 1 77  ? -2.092  0.477   -4.091  1.00 35.48  ? 57  PHE A C   1 
ATOM   496  O O   . PHE A 1 77  ? -2.816  1.091   -3.313  1.00 36.83  ? 57  PHE A O   1 
ATOM   497  C CB  . PHE A 1 77  ? -1.312  1.207   -6.367  1.00 32.55  ? 57  PHE A CB  1 
ATOM   498  C CG  . PHE A 1 77  ? -0.954  2.511   -5.725  1.00 28.81  ? 57  PHE A CG  1 
ATOM   499  C CD1 . PHE A 1 77  ? 0.046   2.575   -4.775  1.00 27.28  ? 57  PHE A CD1 1 
ATOM   500  C CD2 . PHE A 1 77  ? -1.701  3.659   -5.983  1.00 27.28  ? 57  PHE A CD2 1 
ATOM   501  C CE1 . PHE A 1 77  ? 0.293   3.735   -4.092  1.00 26.43  ? 57  PHE A CE1 1 
ATOM   502  C CE2 . PHE A 1 77  ? -1.460  4.834   -5.293  1.00 26.43  ? 57  PHE A CE2 1 
ATOM   503  C CZ  . PHE A 1 77  ? -0.460  4.867   -4.341  1.00 26.16  ? 57  PHE A CZ  1 
ATOM   504  N N   . ALA A 1 78  ? -1.026  -0.203  -3.692  1.00 31.87  ? 58  ALA A N   1 
ATOM   505  C CA  . ALA A 1 78  ? -0.616  -0.281  -2.310  1.00 28.47  ? 58  ALA A CA  1 
ATOM   506  C C   . ALA A 1 78  ? 0.904   -0.300  -2.349  1.00 28.97  ? 58  ALA A C   1 
ATOM   507  O O   . ALA A 1 78  ? 1.489   -0.960  -3.201  1.00 28.44  ? 58  ALA A O   1 
ATOM   508  C CB  . ALA A 1 78  ? -1.164  -1.573  -1.683  1.00 26.70  ? 58  ALA A CB  1 
ATOM   509  N N   . ASP A 1 79  ? 1.518   0.456   -1.443  1.00 31.31  ? 59  ASP A N   1 
ATOM   510  C CA  . ASP A 1 79  ? 2.967   0.549   -1.287  1.00 34.03  ? 59  ASP A CA  1 
ATOM   511  C C   . ASP A 1 79  ? 3.426   -0.121  0.017   1.00 35.30  ? 59  ASP A C   1 
ATOM   512  O O   . ASP A 1 79  ? 3.233   0.438   1.099   1.00 35.18  ? 59  ASP A O   1 
ATOM   513  C CB  . ASP A 1 79  ? 3.386   2.007   -1.227  1.00 35.50  ? 59  ASP A CB  1 
ATOM   514  C CG  . ASP A 1 79  ? 3.435   2.641   -2.567  1.00 36.67  ? 59  ASP A CG  1 
ATOM   515  O OD1 . ASP A 1 79  ? 3.732   3.860   -2.641  1.00 36.98  ? 59  ASP A OD1 1 
ATOM   516  O OD2 . ASP A 1 79  ? 3.184   1.926   -3.552  1.00 36.98  ? 59  ASP A OD2 1 
ATOM   517  N N   . ALA A 1 80  ? 4.044   -1.301  -0.075  1.00 36.80  ? 60  ALA A N   1 
ATOM   518  C CA  . ALA A 1 80  ? 4.554   -2.010  1.126   1.00 38.41  ? 60  ALA A CA  1 
ATOM   519  C C   . ALA A 1 80  ? 6.051   -1.961  1.243   1.00 40.41  ? 60  ALA A C   1 
ATOM   520  O O   . ALA A 1 80  ? 6.760   -1.857  0.258   1.00 40.62  ? 60  ALA A O   1 
ATOM   521  C CB  . ALA A 1 80  ? 4.126   -3.475  1.136   1.00 38.20  ? 60  ALA A CB  1 
ATOM   522  N N   . SER A 1 81  ? 6.530   -2.016  2.468   1.00 42.00  ? 61  SER A N   1 
ATOM   523  C CA  . SER A 1 81  ? 7.959   -2.039  2.692   1.00 43.54  ? 61  SER A CA  1 
ATOM   524  C C   . SER A 1 81  ? 8.116   -3.037  3.802   1.00 46.25  ? 61  SER A C   1 
ATOM   525  O O   . SER A 1 81  ? 7.133   -3.422  4.444   1.00 46.26  ? 61  SER A O   1 
ATOM   526  C CB  . SER A 1 81  ? 8.495   -0.685  3.138   1.00 42.51  ? 61  SER A CB  1 
ATOM   527  O OG  . SER A 1 81  ? 8.701   -0.665  4.530   1.00 42.03  ? 61  SER A OG  1 
ATOM   528  N N   . ILE A 1 82  ? 9.344   -3.491  3.998   1.00 48.79  ? 62  ILE A N   1 
ATOM   529  C CA  . ILE A 1 82  ? 9.639   -4.427  5.067   1.00 50.84  ? 62  ILE A CA  1 
ATOM   530  C C   . ILE A 1 82  ? 10.515  -3.656  6.062   1.00 54.26  ? 62  ILE A C   1 
ATOM   531  O O   . ILE A 1 82  ? 11.579  -3.147  5.698   1.00 54.87  ? 62  ILE A O   1 
ATOM   532  C CB  . ILE A 1 82  ? 10.297  -5.696  4.484   1.00 48.86  ? 62  ILE A CB  1 
ATOM   533  C CG1 . ILE A 1 82  ? 9.238   -6.795  4.469   1.00 47.59  ? 62  ILE A CG1 1 
ATOM   534  C CG2 . ILE A 1 82  ? 11.510  -6.121  5.294   1.00 48.54  ? 62  ILE A CG2 1 
ATOM   535  C CD1 . ILE A 1 82  ? 9.354   -7.746  3.352   1.00 47.01  ? 62  ILE A CD1 1 
ATOM   536  N N   . ARG A 1 83  ? 10.030  -3.517  7.301   1.00 56.16  ? 63  ARG A N   1 
ATOM   537  C CA  . ARG A 1 83  ? 10.747  -2.753  8.323   1.00 57.89  ? 63  ARG A CA  1 
ATOM   538  C C   . ARG A 1 83  ? 11.620  -3.613  9.240   1.00 60.60  ? 63  ARG A C   1 
ATOM   539  O O   . ARG A 1 83  ? 11.173  -4.620  9.830   1.00 59.80  ? 63  ARG A O   1 
ATOM   540  C CB  . ARG A 1 83  ? 9.763   -1.946  9.190   1.00 57.42  ? 63  ARG A CB  1 
ATOM   541  C CG  . ARG A 1 83  ? 8.662   -1.214  8.458   1.00 57.26  ? 63  ARG A CG  1 
ATOM   542  C CD  . ARG A 1 83  ? 8.909   0.292   8.377   1.00 57.25  ? 63  ARG A CD  1 
ATOM   543  N NE  . ARG A 1 83  ? 8.016   1.096   9.222   1.00 57.29  ? 63  ARG A NE  1 
ATOM   544  C CZ  . ARG A 1 83  ? 7.302   2.123   8.767   1.00 57.31  ? 63  ARG A CZ  1 
ATOM   545  N NH1 . ARG A 1 83  ? 7.380   2.449   7.490   1.00 57.32  ? 63  ARG A NH1 1 
ATOM   546  N NH2 . ARG A 1 83  ? 6.518   2.840   9.570   1.00 57.32  ? 63  ARG A NH2 1 
ATOM   547  N N   . HIS A 1 84  ? 12.874  -3.199  9.359   1.00 65.19  ? 64  HIS A N   1 
ATOM   548  C CA  . HIS A 1 84  ? 13.817  -3.893  10.213  1.00 70.04  ? 64  HIS A CA  1 
ATOM   549  C C   . HIS A 1 84  ? 14.152  -3.105  11.461  1.00 63.51  ? 64  HIS A C   1 
ATOM   550  O O   . HIS A 1 84  ? 14.939  -3.530  12.287  1.00 63.07  ? 64  HIS A O   1 
ATOM   551  C CB  . HIS A 1 84  ? 15.072  -4.249  9.424   1.00 81.01  ? 64  HIS A CB  1 
ATOM   552  C CG  . HIS A 1 84  ? 15.091  -5.676  8.988   1.00 90.47  ? 64  HIS A CG  1 
ATOM   553  N ND1 . HIS A 1 84  ? 15.713  -6.674  9.717   1.00 93.90  ? 64  HIS A ND1 1 
ATOM   554  C CD2 . HIS A 1 84  ? 14.428  -6.305  7.988   1.00 93.90  ? 64  HIS A CD2 1 
ATOM   555  C CE1 . HIS A 1 84  ? 15.424  -7.848  9.190   1.00 95.49  ? 64  HIS A CE1 1 
ATOM   556  N NE2 . HIS A 1 84  ? 14.642  -7.651  8.139   1.00 95.49  ? 64  HIS A NE2 1 
ATOM   557  N N   . ASP A 1 85  ? 13.514  -1.962  11.605  1.00 58.24  ? 65  ASP A N   1 
ATOM   558  C CA  . ASP A 1 85  ? 13.714  -1.116  12.758  1.00 54.32  ? 65  ASP A CA  1 
ATOM   559  C C   . ASP A 1 85  ? 12.621  -1.318  13.814  1.00 48.76  ? 65  ASP A C   1 
ATOM   560  O O   . ASP A 1 85  ? 11.788  -2.217  13.683  1.00 47.37  ? 65  ASP A O   1 
ATOM   561  C CB  . ASP A 1 85  ? 13.713  0.305   12.271  1.00 57.80  ? 65  ASP A CB  1 
ATOM   562  C CG  . ASP A 1 85  ? 14.903  0.598   11.440  1.00 61.45  ? 65  ASP A CG  1 
ATOM   563  O OD1 . ASP A 1 85  ? 15.633  -0.377  11.141  1.00 62.49  ? 65  ASP A OD1 1 
ATOM   564  O OD2 . ASP A 1 85  ? 15.108  1.786   11.097  1.00 62.49  ? 65  ASP A OD2 1 
ATOM   565  N N   . TYR A 1 86  ? 12.611  -0.503  14.867  1.00 47.02  ? 66  TYR A N   1 
ATOM   566  C CA  . TYR A 1 86  ? 11.534  -0.649  15.832  1.00 46.72  ? 66  TYR A CA  1 
ATOM   567  C C   . TYR A 1 86  ? 10.227  -0.287  15.091  1.00 45.77  ? 66  TYR A C   1 
ATOM   568  O O   . TYR A 1 86  ? 10.223  0.498   14.119  1.00 45.27  ? 66  TYR A O   1 
ATOM   569  C CB  . TYR A 1 86  ? 11.734  0.278   17.046  1.00 48.41  ? 66  TYR A CB  1 
ATOM   570  C CG  . TYR A 1 86  ? 10.607  0.142   18.063  1.00 50.27  ? 66  TYR A CG  1 
ATOM   571  C CD1 . TYR A 1 86  ? 10.402  -1.056  18.745  1.00 51.04  ? 66  TYR A CD1 1 
ATOM   572  C CD2 . TYR A 1 86  ? 9.705   1.177   18.284  1.00 51.04  ? 66  TYR A CD2 1 
ATOM   573  C CE1 . TYR A 1 86  ? 9.344   -1.221  19.607  1.00 51.46  ? 66  TYR A CE1 1 
ATOM   574  C CE2 . TYR A 1 86  ? 8.628   1.015   19.149  1.00 51.46  ? 66  TYR A CE2 1 
ATOM   575  C CZ  . TYR A 1 86  ? 8.456   -0.188  19.807  1.00 51.62  ? 66  TYR A CZ  1 
ATOM   576  O OH  . TYR A 1 86  ? 7.379   -0.371  20.666  1.00 51.69  ? 66  TYR A OH  1 
ATOM   577  N N   . VAL A 1 87  ? 9.114   -0.868  15.519  1.00 46.19  ? 67  VAL A N   1 
ATOM   578  C CA  . VAL A 1 87  ? 7.842   -0.555  14.865  1.00 46.97  ? 67  VAL A CA  1 
ATOM   579  C C   . VAL A 1 87  ? 6.676   -0.464  15.840  1.00 47.65  ? 67  VAL A C   1 
ATOM   580  O O   . VAL A 1 87  ? 6.150   -1.482  16.325  1.00 47.52  ? 67  VAL A O   1 
ATOM   581  C CB  . VAL A 1 87  ? 7.542   -1.570  13.719  1.00 47.24  ? 67  VAL A CB  1 
ATOM   582  C CG1 . VAL A 1 87  ? 6.123   -1.424  13.209  1.00 47.33  ? 67  VAL A CG1 1 
ATOM   583  C CG2 . VAL A 1 87  ? 8.498   -1.321  12.596  1.00 47.33  ? 67  VAL A CG2 1 
ATOM   584  N N   . ASN A 1 88  ? 6.287   0.774   16.119  1.00 48.73  ? 68  ASN A N   1 
ATOM   585  C CA  . ASN A 1 88  ? 5.201   1.031   17.031  1.00 50.17  ? 68  ASN A CA  1 
ATOM   586  C C   . ASN A 1 88  ? 4.077   -0.027  17.074  1.00 50.15  ? 68  ASN A C   1 
ATOM   587  O O   . ASN A 1 88  ? 3.419   -0.324  16.082  1.00 49.37  ? 68  ASN A O   1 
ATOM   588  C CB  . ASN A 1 88  ? 4.619   2.417   16.757  1.00 52.24  ? 68  ASN A CB  1 
ATOM   589  C CG  . ASN A 1 88  ? 5.527   3.539   17.252  1.00 54.16  ? 68  ASN A CG  1 
ATOM   590  O OD1 . ASN A 1 88  ? 6.514   3.900   16.603  1.00 54.69  ? 68  ASN A OD1 1 
ATOM   591  N ND2 . ASN A 1 88  ? 5.207   4.084   18.412  1.00 54.69  ? 68  ASN A ND2 1 
ATOM   592  N N   . GLY A 1 89  ? 3.892   -0.607  18.259  1.00 52.23  ? 69  GLY A N   1 
ATOM   593  C CA  . GLY A 1 89  ? 2.850   -1.593  18.494  1.00 55.40  ? 69  GLY A CA  1 
ATOM   594  C C   . GLY A 1 89  ? 3.152   -3.005  18.061  1.00 59.37  ? 69  GLY A C   1 
ATOM   595  O O   . GLY A 1 89  ? 2.268   -3.862  18.110  1.00 59.00  ? 69  GLY A O   1 
ATOM   596  N N   . CYS A 1 90  ? 4.397   -3.252  17.650  1.00 64.04  ? 70  CYS A N   1 
ATOM   597  C CA  . CYS A 1 90  ? 4.794   -4.575  17.154  1.00 68.31  ? 70  CYS A CA  1 
ATOM   598  C C   . CYS A 1 90  ? 5.740   -5.350  18.072  1.00 77.88  ? 70  CYS A C   1 
ATOM   599  O O   . CYS A 1 90  ? 6.593   -4.772  18.760  1.00 79.65  ? 70  CYS A O   1 
ATOM   600  C CB  . CYS A 1 90  ? 5.401   -4.440  15.738  1.00 62.78  ? 70  CYS A CB  1 
ATOM   601  S SG  . CYS A 1 90  ? 4.192   -4.334  14.392  1.00 59.94  ? 70  CYS A SG  1 
ATOM   602  N N   . ASP A 1 91  ? 5.587   -6.670  18.055  1.00 83.08  ? 71  ASP A N   1 
ATOM   603  C CA  . ASP A 1 91  ? 6.374   -7.549  18.899  1.00 86.34  ? 71  ASP A CA  1 
ATOM   604  C C   . ASP A 1 91  ? 7.536   -8.239  18.203  1.00 84.83  ? 71  ASP A C   1 
ATOM   605  O O   . ASP A 1 91  ? 8.566   -8.510  18.821  1.00 85.43  ? 71  ASP A O   1 
ATOM   606  C CB  . ASP A 1 91  ? 5.454   -8.608  19.502  1.00 89.33  ? 71  ASP A CB  1 
ATOM   607  C CG  . ASP A 1 91  ? 4.249   -7.998  20.207  1.00 91.29  ? 71  ASP A CG  1 
ATOM   608  O OD1 . ASP A 1 91  ? 4.441   -7.069  21.030  1.00 91.76  ? 71  ASP A OD1 1 
ATOM   609  O OD2 . ASP A 1 91  ? 3.112   -8.452  19.943  1.00 91.76  ? 71  ASP A OD2 1 
ATOM   610  N N   . SER A 1 92  ? 7.366   -8.527  16.917  1.00 81.36  ? 72  SER A N   1 
ATOM   611  C CA  . SER A 1 92  ? 8.395   -9.207  16.146  1.00 77.05  ? 72  SER A CA  1 
ATOM   612  C C   . SER A 1 92  ? 9.015   -8.352  15.065  1.00 72.18  ? 72  SER A C   1 
ATOM   613  O O   . SER A 1 92  ? 8.597   -7.224  14.800  1.00 73.38  ? 72  SER A O   1 
ATOM   614  C CB  . SER A 1 92  ? 7.818   -10.457 15.509  1.00 76.70  ? 72  SER A CB  1 
ATOM   615  O OG  . SER A 1 92  ? 6.644   -10.134 14.790  1.00 76.40  ? 72  SER A OG  1 
ATOM   616  N N   . SER A 1 93  ? 10.018  -8.926  14.434  1.00 64.72  ? 73  SER A N   1 
ATOM   617  C CA  . SER A 1 93  ? 10.766  -8.289  13.375  1.00 57.58  ? 73  SER A CA  1 
ATOM   618  C C   . SER A 1 93  ? 11.100  -9.426  12.370  1.00 60.14  ? 73  SER A C   1 
ATOM   619  O O   . SER A 1 93  ? 11.291  -10.579 12.769  1.00 59.53  ? 73  SER A O   1 
ATOM   620  C CB  . SER A 1 93  ? 12.031  -7.661  13.973  1.00 50.37  ? 73  SER A CB  1 
ATOM   621  O OG  . SER A 1 93  ? 12.917  -7.146  12.992  1.00 47.11  ? 73  SER A OG  1 
ATOM   622  N N   . PRO A 1 94  ? 11.127  -9.128  11.050  1.00 64.58  ? 74  PRO A N   1 
ATOM   623  C CA  . PRO A 1 94  ? 10.838  -7.804  10.488  1.00 67.13  ? 74  PRO A CA  1 
ATOM   624  C C   . PRO A 1 94  ? 9.322   -7.673  10.412  1.00 68.93  ? 74  PRO A C   1 
ATOM   625  O O   . PRO A 1 94  ? 8.589   -8.627  10.704  1.00 68.48  ? 74  PRO A O   1 
ATOM   626  C CB  . PRO A 1 94  ? 11.484  -7.883  9.114   1.00 67.66  ? 74  PRO A CB  1 
ATOM   627  C CG  . PRO A 1 94  ? 11.102  -9.283  8.700   1.00 67.51  ? 74  PRO A CG  1 
ATOM   628  C CD  . PRO A 1 94  ? 11.408  -10.099 9.970   1.00 66.41  ? 74  PRO A CD  1 
ATOM   629  N N   . VAL A 1 95  ? 8.860   -6.492  10.027  1.00 71.42  ? 75  VAL A N   1 
ATOM   630  C CA  . VAL A 1 95  ? 7.426   -6.234  9.916   1.00 73.29  ? 75  VAL A CA  1 
ATOM   631  C C   . VAL A 1 95  ? 7.055   -5.841  8.475   1.00 68.46  ? 75  VAL A C   1 
ATOM   632  O O   . VAL A 1 95  ? 7.847   -5.192  7.779   1.00 69.70  ? 75  VAL A O   1 
ATOM   633  C CB  . VAL A 1 95  ? 7.001   -5.075  10.859  1.00 78.18  ? 75  VAL A CB  1 
ATOM   634  C CG1 . VAL A 1 95  ? 5.558   -5.231  11.214  1.00 79.42  ? 75  VAL A CG1 1 
ATOM   635  C CG2 . VAL A 1 95  ? 7.867   -5.046  12.116  1.00 79.42  ? 75  VAL A CG2 1 
ATOM   636  N N   . VAL A 1 96  ? 5.878   -6.260  8.014   1.00 60.54  ? 76  VAL A N   1 
ATOM   637  C CA  . VAL A 1 96  ? 5.432   -5.858  6.689   1.00 52.38  ? 76  VAL A CA  1 
ATOM   638  C C   . VAL A 1 96  ? 4.602   -4.630  6.951   1.00 49.32  ? 76  VAL A C   1 
ATOM   639  O O   . VAL A 1 96  ? 3.490   -4.749  7.501   1.00 48.73  ? 76  VAL A O   1 
ATOM   640  C CB  . VAL A 1 96  ? 4.442   -6.794  6.050   1.00 48.37  ? 76  VAL A CB  1 
ATOM   641  C CG1 . VAL A 1 96  ? 4.539   -6.646  4.540   1.00 47.32  ? 76  VAL A CG1 1 
ATOM   642  C CG2 . VAL A 1 96  ? 4.651   -8.176  6.523   1.00 47.32  ? 76  VAL A CG2 1 
ATOM   643  N N   . PHE A 1 97  ? 5.100   -3.468  6.550   1.00 48.24  ? 77  PHE A N   1 
ATOM   644  C CA  . PHE A 1 97  ? 4.367   -2.246  6.779   1.00 48.37  ? 77  PHE A CA  1 
ATOM   645  C C   . PHE A 1 97  ? 3.545   -1.805  5.553   1.00 44.47  ? 77  PHE A C   1 
ATOM   646  O O   . PHE A 1 97  ? 3.977   -1.975  4.419   1.00 43.36  ? 77  PHE A O   1 
ATOM   647  C CB  . PHE A 1 97  ? 5.354   -1.145  7.182   1.00 53.74  ? 77  PHE A CB  1 
ATOM   648  C CG  . PHE A 1 97  ? 4.761   -0.130  8.103   1.00 59.14  ? 77  PHE A CG  1 
ATOM   649  C CD1 . PHE A 1 97  ? 5.095   -0.120  9.441   1.00 61.31  ? 77  PHE A CD1 1 
ATOM   650  C CD2 . PHE A 1 97  ? 3.793   0.751   7.647   1.00 61.31  ? 77  PHE A CD2 1 
ATOM   651  C CE1 . PHE A 1 97  ? 4.465   0.747   10.311  1.00 62.52  ? 77  PHE A CE1 1 
ATOM   652  C CE2 . PHE A 1 97  ? 3.158   1.623   8.510   1.00 62.52  ? 77  PHE A CE2 1 
ATOM   653  C CZ  . PHE A 1 97  ? 3.492   1.622   9.845   1.00 62.89  ? 77  PHE A CZ  1 
ATOM   654  N N   . LEU A 1 98  ? 2.357   -1.260  5.766   1.00 43.31  ? 78  LEU A N   1 
ATOM   655  C CA  . LEU A 1 98  ? 1.562   -0.773  4.639   1.00 42.68  ? 78  LEU A CA  1 
ATOM   656  C C   . LEU A 1 98  ? 1.797   0.734   4.585   1.00 41.78  ? 78  LEU A C   1 
ATOM   657  O O   . LEU A 1 98  ? 1.165   1.481   5.322   1.00 42.02  ? 78  LEU A O   1 
ATOM   658  C CB  . LEU A 1 98  ? 0.086   -1.030  4.877   1.00 42.86  ? 78  LEU A CB  1 
ATOM   659  C CG  . LEU A 1 98  ? -0.744  -0.697  3.646   1.00 42.83  ? 78  LEU A CG  1 
ATOM   660  C CD1 . LEU A 1 98  ? -0.715  -1.891  2.710   1.00 42.79  ? 78  LEU A CD1 1 
ATOM   661  C CD2 . LEU A 1 98  ? -2.172  -0.357  4.028   1.00 42.79  ? 78  LEU A CD2 1 
ATOM   662  N N   . GLU A 1 99  ? 2.692   1.187   3.717   1.00 40.61  ? 79  GLU A N   1 
ATOM   663  C CA  . GLU A 1 99  ? 3.045   2.610   3.612   1.00 40.10  ? 79  GLU A CA  1 
ATOM   664  C C   . GLU A 1 99  ? 2.003   3.513   2.932   1.00 36.05  ? 79  GLU A C   1 
ATOM   665  O O   . GLU A 1 99  ? 1.897   4.724   3.198   1.00 34.59  ? 79  GLU A O   1 
ATOM   666  C CB  . GLU A 1 99  ? 4.353   2.724   2.848   1.00 44.91  ? 79  GLU A CB  1 
ATOM   667  C CG  . GLU A 1 99  ? 5.416   1.770   3.309   1.00 49.64  ? 79  GLU A CG  1 
ATOM   668  C CD  . GLU A 1 99  ? 6.122   2.257   4.562   1.00 53.42  ? 79  GLU A CD  1 
ATOM   669  O OE1 . GLU A 1 99  ? 6.741   1.425   5.273   1.00 54.38  ? 79  GLU A OE1 1 
ATOM   670  O OE2 . GLU A 1 99  ? 6.067   3.482   4.827   1.00 54.38  ? 79  GLU A OE2 1 
ATOM   671  N N   . GLY A 1 100 ? 1.246   2.920   2.027   1.00 35.63  ? 80  GLY A N   1 
ATOM   672  C CA  . GLY A 1 100 ? 0.266   3.691   1.309   1.00 36.21  ? 80  GLY A CA  1 
ATOM   673  C C   . GLY A 1 100 ? -0.599  2.734   0.545   1.00 37.24  ? 80  GLY A C   1 
ATOM   674  O O   . GLY A 1 100 ? -0.093  1.742   0.019   1.00 37.20  ? 80  GLY A O   1 
ATOM   675  N N   . ILE A 1 101 ? -1.901  3.026   0.507   1.00 38.69  ? 81  ILE A N   1 
ATOM   676  C CA  . ILE A 1 101 ? -2.880  2.203   -0.195  1.00 40.67  ? 81  ILE A CA  1 
ATOM   677  C C   . ILE A 1 101 ? -3.841  3.270   -0.689  1.00 38.72  ? 81  ILE A C   1 
ATOM   678  O O   . ILE A 1 101 ? -4.045  4.249   -0.001  1.00 37.41  ? 81  ILE A O   1 
ATOM   679  C CB  . ILE A 1 101 ? -3.543  1.218   0.798   1.00 45.31  ? 81  ILE A CB  1 
ATOM   680  C CG1 . ILE A 1 101 ? -4.232  0.078   0.058   1.00 47.94  ? 81  ILE A CG1 1 
ATOM   681  C CG2 . ILE A 1 101 ? -4.538  1.957   1.680   1.00 46.17  ? 81  ILE A CG2 1 
ATOM   682  C CD1 . ILE A 1 101 ? -5.341  0.522   -0.730  1.00 49.09  ? 81  ILE A CD1 1 
ATOM   683  N N   . PHE A 1 102 ? -4.383  3.106   -1.892  1.00 40.01  ? 82  PHE A N   1 
ATOM   684  C CA  . PHE A 1 102 ? -5.308  4.066   -2.518  1.00 42.38  ? 82  PHE A CA  1 
ATOM   685  C C   . PHE A 1 102 ? -6.086  3.376   -3.679  1.00 40.29  ? 82  PHE A C   1 
ATOM   686  O O   . PHE A 1 102 ? -5.512  2.667   -4.518  1.00 39.86  ? 82  PHE A O   1 
ATOM   687  C CB  . PHE A 1 102 ? -4.507  5.265   -3.048  1.00 47.35  ? 82  PHE A CB  1 
ATOM   688  C CG  . PHE A 1 102 ? -5.320  6.227   -3.896  1.00 51.88  ? 82  PHE A CG  1 
ATOM   689  C CD1 . PHE A 1 102 ? -5.969  7.317   -3.323  1.00 53.60  ? 82  PHE A CD1 1 
ATOM   690  C CD2 . PHE A 1 102 ? -5.444  6.032   -5.283  1.00 53.60  ? 82  PHE A CD2 1 
ATOM   691  C CE1 . PHE A 1 102 ? -6.727  8.181   -4.111  1.00 54.48  ? 82  PHE A CE1 1 
ATOM   692  C CE2 . PHE A 1 102 ? -6.205  6.897   -6.068  1.00 54.48  ? 82  PHE A CE2 1 
ATOM   693  C CZ  . PHE A 1 102 ? -6.838  7.966   -5.483  1.00 54.74  ? 82  PHE A CZ  1 
ATOM   694  N N   . VAL A 1 103 ? -7.394  3.577   -3.709  1.00 39.38  ? 83  VAL A N   1 
ATOM   695  C CA  . VAL A 1 103 ? -8.245  2.994   -4.730  1.00 39.10  ? 83  VAL A CA  1 
ATOM   696  C C   . VAL A 1 103 ? -9.066  4.081   -5.344  1.00 42.64  ? 83  VAL A C   1 
ATOM   697  O O   . VAL A 1 103 ? -9.698  4.834   -4.622  1.00 42.63  ? 83  VAL A O   1 
ATOM   698  C CB  . VAL A 1 103 ? -9.232  1.995   -4.142  1.00 36.02  ? 83  VAL A CB  1 
ATOM   699  C CG1 . VAL A 1 103 ? -10.130 1.437   -5.253  1.00 35.21  ? 83  VAL A CG1 1 
ATOM   700  C CG2 . VAL A 1 103 ? -8.474  0.902   -3.446  1.00 35.21  ? 83  VAL A CG2 1 
ATOM   701  N N   . LEU A 1 104 ? -9.100  4.165   -6.669  1.00 46.02  ? 84  LEU A N   1 
ATOM   702  C CA  . LEU A 1 104 ? -9.883  5.229   -7.304  1.00 48.48  ? 84  LEU A CA  1 
ATOM   703  C C   . LEU A 1 104 ? -11.234 5.319   -6.618  1.00 52.94  ? 84  LEU A C   1 
ATOM   704  O O   . LEU A 1 104 ? -11.857 4.280   -6.329  1.00 54.17  ? 84  LEU A O   1 
ATOM   705  C CB  . LEU A 1 104 ? -10.105 4.953   -8.784  1.00 45.01  ? 84  LEU A CB  1 
ATOM   706  C CG  . LEU A 1 104 ? -8.888  5.029   -9.692  1.00 41.45  ? 84  LEU A CG  1 
ATOM   707  C CD1 . LEU A 1 104 ? -9.248  4.476   -11.072 1.00 40.44  ? 84  LEU A CD1 1 
ATOM   708  C CD2 . LEU A 1 104 ? -8.421  6.446   -9.763  1.00 40.44  ? 84  LEU A CD2 1 
ATOM   709  N N   . PRO A 1 105 ? -11.706 6.563   -6.328  1.00 54.28  ? 85  PRO A N   1 
ATOM   710  C CA  . PRO A 1 105 ? -12.989 6.850   -5.670  1.00 54.43  ? 85  PRO A CA  1 
ATOM   711  C C   . PRO A 1 105 ? -14.061 5.951   -6.215  1.00 54.58  ? 85  PRO A C   1 
ATOM   712  O O   . PRO A 1 105 ? -14.652 5.156   -5.498  1.00 54.07  ? 85  PRO A O   1 
ATOM   713  C CB  . PRO A 1 105 ? -13.237 8.295   -6.039  1.00 54.52  ? 85  PRO A CB  1 
ATOM   714  C CG  . PRO A 1 105 ? -11.896 8.861   -5.942  1.00 54.64  ? 85  PRO A CG  1 
ATOM   715  C CD  . PRO A 1 105 ? -11.051 7.831   -6.696  1.00 54.63  ? 85  PRO A CD  1 
ATOM   716  N N   . SER A 1 106 ? -14.249 6.067   -7.520  1.00 55.93  ? 86  SER A N   1 
ATOM   717  C CA  . SER A 1 106 ? -15.212 5.295   -8.267  1.00 57.47  ? 86  SER A CA  1 
ATOM   718  C C   . SER A 1 106 ? -15.010 3.800   -8.279  1.00 54.11  ? 86  SER A C   1 
ATOM   719  O O   . SER A 1 106 ? -15.474 3.173   -9.216  1.00 53.84  ? 86  SER A O   1 
ATOM   720  C CB  . SER A 1 106 ? -15.236 5.796   -9.703  1.00 61.61  ? 86  SER A CB  1 
ATOM   721  O OG  . SER A 1 106 ? -13.995 6.415   -10.010 1.00 63.59  ? 86  SER A OG  1 
ATOM   722  N N   . PHE A 1 107 ? -14.313 3.232   -7.280  1.00 51.14  ? 87  PHE A N   1 
ATOM   723  C CA  . PHE A 1 107 ? -14.090 1.764   -7.150  1.00 48.28  ? 87  PHE A CA  1 
ATOM   724  C C   . PHE A 1 107 ? -13.939 1.350   -5.708  1.00 48.83  ? 87  PHE A C   1 
ATOM   725  O O   . PHE A 1 107 ? -13.517 0.219   -5.432  1.00 49.28  ? 87  PHE A O   1 
ATOM   726  C CB  . PHE A 1 107 ? -12.818 1.280   -7.832  1.00 44.84  ? 87  PHE A CB  1 
ATOM   727  C CG  . PHE A 1 107 ? -12.935 1.158   -9.302  1.00 41.73  ? 87  PHE A CG  1 
ATOM   728  C CD1 . PHE A 1 107 ? -12.818 2.277   -10.125 1.00 40.54  ? 87  PHE A CD1 1 
ATOM   729  C CD2 . PHE A 1 107 ? -13.170 -0.076  -9.882  1.00 40.54  ? 87  PHE A CD2 1 
ATOM   730  C CE1 . PHE A 1 107 ? -12.939 2.146   -11.501 1.00 39.91  ? 87  PHE A CE1 1 
ATOM   731  C CE2 . PHE A 1 107 ? -13.289 -0.203  -11.249 1.00 39.91  ? 87  PHE A CE2 1 
ATOM   732  C CZ  . PHE A 1 107 ? -13.176 0.897   -12.051 1.00 39.72  ? 87  PHE A CZ  1 
ATOM   733  N N   . ARG A 1 108 ? -14.244 2.251   -4.787  1.00 48.44  ? 88  ARG A N   1 
ATOM   734  C CA  . ARG A 1 108 ? -14.086 1.908   -3.388  1.00 48.00  ? 88  ARG A CA  1 
ATOM   735  C C   . ARG A 1 108 ? -15.270 1.139   -2.853  1.00 49.52  ? 88  ARG A C   1 
ATOM   736  O O   . ARG A 1 108 ? -16.359 1.219   -3.395  1.00 49.31  ? 88  ARG A O   1 
ATOM   737  C CB  . ARG A 1 108 ? -13.874 3.152   -2.554  1.00 46.41  ? 88  ARG A CB  1 
ATOM   738  C CG  . ARG A 1 108 ? -12.797 4.029   -3.100  1.00 45.34  ? 88  ARG A CG  1 
ATOM   739  C CD  . ARG A 1 108 ? -12.642 5.268   -2.261  1.00 44.75  ? 88  ARG A CD  1 
ATOM   740  N NE  . ARG A 1 108 ? -11.626 6.158   -2.799  1.00 44.50  ? 88  ARG A NE  1 
ATOM   741  C CZ  . ARG A 1 108 ? -11.362 7.322   -2.255  1.00 44.42  ? 88  ARG A CZ  1 
ATOM   742  N NH1 . ARG A 1 108 ? -12.069 7.647   -1.174  1.00 44.40  ? 88  ARG A NH1 1 
ATOM   743  N NH2 . ARG A 1 108 ? -10.450 8.134   -2.794  1.00 44.40  ? 88  ARG A NH2 1 
ATOM   744  N N   . GLN A 1 109 ? -15.042 0.398   -1.774  1.00 51.46  ? 89  GLN A N   1 
ATOM   745  C CA  . GLN A 1 109 ? -16.079 -0.412  -1.167  1.00 53.13  ? 89  GLN A CA  1 
ATOM   746  C C   . GLN A 1 109 ? -16.494 -1.441  -2.179  1.00 56.25  ? 89  GLN A C   1 
ATOM   747  O O   . GLN A 1 109 ? -17.615 -1.385  -2.672  1.00 56.99  ? 89  GLN A O   1 
ATOM   748  C CB  . GLN A 1 109 ? -17.278 0.446   -0.767  1.00 50.99  ? 89  GLN A CB  1 
ATOM   749  C CG  . GLN A 1 109 ? -16.902 1.403   0.312   1.00 48.85  ? 89  GLN A CG  1 
ATOM   750  C CD  . GLN A 1 109 ? -18.036 2.261   0.812   1.00 47.13  ? 89  GLN A CD  1 
ATOM   751  O OE1 . GLN A 1 109 ? -18.426 3.271   0.187   1.00 46.69  ? 89  GLN A OE1 1 
ATOM   752  N NE2 . GLN A 1 109 ? -18.577 1.865   1.973   1.00 46.69  ? 89  GLN A NE2 1 
ATOM   753  N N   . ARG A 1 110 ? -15.567 -2.345  -2.512  1.00 57.33  ? 90  ARG A N   1 
ATOM   754  C CA  . ARG A 1 110 ? -15.807 -3.435  -3.456  1.00 57.37  ? 90  ARG A CA  1 
ATOM   755  C C   . ARG A 1 110 ? -14.757 -4.481  -3.241  1.00 54.37  ? 90  ARG A C   1 
ATOM   756  O O   . ARG A 1 110 ? -14.678 -5.425  -4.010  1.00 54.71  ? 90  ARG A O   1 
ATOM   757  C CB  . ARG A 1 110 ? -15.744 -2.951  -4.890  1.00 59.39  ? 90  ARG A CB  1 
ATOM   758  C CG  . ARG A 1 110 ? -16.800 -1.955  -5.139  1.00 60.61  ? 90  ARG A CG  1 
ATOM   759  C CD  . ARG A 1 110 ? -16.447 -1.015  -6.189  1.00 61.23  ? 90  ARG A CD  1 
ATOM   760  N NE  . ARG A 1 110 ? -16.639 -1.627  -7.481  1.00 61.48  ? 90  ARG A NE  1 
ATOM   761  C CZ  . ARG A 1 110 ? -17.179 -0.979  -8.502  1.00 61.56  ? 90  ARG A CZ  1 
ATOM   762  N NH1 . ARG A 1 110 ? -17.575 0.279   -8.357  1.00 61.58  ? 90  ARG A NH1 1 
ATOM   763  N NH2 . ARG A 1 110 ? -17.312 -1.578  -9.672  1.00 61.58  ? 90  ARG A NH2 1 
ATOM   764  N N   . GLY A 1 111 ? -13.952 -4.301  -2.198  1.00 50.83  ? 91  GLY A N   1 
ATOM   765  C CA  . GLY A 1 111 ? -12.920 -5.261  -1.882  1.00 48.32  ? 91  GLY A CA  1 
ATOM   766  C C   . GLY A 1 111 ? -11.573 -5.073  -2.558  1.00 47.23  ? 91  GLY A C   1 
ATOM   767  O O   . GLY A 1 111 ? -10.689 -5.935  -2.404  1.00 46.31  ? 91  GLY A O   1 
ATOM   768  N N   . VAL A 1 112 ? -11.392 -3.972  -3.297  1.00 48.33  ? 92  VAL A N   1 
ATOM   769  C CA  . VAL A 1 112 ? -10.108 -3.722  -3.977  1.00 48.99  ? 92  VAL A CA  1 
ATOM   770  C C   . VAL A 1 112 ? -8.986  -3.547  -2.948  1.00 49.14  ? 92  VAL A C   1 
ATOM   771  O O   . VAL A 1 112 ? -7.999  -4.305  -2.960  1.00 51.06  ? 92  VAL A O   1 
ATOM   772  C CB  . VAL A 1 112 ? -10.160 -2.469  -4.896  1.00 48.08  ? 92  VAL A CB  1 
ATOM   773  C CG1 . VAL A 1 112 ? -8.805  -2.253  -5.568  1.00 47.69  ? 92  VAL A CG1 1 
ATOM   774  C CG2 . VAL A 1 112 ? -11.262 -2.645  -5.942  1.00 47.69  ? 92  VAL A CG2 1 
ATOM   775  N N   . ALA A 1 113 ? -9.130  -2.565  -2.057  1.00 45.00  ? 93  ALA A N   1 
ATOM   776  C CA  . ALA A 1 113 ? -8.115  -2.363  -1.043  1.00 41.10  ? 93  ALA A CA  1 
ATOM   777  C C   . ALA A 1 113 ? -7.959  -3.659  -0.238  1.00 42.37  ? 93  ALA A C   1 
ATOM   778  O O   . ALA A 1 113 ? -6.868  -3.999  0.223   1.00 40.98  ? 93  ALA A O   1 
ATOM   779  C CB  . ALA A 1 113 ? -8.498  -1.246  -0.161  1.00 38.87  ? 93  ALA A CB  1 
ATOM   780  N N   . LYS A 1 114 ? -9.054  -4.399  -0.104  1.00 47.40  ? 94  LYS A N   1 
ATOM   781  C CA  . LYS A 1 114 ? -9.051  -5.672  0.633   1.00 52.75  ? 94  LYS A CA  1 
ATOM   782  C C   . LYS A 1 114 ? -8.048  -6.643  -0.014  1.00 52.36  ? 94  LYS A C   1 
ATOM   783  O O   . LYS A 1 114 ? -7.179  -7.203  0.681   1.00 52.96  ? 94  LYS A O   1 
ATOM   784  C CB  . LYS A 1 114 ? -10.474 -6.276  0.645   1.00 57.39  ? 94  LYS A CB  1 
ATOM   785  C CG  . LYS A 1 114 ? -10.701 -7.419  1.628   1.00 60.60  ? 94  LYS A CG  1 
ATOM   786  C CD  . LYS A 1 114 ? -12.192 -7.821  1.682   1.00 62.45  ? 94  LYS A CD  1 
ATOM   787  C CE  . LYS A 1 114 ? -12.428 -8.933  2.755   1.00 63.29  ? 94  LYS A CE  1 
ATOM   788  N NZ  . LYS A 1 114 ? -13.756 -9.651  2.662   1.00 63.55  ? 94  LYS A NZ  1 
ATOM   789  N N   . GLN A 1 115 ? -8.165  -6.829  -1.336  1.00 50.23  ? 95  GLN A N   1 
ATOM   790  C CA  . GLN A 1 115 ? -7.256  -7.711  -2.077  1.00 47.64  ? 95  GLN A CA  1 
ATOM   791  C C   . GLN A 1 115 ? -5.857  -7.093  -2.125  1.00 46.21  ? 95  GLN A C   1 
ATOM   792  O O   . GLN A 1 115 ? -4.851  -7.777  -1.934  1.00 46.25  ? 95  GLN A O   1 
ATOM   793  C CB  . GLN A 1 115 ? -7.748  -7.943  -3.501  1.00 46.43  ? 95  GLN A CB  1 
ATOM   794  C CG  . GLN A 1 115 ? -9.164  -8.498  -3.635  1.00 45.41  ? 95  GLN A CG  1 
ATOM   795  C CD  . GLN A 1 115 ? -9.426  -8.931  -5.060  1.00 44.67  ? 95  GLN A CD  1 
ATOM   796  O OE1 . GLN A 1 115 ? -8.610  -9.634  -5.638  1.00 44.49  ? 95  GLN A OE1 1 
ATOM   797  N NE2 . GLN A 1 115 ? -10.542 -8.512  -5.636  1.00 44.49  ? 95  GLN A NE2 1 
ATOM   798  N N   . LEU A 1 116 ? -5.781  -5.799  -2.387  1.00 44.96  ? 96  LEU A N   1 
ATOM   799  C CA  . LEU A 1 116 ? -4.487  -5.180  -2.388  1.00 44.27  ? 96  LEU A CA  1 
ATOM   800  C C   . LEU A 1 116 ? -3.760  -5.482  -1.061  1.00 42.39  ? 96  LEU A C   1 
ATOM   801  O O   . LEU A 1 116 ? -2.630  -5.998  -1.073  1.00 41.59  ? 96  LEU A O   1 
ATOM   802  C CB  . LEU A 1 116 ? -4.640  -3.682  -2.597  1.00 46.37  ? 96  LEU A CB  1 
ATOM   803  C CG  . LEU A 1 116 ? -4.777  -3.272  -4.057  1.00 48.54  ? 96  LEU A CG  1 
ATOM   804  C CD1 . LEU A 1 116 ? -5.078  -1.798  -4.124  1.00 49.16  ? 96  LEU A CD1 1 
ATOM   805  C CD2 . LEU A 1 116 ? -3.503  -3.609  -4.799  1.00 49.16  ? 96  LEU A CD2 1 
ATOM   806  N N   . ILE A 1 117 ? -4.397  -5.171  0.079   1.00 42.47  ? 97  ILE A N   1 
ATOM   807  C CA  . ILE A 1 117 ? -3.768  -5.424  1.389   1.00 42.90  ? 97  ILE A CA  1 
ATOM   808  C C   . ILE A 1 117 ? -3.438  -6.903  1.537   1.00 44.75  ? 97  ILE A C   1 
ATOM   809  O O   . ILE A 1 117 ? -2.397  -7.228  2.100   1.00 45.32  ? 97  ILE A O   1 
ATOM   810  C CB  . ILE A 1 117 ? -4.661  -4.989  2.616   1.00 41.36  ? 97  ILE A CB  1 
ATOM   811  C CG1 . ILE A 1 117 ? -4.439  -3.502  2.984   1.00 40.44  ? 97  ILE A CG1 1 
ATOM   812  C CG2 . ILE A 1 117 ? -4.308  -5.845  3.836   1.00 41.09  ? 97  ILE A CG2 1 
ATOM   813  C CD1 . ILE A 1 117 ? -5.488  -2.501  2.458   1.00 40.03  ? 97  ILE A CD1 1 
ATOM   814  N N   . ALA A 1 118 ? -4.310  -7.793  1.047   1.00 45.39  ? 98  ALA A N   1 
ATOM   815  C CA  . ALA A 1 118 ? -4.063  -9.249  1.116   1.00 46.12  ? 98  ALA A CA  1 
ATOM   816  C C   . ALA A 1 118 ? -2.769  -9.612  0.389   1.00 48.68  ? 98  ALA A C   1 
ATOM   817  O O   . ALA A 1 118 ? -1.937  -10.341 0.910   1.00 48.59  ? 98  ALA A O   1 
ATOM   818  C CB  . ALA A 1 118 ? -5.229  -10.030 0.507   1.00 45.24  ? 98  ALA A CB  1 
ATOM   819  N N   . ALA A 1 119 ? -2.603  -9.102  -0.821  1.00 51.65  ? 99  ALA A N   1 
ATOM   820  C CA  . ALA A 1 119 ? -1.385  -9.345  -1.577  1.00 54.30  ? 99  ALA A CA  1 
ATOM   821  C C   . ALA A 1 119 ? -0.144  -8.686  -0.957  1.00 55.41  ? 99  ALA A C   1 
ATOM   822  O O   . ALA A 1 119 ? 0.965   -8.972  -1.383  1.00 55.72  ? 99  ALA A O   1 
ATOM   823  C CB  . ALA A 1 119 ? -1.550  -8.837  -2.977  1.00 54.92  ? 99  ALA A CB  1 
ATOM   824  N N   . VAL A 1 120 ? -0.320  -7.771  -0.004  1.00 55.21  ? 100 VAL A N   1 
ATOM   825  C CA  . VAL A 1 120 ? 0.828   -7.118  0.641   1.00 54.16  ? 100 VAL A CA  1 
ATOM   826  C C   . VAL A 1 120 ? 1.187   -7.958  1.840   1.00 58.98  ? 100 VAL A C   1 
ATOM   827  O O   . VAL A 1 120 ? 2.319   -7.924  2.325   1.00 60.59  ? 100 VAL A O   1 
ATOM   828  C CB  . VAL A 1 120 ? 0.527   -5.669  1.132   1.00 47.77  ? 100 VAL A CB  1 
ATOM   829  C CG1 . VAL A 1 120 ? 1.643   -5.177  2.000   1.00 45.93  ? 100 VAL A CG1 1 
ATOM   830  C CG2 . VAL A 1 120 ? 0.373   -4.722  -0.054  1.00 45.93  ? 100 VAL A CG2 1 
ATOM   831  N N   . GLN A 1 121 ? 0.212   -8.722  2.320   1.00 60.01  ? 101 GLN A N   1 
ATOM   832  C CA  . GLN A 1 121 ? 0.443   -9.589  3.466   1.00 60.18  ? 101 GLN A CA  1 
ATOM   833  C C   . GLN A 1 121 ? 1.178   -10.827 2.995   1.00 65.88  ? 101 GLN A C   1 
ATOM   834  O O   . GLN A 1 121 ? 2.191   -11.224 3.580   1.00 65.12  ? 101 GLN A O   1 
ATOM   835  C CB  . GLN A 1 121 ? -0.881  -9.990  4.105   1.00 55.17  ? 101 GLN A CB  1 
ATOM   836  C CG  . GLN A 1 121 ? -0.713  -11.065 5.151   1.00 51.21  ? 101 GLN A CG  1 
ATOM   837  C CD  . GLN A 1 121 ? -1.993  -11.311 5.914   1.00 48.48  ? 101 GLN A CD  1 
ATOM   838  O OE1 . GLN A 1 121 ? -2.050  -12.202 6.799   1.00 47.83  ? 101 GLN A OE1 1 
ATOM   839  N NE2 . GLN A 1 121 ? -3.047  -10.515 5.591   1.00 47.83  ? 101 GLN A NE2 1 
ATOM   840  N N   . ARG A 1 122 ? 0.650   -11.415 1.922   1.00 73.47  ? 102 ARG A N   1 
ATOM   841  C CA  . ARG A 1 122 ? 1.209   -12.608 1.316   1.00 81.28  ? 102 ARG A CA  1 
ATOM   842  C C   . ARG A 1 122 ? 2.667   -12.397 0.906   1.00 75.40  ? 102 ARG A C   1 
ATOM   843  O O   . ARG A 1 122 ? 3.470   -13.337 0.951   1.00 74.73  ? 102 ARG A O   1 
ATOM   844  C CB  . ARG A 1 122 ? 0.372   -13.006 0.101   1.00 94.18  ? 102 ARG A CB  1 
ATOM   845  C CG  . ARG A 1 122 ? 0.805   -14.313 -0.549  1.00 104.43 ? 102 ARG A CG  1 
ATOM   846  C CD  . ARG A 1 122 ? -0.098  -14.700 -1.735  1.00 111.16 ? 102 ARG A CD  1 
ATOM   847  N NE  . ARG A 1 122 ? 0.352   -15.943 -2.370  1.00 114.67 ? 102 ARG A NE  1 
ATOM   848  C CZ  . ARG A 1 122 ? 1.560   -16.117 -2.910  1.00 116.17 ? 102 ARG A CZ  1 
ATOM   849  N NH1 . ARG A 1 122 ? 2.450   -15.122 -2.906  1.00 116.42 ? 102 ARG A NH1 1 
ATOM   850  N NH2 . ARG A 1 122 ? 1.894   -17.293 -3.439  1.00 116.42 ? 102 ARG A NH2 1 
ATOM   851  N N   . TRP A 1 123 ? 3.005   -11.166 0.516   1.00 70.80  ? 103 TRP A N   1 
ATOM   852  C CA  . TRP A 1 123 ? 4.381   -10.822 0.118   1.00 66.89  ? 103 TRP A CA  1 
ATOM   853  C C   . TRP A 1 123 ? 5.287   -10.779 1.349   1.00 69.89  ? 103 TRP A C   1 
ATOM   854  O O   . TRP A 1 123 ? 6.430   -11.267 1.340   1.00 70.33  ? 103 TRP A O   1 
ATOM   855  C CB  . TRP A 1 123 ? 4.416   -9.442  -0.535  1.00 60.47  ? 103 TRP A CB  1 
ATOM   856  C CG  . TRP A 1 123 ? 5.794   -8.945  -0.738  1.00 54.94  ? 103 TRP A CG  1 
ATOM   857  C CD1 . TRP A 1 123 ? 6.721   -9.470  -1.572  1.00 53.03  ? 103 TRP A CD1 1 
ATOM   858  C CD2 . TRP A 1 123 ? 6.407   -7.802  -0.128  1.00 52.56  ? 103 TRP A CD2 1 
ATOM   859  N NE1 . TRP A 1 123 ? 7.883   -8.741  -1.530  1.00 52.06  ? 103 TRP A NE1 1 
ATOM   860  C CE2 . TRP A 1 123 ? 7.729   -7.716  -0.638  1.00 51.82  ? 103 TRP A CE2 1 
ATOM   861  C CE3 . TRP A 1 123 ? 5.991   -6.864  0.827   1.00 51.84  ? 103 TRP A CE3 1 
ATOM   862  C CZ2 . TRP A 1 123 ? 8.625   -6.690  -0.270  1.00 51.53  ? 103 TRP A CZ2 1 
ATOM   863  C CZ3 . TRP A 1 123 ? 6.877   -5.846  1.200   1.00 51.54  ? 103 TRP A CZ3 1 
ATOM   864  C CH2 . TRP A 1 123 ? 8.193   -5.780  0.660   1.00 51.47  ? 103 TRP A CH2 1 
ATOM   865  N N   . GLY A 1 124 ? 4.745   -10.163 2.400   1.00 71.77  ? 104 GLY A N   1 
ATOM   866  C CA  . GLY A 1 124 ? 5.451   -9.992  3.653   1.00 72.45  ? 104 GLY A CA  1 
ATOM   867  C C   . GLY A 1 124 ? 5.518   -11.256 4.461   1.00 71.74  ? 104 GLY A C   1 
ATOM   868  O O   . GLY A 1 124 ? 6.361   -11.371 5.348   1.00 72.67  ? 104 GLY A O   1 
ATOM   869  N N   . THR A 1 125 ? 4.614   -12.193 4.198   1.00 68.49  ? 105 THR A N   1 
ATOM   870  C CA  . THR A 1 125 ? 4.667   -13.468 4.907   1.00 64.86  ? 105 THR A CA  1 
ATOM   871  C C   . THR A 1 125 ? 5.881   -14.189 4.309   1.00 64.00  ? 105 THR A C   1 
ATOM   872  O O   . THR A 1 125 ? 6.849   -14.519 5.009   1.00 63.74  ? 105 THR A O   1 
ATOM   873  C CB  . THR A 1 125 ? 3.384   -14.317 4.678   1.00 62.54  ? 105 THR A CB  1 
ATOM   874  O OG1 . THR A 1 125 ? 2.394   -13.970 5.660   1.00 61.93  ? 105 THR A OG1 1 
ATOM   875  C CG2 . THR A 1 125 ? 3.692   -15.781 4.793   1.00 61.93  ? 105 THR A CG2 1 
ATOM   876  N N   . ASN A 1 126 ? 5.832   -14.368 2.990   1.00 63.99  ? 106 ASN A N   1 
ATOM   877  C CA  . ASN A 1 126 ? 6.898   -15.039 2.240   1.00 64.38  ? 106 ASN A CA  1 
ATOM   878  C C   . ASN A 1 126 ? 8.239   -14.374 2.453   1.00 61.76  ? 106 ASN A C   1 
ATOM   879  O O   . ASN A 1 126 ? 9.245   -14.804 1.887   1.00 61.18  ? 106 ASN A O   1 
ATOM   880  C CB  . ASN A 1 126 ? 6.592   -15.046 0.732   1.00 67.78  ? 106 ASN A CB  1 
ATOM   881  C CG  . ASN A 1 126 ? 5.319   -15.815 0.395   1.00 70.76  ? 106 ASN A CG  1 
ATOM   882  O OD1 . ASN A 1 126 ? 4.899   -15.832 -0.766  1.00 71.56  ? 106 ASN A OD1 1 
ATOM   883  N ND2 . ASN A 1 126 ? 4.695   -16.450 1.406   1.00 71.56  ? 106 ASN A ND2 1 
ATOM   884  N N   . LYS A 1 127 ? 8.279   -13.332 3.264   1.00 60.81  ? 107 LYS A N   1 
ATOM   885  C CA  . LYS A 1 127 ? 9.551   -12.676 3.456   1.00 60.94  ? 107 LYS A CA  1 
ATOM   886  C C   . LYS A 1 127 ? 9.955   -12.679 4.934   1.00 62.91  ? 107 LYS A C   1 
ATOM   887  O O   . LYS A 1 127 ? 10.867  -11.927 5.346   1.00 62.21  ? 107 LYS A O   1 
ATOM   888  C CB  . LYS A 1 127 ? 9.483   -11.258 2.868   1.00 60.30  ? 107 LYS A CB  1 
ATOM   889  C CG  . LYS A 1 127 ? 10.772  -10.823 2.189   1.00 60.32  ? 107 LYS A CG  1 
ATOM   890  C CD  . LYS A 1 127 ? 10.529  -10.127 0.861   1.00 60.59  ? 107 LYS A CD  1 
ATOM   891  C CE  . LYS A 1 127 ? 11.880  -9.878  0.163   1.00 60.83  ? 107 LYS A CE  1 
ATOM   892  N NZ  . LYS A 1 127 ? 11.770  -9.491  -1.294  1.00 60.93  ? 107 LYS A NZ  1 
ATOM   893  N N   . GLY A 1 128 ? 9.276   -13.543 5.708   1.00 66.36  ? 108 GLY A N   1 
ATOM   894  C CA  . GLY A 1 128 ? 9.549   -13.703 7.136   1.00 69.06  ? 108 GLY A CA  1 
ATOM   895  C C   . GLY A 1 128 ? 8.710   -12.956 8.184   1.00 70.23  ? 108 GLY A C   1 
ATOM   896  O O   . GLY A 1 128 ? 8.694   -13.319 9.363   1.00 71.49  ? 108 GLY A O   1 
ATOM   897  N N   . CYS A 1 129 ? 7.977   -11.934 7.763   1.00 68.17  ? 109 CYS A N   1 
ATOM   898  C CA  . CYS A 1 129 ? 7.207   -11.113 8.680   1.00 65.99  ? 109 CYS A CA  1 
ATOM   899  C C   . CYS A 1 129 ? 6.052   -11.748 9.415   1.00 68.23  ? 109 CYS A C   1 
ATOM   900  O O   . CYS A 1 129 ? 5.102   -12.227 8.786   1.00 66.93  ? 109 CYS A O   1 
ATOM   901  C CB  . CYS A 1 129 ? 6.704   -9.895  7.928   1.00 63.14  ? 109 CYS A CB  1 
ATOM   902  S SG  . CYS A 1 129 ? 8.021   -9.061  7.018   1.00 61.96  ? 109 CYS A SG  1 
ATOM   903  N N   . ARG A 1 130 ? 6.133   -11.702 10.753  1.00 73.90  ? 110 ARG A N   1 
ATOM   904  C CA  . ARG A 1 130 ? 5.094   -12.243 11.663  1.00 80.31  ? 110 ARG A CA  1 
ATOM   905  C C   . ARG A 1 130 ? 3.864   -11.321 11.697  1.00 75.31  ? 110 ARG A C   1 
ATOM   906  O O   . ARG A 1 130 ? 2.721   -11.782 11.796  1.00 74.82  ? 110 ARG A O   1 
ATOM   907  C CB  . ARG A 1 130 ? 5.644   -12.387 13.103  1.00 91.24  ? 110 ARG A CB  1 
ATOM   908  C CG  . ARG A 1 130 ? 6.312   -13.737 13.463  1.00 99.99  ? 110 ARG A CG  1 
ATOM   909  C CD  . ARG A 1 130 ? 7.415   -13.593 14.564  1.00 105.75 ? 110 ARG A CD  1 
ATOM   910  N NE  . ARG A 1 130 ? 8.762   -13.389 13.998  1.00 108.77 ? 110 ARG A NE  1 
ATOM   911  C CZ  . ARG A 1 130 ? 9.885   -13.176 14.701  1.00 110.06 ? 110 ARG A CZ  1 
ATOM   912  N NH1 . ARG A 1 130 ? 9.862   -13.123 16.032  1.00 110.27 ? 110 ARG A NH1 1 
ATOM   913  N NH2 . ARG A 1 130 ? 11.055  -13.034 14.070  1.00 110.27 ? 110 ARG A NH2 1 
ATOM   914  N N   . GLU A 1 131 ? 4.113   -10.016 11.584  1.00 71.08  ? 111 GLU A N   1 
ATOM   915  C CA  . GLU A 1 131 ? 3.041   -9.021  11.652  1.00 66.85  ? 111 GLU A CA  1 
ATOM   916  C C   . GLU A 1 131 ? 2.996   -7.978  10.541  1.00 64.98  ? 111 GLU A C   1 
ATOM   917  O O   . GLU A 1 131 ? 4.024   -7.533  10.050  1.00 66.14  ? 111 GLU A O   1 
ATOM   918  C CB  . GLU A 1 131 ? 3.154   -8.276  12.970  1.00 63.96  ? 111 GLU A CB  1 
ATOM   919  C CG  . GLU A 1 131 ? 3.578   -9.122  14.140  1.00 61.24  ? 111 GLU A CG  1 
ATOM   920  C CD  . GLU A 1 131 ? 4.094   -8.275  15.281  1.00 59.13  ? 111 GLU A CD  1 
ATOM   921  O OE1 . GLU A 1 131 ? 3.276   -7.829  16.127  1.00 58.60  ? 111 GLU A OE1 1 
ATOM   922  O OE2 . GLU A 1 131 ? 5.329   -8.043  15.299  1.00 58.60  ? 111 GLU A OE2 1 
ATOM   923  N N   . MET A 1 132 ? 1.793   -7.578  10.165  1.00 60.45  ? 112 MET A N   1 
ATOM   924  C CA  . MET A 1 132 ? 1.634   -6.551  9.145   1.00 55.40  ? 112 MET A CA  1 
ATOM   925  C C   . MET A 1 132 ? 1.192   -5.298  9.880   1.00 53.66  ? 112 MET A C   1 
ATOM   926  O O   . MET A 1 132 ? 0.076   -5.224  10.375  1.00 53.66  ? 112 MET A O   1 
ATOM   927  C CB  . MET A 1 132 ? 0.566   -6.940  8.120   1.00 52.38  ? 112 MET A CB  1 
ATOM   928  C CG  . MET A 1 132 ? 0.467   -5.966  6.968   1.00 50.14  ? 112 MET A CG  1 
ATOM   929  S SD  . MET A 1 132 ? -0.798  -6.383  5.757   1.00 48.82  ? 112 MET A SD  1 
ATOM   930  C CE  . MET A 1 132 ? -1.927  -7.456  6.765   1.00 48.34  ? 112 MET A CE  1 
ATOM   931  N N   . ALA A 1 133 ? 2.080   -4.324  9.963   1.00 52.08  ? 113 ALA A N   1 
ATOM   932  C CA  . ALA A 1 133 ? 1.797   -3.071  10.631  1.00 50.59  ? 113 ALA A CA  1 
ATOM   933  C C   . ALA A 1 133 ? 1.253   -2.073  9.636   1.00 49.26  ? 113 ALA A C   1 
ATOM   934  O O   . ALA A 1 133 ? 1.239   -2.342  8.441   1.00 49.48  ? 113 ALA A O   1 
ATOM   935  C CB  . ALA A 1 133 ? 3.067   -2.536  11.209  1.00 50.49  ? 113 ALA A CB  1 
ATOM   936  N N   . SER A 1 134 ? 0.797   -0.924  10.122  1.00 47.38  ? 114 SER A N   1 
ATOM   937  C CA  . SER A 1 134 ? 0.317   0.161   9.243   1.00 45.25  ? 114 SER A CA  1 
ATOM   938  C C   . SER A 1 134 ? 0.066   1.394   10.075  1.00 43.83  ? 114 SER A C   1 
ATOM   939  O O   . SER A 1 134 ? 0.186   1.349   11.301  1.00 44.25  ? 114 SER A O   1 
ATOM   940  C CB  . SER A 1 134 ? -0.998  -0.181  8.516   1.00 44.42  ? 114 SER A CB  1 
ATOM   941  O OG  . SER A 1 134 ? -1.445  0.927   7.728   1.00 43.97  ? 114 SER A OG  1 
ATOM   942  N N   . ASP A 1 135 ? -0.261  2.498   9.420   1.00 41.58  ? 115 ASP A N   1 
ATOM   943  C CA  . ASP A 1 135 ? -0.598  3.662   10.179  1.00 39.46  ? 115 ASP A CA  1 
ATOM   944  C C   . ASP A 1 135 ? -1.529  4.623   9.451   1.00 38.93  ? 115 ASP A C   1 
ATOM   945  O O   . ASP A 1 135 ? -1.636  4.611   8.226   1.00 38.56  ? 115 ASP A O   1 
ATOM   946  C CB  . ASP A 1 135 ? 0.674   4.353   10.675  1.00 38.47  ? 115 ASP A CB  1 
ATOM   947  C CG  . ASP A 1 135 ? 1.357   5.190   9.629   1.00 37.93  ? 115 ASP A CG  1 
ATOM   948  O OD1 . ASP A 1 135 ? 0.689   6.019   8.958   1.00 37.82  ? 115 ASP A OD1 1 
ATOM   949  O OD2 . ASP A 1 135 ? 2.588   5.045   9.506   1.00 37.82  ? 115 ASP A OD2 1 
ATOM   950  N N   . THR A 1 136 ? -2.251  5.429   10.216  1.00 39.42  ? 116 THR A N   1 
ATOM   951  C CA  . THR A 1 136 ? -3.130  6.430   9.631   1.00 40.23  ? 116 THR A CA  1 
ATOM   952  C C   . THR A 1 136 ? -3.254  7.682   10.520  1.00 44.09  ? 116 THR A C   1 
ATOM   953  O O   . THR A 1 136 ? -2.864  7.696   11.698  1.00 44.08  ? 116 THR A O   1 
ATOM   954  C CB  . THR A 1 136 ? -4.537  5.844   9.277   1.00 37.64  ? 116 THR A CB  1 
ATOM   955  O OG1 . THR A 1 136 ? -5.156  6.661   8.272   1.00 36.93  ? 116 THR A OG1 1 
ATOM   956  C CG2 . THR A 1 136 ? -5.424  5.772   10.511  1.00 36.93  ? 116 THR A CG2 1 
ATOM   957  N N   . SER A 1 137 ? -3.770  8.744   9.901   1.00 48.03  ? 117 SER A N   1 
ATOM   958  C CA  . SER A 1 137 ? -3.952  10.047  10.520  1.00 51.92  ? 117 SER A CA  1 
ATOM   959  C C   . SER A 1 137 ? -5.276  10.088  11.222  1.00 55.04  ? 117 SER A C   1 
ATOM   960  O O   . SER A 1 137 ? -6.245  9.492   10.741  1.00 54.74  ? 117 SER A O   1 
ATOM   961  C CB  . SER A 1 137 ? -3.949  11.137  9.461   1.00 52.59  ? 117 SER A CB  1 
ATOM   962  O OG  . SER A 1 137 ? -4.300  12.357  10.069  1.00 52.91  ? 117 SER A OG  1 
ATOM   963  N N   . PRO A 1 138 ? -5.345  10.790  12.372  1.00 58.60  ? 118 PRO A N   1 
ATOM   964  C CA  . PRO A 1 138 ? -6.597  10.894  13.133  1.00 60.47  ? 118 PRO A CA  1 
ATOM   965  C C   . PRO A 1 138 ? -7.740  11.447  12.257  1.00 61.42  ? 118 PRO A C   1 
ATOM   966  O O   . PRO A 1 138 ? -8.834  10.897  12.267  1.00 61.60  ? 118 PRO A O   1 
ATOM   967  C CB  . PRO A 1 138 ? -6.212  11.804  14.286  1.00 60.85  ? 118 PRO A CB  1 
ATOM   968  C CG  . PRO A 1 138 ? -4.772  11.446  14.508  1.00 60.65  ? 118 PRO A CG  1 
ATOM   969  C CD  . PRO A 1 138 ? -4.229  11.412  13.105  1.00 59.88  ? 118 PRO A CD  1 
ATOM   970  N N   . GLU A 1 139 ? -7.478  12.497  11.479  1.00 62.15  ? 119 GLU A N   1 
ATOM   971  C CA  . GLU A 1 139 ? -8.489  13.070  10.576  1.00 63.55  ? 119 GLU A CA  1 
ATOM   972  C C   . GLU A 1 139 ? -9.007  12.059  9.565   1.00 60.59  ? 119 GLU A C   1 
ATOM   973  O O   . GLU A 1 139 ? -10.029 12.291  8.928   1.00 59.31  ? 119 GLU A O   1 
ATOM   974  C CB  . GLU A 1 139 ? -7.934  14.245  9.773   1.00 68.98  ? 119 GLU A CB  1 
ATOM   975  C CG  . GLU A 1 139 ? -7.402  15.386  10.610  1.00 74.23  ? 119 GLU A CG  1 
ATOM   976  C CD  . GLU A 1 139 ? -6.173  14.984  11.402  1.00 78.40  ? 119 GLU A CD  1 
ATOM   977  O OE1 . GLU A 1 139 ? -5.058  14.959  10.813  1.00 79.46  ? 119 GLU A OE1 1 
ATOM   978  O OE2 . GLU A 1 139 ? -6.333  14.673  12.605  1.00 79.46  ? 119 GLU A OE2 1 
ATOM   979  N N   . ASN A 1 140 ? -8.294  10.948  9.396   1.00 60.38  ? 120 ASN A N   1 
ATOM   980  C CA  . ASN A 1 140 ? -8.697  9.895   8.454   1.00 60.02  ? 120 ASN A CA  1 
ATOM   981  C C   . ASN A 1 140 ? -9.596  8.870   9.150   1.00 62.92  ? 120 ASN A C   1 
ATOM   982  O O   . ASN A 1 140 ? -9.128  7.846   9.683   1.00 64.98  ? 120 ASN A O   1 
ATOM   983  C CB  . ASN A 1 140 ? -7.473  9.184   7.890   1.00 55.19  ? 120 ASN A CB  1 
ATOM   984  C CG  . ASN A 1 140 ? -7.688  8.708   6.489   1.00 50.41  ? 120 ASN A CG  1 
ATOM   985  O OD1 . ASN A 1 140 ? -8.801  8.432   6.087   1.00 49.06  ? 120 ASN A OD1 1 
ATOM   986  N ND2 . ASN A 1 140 ? -6.627  8.589   5.742   1.00 49.06  ? 120 ASN A ND2 1 
ATOM   987  N N   . THR A 1 141 ? -10.894 9.161   9.142   1.00 60.68  ? 121 THR A N   1 
ATOM   988  C CA  . THR A 1 141 ? -11.866 8.273   9.766   1.00 56.95  ? 121 THR A CA  1 
ATOM   989  C C   . THR A 1 141 ? -12.112 7.093   8.845   1.00 56.26  ? 121 THR A C   1 
ATOM   990  O O   . THR A 1 141 ? -12.214 5.948   9.311   1.00 56.76  ? 121 THR A O   1 
ATOM   991  C CB  . THR A 1 141 ? -13.212 8.987   9.991   1.00 53.49  ? 121 THR A CB  1 
ATOM   992  O OG1 . THR A 1 141 ? -12.977 10.253  10.630  1.00 52.50  ? 121 THR A OG1 1 
ATOM   993  C CG2 . THR A 1 141 ? -14.162 8.101   10.834  1.00 52.50  ? 121 THR A CG2 1 
ATOM   994  N N   . ILE A 1 142 ? -12.202 7.382   7.537   1.00 54.20  ? 122 ILE A N   1 
ATOM   995  C CA  . ILE A 1 142 ? -12.451 6.313   6.585   1.00 51.43  ? 122 ILE A CA  1 
ATOM   996  C C   . ILE A 1 142 ? -11.312 5.326   6.661   1.00 50.67  ? 122 ILE A C   1 
ATOM   997  O O   . ILE A 1 142 ? -11.551 4.112   6.721   1.00 51.51  ? 122 ILE A O   1 
ATOM   998  C CB  . ILE A 1 142 ? -12.577 6.770   5.124   1.00 48.80  ? 122 ILE A CB  1 
ATOM   999  C CG1 . ILE A 1 142 ? -13.775 7.702   4.935   1.00 47.24  ? 122 ILE A CG1 1 
ATOM   1000 C CG2 . ILE A 1 142 ? -12.771 5.544   4.264   1.00 48.31  ? 122 ILE A CG2 1 
ATOM   1001 C CD1 . ILE A 1 142 ? -13.953 8.227   3.499   1.00 46.56  ? 122 ILE A CD1 1 
ATOM   1002 N N   . SER A 1 143 ? -10.079 5.829   6.660   1.00 47.99  ? 123 SER A N   1 
ATOM   1003 C CA  . SER A 1 143 ? -8.948  4.930   6.761   1.00 45.21  ? 123 SER A CA  1 
ATOM   1004 C C   . SER A 1 143 ? -9.097  4.112   8.034   1.00 44.92  ? 123 SER A C   1 
ATOM   1005 O O   . SER A 1 143 ? -9.078  2.881   7.984   1.00 44.19  ? 123 SER A O   1 
ATOM   1006 C CB  . SER A 1 143 ? -7.636  5.687   6.807   1.00 43.63  ? 123 SER A CB  1 
ATOM   1007 O OG  . SER A 1 143 ? -6.571  4.785   7.047   1.00 42.98  ? 123 SER A OG  1 
ATOM   1008 N N   . GLN A 1 144 ? -9.261  4.802   9.166   1.00 46.66  ? 124 GLN A N   1 
ATOM   1009 C CA  . GLN A 1 144 ? -9.423  4.160   10.477  1.00 49.22  ? 124 GLN A CA  1 
ATOM   1010 C C   . GLN A 1 144 ? -10.395 2.999   10.450  1.00 48.07  ? 124 GLN A C   1 
ATOM   1011 O O   . GLN A 1 144 ? -10.059 1.912   10.953  1.00 47.17  ? 124 GLN A O   1 
ATOM   1012 C CB  . GLN A 1 144 ? -9.893  5.169   11.519  1.00 53.57  ? 124 GLN A CB  1 
ATOM   1013 C CG  . GLN A 1 144 ? -8.789  5.799   12.314  1.00 57.46  ? 124 GLN A CG  1 
ATOM   1014 C CD  . GLN A 1 144 ? -9.253  7.060   13.035  1.00 60.36  ? 124 GLN A CD  1 
ATOM   1015 O OE1 . GLN A 1 144 ? -9.673  7.016   14.193  1.00 61.07  ? 124 GLN A OE1 1 
ATOM   1016 N NE2 . GLN A 1 144 ? -9.197  8.193   12.337  1.00 61.07  ? 124 GLN A NE2 1 
ATOM   1017 N N   . LYS A 1 145 ? -11.593 3.229   9.882   1.00 49.08  ? 125 LYS A N   1 
ATOM   1018 C CA  . LYS A 1 145 ? -12.633 2.181   9.793   1.00 50.61  ? 125 LYS A CA  1 
ATOM   1019 C C   . LYS A 1 145 ? -12.125 0.999   8.984   1.00 49.30  ? 125 LYS A C   1 
ATOM   1020 O O   . LYS A 1 145 ? -12.095 -0.146  9.481   1.00 49.48  ? 125 LYS A O   1 
ATOM   1021 C CB  . LYS A 1 145 ? -13.915 2.695   9.138   1.00 53.31  ? 125 LYS A CB  1 
ATOM   1022 C CG  . LYS A 1 145 ? -14.774 3.557   10.025  1.00 55.44  ? 125 LYS A CG  1 
ATOM   1023 C CD  . LYS A 1 145 ? -15.939 4.091   9.200   1.00 56.81  ? 125 LYS A CD  1 
ATOM   1024 C CE  . LYS A 1 145 ? -16.538 5.373   9.751   1.00 57.51  ? 125 LYS A CE  1 
ATOM   1025 N NZ  . LYS A 1 145 ? -17.318 5.150   11.003  1.00 57.74  ? 125 LYS A NZ  1 
ATOM   1026 N N   . VAL A 1 146 ? -11.707 1.301   7.748   1.00 47.45  ? 126 VAL A N   1 
ATOM   1027 C CA  . VAL A 1 146 ? -11.166 0.314   6.836   1.00 45.48  ? 126 VAL A CA  1 
ATOM   1028 C C   . VAL A 1 146 ? -10.193 -0.611  7.563   1.00 49.32  ? 126 VAL A C   1 
ATOM   1029 O O   . VAL A 1 146 ? -10.327 -1.841  7.509   1.00 49.76  ? 126 VAL A O   1 
ATOM   1030 C CB  . VAL A 1 146 ? -10.449 0.996   5.672   1.00 40.12  ? 126 VAL A CB  1 
ATOM   1031 C CG1 . VAL A 1 146 ? -9.875  -0.036  4.721   1.00 38.64  ? 126 VAL A CG1 1 
ATOM   1032 C CG2 . VAL A 1 146 ? -11.419 1.878   4.930   1.00 38.64  ? 126 VAL A CG2 1 
ATOM   1033 N N   . HIS A 1 147 ? -9.231  -0.026  8.273   1.00 52.24  ? 127 HIS A N   1 
ATOM   1034 C CA  . HIS A 1 147 ? -8.237  -0.832  8.969   1.00 54.79  ? 127 HIS A CA  1 
ATOM   1035 C C   . HIS A 1 147 ? -8.883  -1.819  9.896   1.00 57.42  ? 127 HIS A C   1 
ATOM   1036 O O   . HIS A 1 147 ? -8.441  -2.973  10.013  1.00 57.35  ? 127 HIS A O   1 
ATOM   1037 C CB  . HIS A 1 147 ? -7.244  0.046   9.745   1.00 54.52  ? 127 HIS A CB  1 
ATOM   1038 C CG  . HIS A 1 147 ? -6.108  0.544   8.908   1.00 54.24  ? 127 HIS A CG  1 
ATOM   1039 N ND1 . HIS A 1 147 ? -6.203  1.666   8.105   1.00 54.14  ? 127 HIS A ND1 1 
ATOM   1040 C CD2 . HIS A 1 147 ? -4.871  0.029   8.696   1.00 54.14  ? 127 HIS A CD2 1 
ATOM   1041 C CE1 . HIS A 1 147 ? -5.075  1.817   7.434   1.00 54.10  ? 127 HIS A CE1 1 
ATOM   1042 N NE2 . HIS A 1 147 ? -4.251  0.838   7.773   1.00 54.10  ? 127 HIS A NE2 1 
ATOM   1043 N N   . GLN A 1 148 ? -9.947  -1.361  10.546  1.00 59.87  ? 128 GLN A N   1 
ATOM   1044 C CA  . GLN A 1 148 ? -10.655 -2.195  11.503  1.00 61.54  ? 128 GLN A CA  1 
ATOM   1045 C C   . GLN A 1 148 ? -11.383 -3.280  10.750  1.00 60.56  ? 128 GLN A C   1 
ATOM   1046 O O   . GLN A 1 148 ? -11.239 -4.456  11.074  1.00 61.78  ? 128 GLN A O   1 
ATOM   1047 C CB  . GLN A 1 148 ? -11.584 -1.321  12.340  1.00 62.71  ? 128 GLN A CB  1 
ATOM   1048 C CG  . GLN A 1 148 ? -10.792 -0.193  13.067  1.00 63.00  ? 128 GLN A CG  1 
ATOM   1049 C CD  . GLN A 1 148 ? -10.407 -0.524  14.530  1.00 62.90  ? 128 GLN A CD  1 
ATOM   1050 O OE1 . GLN A 1 148 ? -11.183 -0.274  15.465  1.00 62.84  ? 128 GLN A OE1 1 
ATOM   1051 N NE2 . GLN A 1 148 ? -9.216  -1.091  14.723  1.00 62.84  ? 128 GLN A NE2 1 
ATOM   1052 N N   . ALA A 1 149 ? -12.106 -2.894  9.701   1.00 56.74  ? 129 ALA A N   1 
ATOM   1053 C CA  . ALA A 1 149 ? -12.836 -3.871  8.883   1.00 53.22  ? 129 ALA A CA  1 
ATOM   1054 C C   . ALA A 1 149 ? -11.927 -5.008  8.396   1.00 53.82  ? 129 ALA A C   1 
ATOM   1055 O O   . ALA A 1 149 ? -12.311 -6.179  8.452   1.00 54.38  ? 129 ALA A O   1 
ATOM   1056 C CB  . ALA A 1 149 ? -13.487 -3.197  7.699   1.00 51.14  ? 129 ALA A CB  1 
ATOM   1057 N N   . LEU A 1 150 ? -10.718 -4.669  7.947   1.00 53.69  ? 130 LEU A N   1 
ATOM   1058 C CA  . LEU A 1 150 ? -9.770  -5.662  7.441   1.00 52.89  ? 130 LEU A CA  1 
ATOM   1059 C C   . LEU A 1 150 ? -8.999  -6.382  8.550   1.00 53.25  ? 130 LEU A C   1 
ATOM   1060 O O   . LEU A 1 150 ? -7.922  -6.975  8.318   1.00 53.62  ? 130 LEU A O   1 
ATOM   1061 C CB  . LEU A 1 150 ? -8.803  -5.004  6.444   1.00 51.09  ? 130 LEU A CB  1 
ATOM   1062 C CG  . LEU A 1 150 ? -9.495  -4.433  5.202   1.00 49.29  ? 130 LEU A CG  1 
ATOM   1063 C CD1 . LEU A 1 150 ? -8.501  -4.091  4.135   1.00 48.79  ? 130 LEU A CD1 1 
ATOM   1064 C CD2 . LEU A 1 150 ? -10.456 -5.472  4.671   1.00 48.79  ? 130 LEU A CD2 1 
ATOM   1065 N N   . GLY A 1 151 ? -9.537  -6.340  9.760   1.00 52.84  ? 131 GLY A N   1 
ATOM   1066 C CA  . GLY A 1 151 ? -8.872  -7.058  10.826  1.00 52.90  ? 131 GLY A CA  1 
ATOM   1067 C C   . GLY A 1 151 ? -7.554  -6.522  11.348  1.00 53.85  ? 131 GLY A C   1 
ATOM   1068 O O   . GLY A 1 151 ? -6.665  -7.276  11.727  1.00 53.07  ? 131 GLY A O   1 
ATOM   1069 N N   . PHE A 1 152 ? -7.404  -5.211  11.341  1.00 56.72  ? 132 PHE A N   1 
ATOM   1070 C CA  . PHE A 1 152 ? -6.210  -4.619  11.912  1.00 59.75  ? 132 PHE A CA  1 
ATOM   1071 C C   . PHE A 1 152 ? -6.706  -4.131  13.284  1.00 61.86  ? 132 PHE A C   1 
ATOM   1072 O O   . PHE A 1 152 ? -7.852  -3.612  13.378  1.00 61.63  ? 132 PHE A O   1 
ATOM   1073 C CB  . PHE A 1 152 ? -5.726  -3.416  11.081  1.00 60.45  ? 132 PHE A CB  1 
ATOM   1074 C CG  . PHE A 1 152 ? -4.827  -3.781  9.939   1.00 60.71  ? 132 PHE A CG  1 
ATOM   1075 C CD1 . PHE A 1 152 ? -5.352  -4.109  8.699   1.00 60.68  ? 132 PHE A CD1 1 
ATOM   1076 C CD2 . PHE A 1 152 ? -3.456  -3.759  10.094  1.00 60.68  ? 132 PHE A CD2 1 
ATOM   1077 C CE1 . PHE A 1 152 ? -4.522  -4.402  7.630   1.00 60.58  ? 132 PHE A CE1 1 
ATOM   1078 C CE2 . PHE A 1 152 ? -2.621  -4.053  9.034   1.00 60.58  ? 132 PHE A CE2 1 
ATOM   1079 C CZ  . PHE A 1 152 ? -3.155  -4.372  7.800   1.00 60.54  ? 132 PHE A CZ  1 
ATOM   1080 N N   . GLU A 1 153 ? -5.886  -4.327  14.327  1.00 64.80  ? 133 GLU A N   1 
ATOM   1081 C CA  . GLU A 1 153 ? -6.222  -3.861  15.670  1.00 68.74  ? 133 GLU A CA  1 
ATOM   1082 C C   . GLU A 1 153 ? -5.426  -2.613  15.867  1.00 60.41  ? 133 GLU A C   1 
ATOM   1083 O O   . GLU A 1 153 ? -4.256  -2.606  15.557  1.00 58.19  ? 133 GLU A O   1 
ATOM   1084 C CB  . GLU A 1 153 ? -5.749  -4.802  16.767  1.00 82.19  ? 133 GLU A CB  1 
ATOM   1085 C CG  . GLU A 1 153 ? -6.152  -6.256  16.666  1.00 94.16  ? 133 GLU A CG  1 
ATOM   1086 C CD  . GLU A 1 153 ? -5.620  -7.022  17.865  1.00 103.17 ? 133 GLU A CD  1 
ATOM   1087 O OE1 . GLU A 1 153 ? -4.525  -6.641  18.367  1.00 105.40 ? 133 GLU A OE1 1 
ATOM   1088 O OE2 . GLU A 1 153 ? -6.296  -7.981  18.304  1.00 105.40 ? 133 GLU A OE2 1 
ATOM   1089 N N   . GLU A 1 154 ? -6.046  -1.565  16.393  1.00 57.41  ? 134 GLU A N   1 
ATOM   1090 C CA  . GLU A 1 154 ? -5.349  -0.303  16.681  1.00 56.10  ? 134 GLU A CA  1 
ATOM   1091 C C   . GLU A 1 154 ? -4.348  -0.567  17.813  1.00 58.80  ? 134 GLU A C   1 
ATOM   1092 O O   . GLU A 1 154 ? -4.746  -0.955  18.885  1.00 59.33  ? 134 GLU A O   1 
ATOM   1093 C CB  . GLU A 1 154 ? -6.376  0.744   17.107  1.00 52.81  ? 134 GLU A CB  1 
ATOM   1094 C CG  . GLU A 1 154 ? -5.850  1.838   18.006  1.00 50.17  ? 134 GLU A CG  1 
ATOM   1095 C CD  . GLU A 1 154 ? -6.715  3.088   17.897  1.00 48.25  ? 134 GLU A CD  1 
ATOM   1096 O OE1 . GLU A 1 154 ? -6.429  4.096   18.574  1.00 47.77  ? 134 GLU A OE1 1 
ATOM   1097 O OE2 . GLU A 1 154 ? -7.686  3.053   17.102  1.00 47.77  ? 134 GLU A OE2 1 
ATOM   1098 N N   . THR A 1 155 ? -3.056  -0.385  17.589  1.00 60.27  ? 135 THR A N   1 
ATOM   1099 C CA  . THR A 1 155 ? -2.112  -0.669  18.657  1.00 60.91  ? 135 THR A CA  1 
ATOM   1100 C C   . THR A 1 155 ? -1.761  0.494   19.530  1.00 61.80  ? 135 THR A C   1 
ATOM   1101 O O   . THR A 1 155 ? -1.825  0.388   20.746  1.00 62.65  ? 135 THR A O   1 
ATOM   1102 C CB  . THR A 1 155 ? -0.761  -1.247  18.169  1.00 59.80  ? 135 THR A CB  1 
ATOM   1103 O OG1 . THR A 1 155 ? -0.200  -0.409  17.147  1.00 59.43  ? 135 THR A OG1 1 
ATOM   1104 C CG2 . THR A 1 155 ? -0.935  -2.656  17.682  1.00 59.43  ? 135 THR A CG2 1 
ATOM   1105 N N   . GLU A 1 156 ? -1.372  1.608   18.939  1.00 60.38  ? 136 GLU A N   1 
ATOM   1106 C CA  . GLU A 1 156 ? -0.968  2.737   19.758  1.00 57.94  ? 136 GLU A CA  1 
ATOM   1107 C C   . GLU A 1 156 ? -1.089  4.040   18.961  1.00 54.01  ? 136 GLU A C   1 
ATOM   1108 O O   . GLU A 1 156 ? -1.118  3.996   17.738  1.00 54.55  ? 136 GLU A O   1 
ATOM   1109 C CB  . GLU A 1 156 ? 0.466   2.446   20.257  1.00 58.51  ? 136 GLU A CB  1 
ATOM   1110 C CG  . GLU A 1 156 ? 1.529   3.510   19.995  1.00 58.60  ? 136 GLU A CG  1 
ATOM   1111 C CD  . GLU A 1 156 ? 2.933   3.133   20.534  1.00 58.51  ? 136 GLU A CD  1 
ATOM   1112 O OE1 . GLU A 1 156 ? 3.706   4.071   20.838  1.00 58.47  ? 136 GLU A OE1 1 
ATOM   1113 O OE2 . GLU A 1 156 ? 3.272   1.923   20.642  1.00 58.47  ? 136 GLU A OE2 1 
ATOM   1114 N N   . ARG A 1 157 ? -1.228  5.187   19.617  1.00 48.93  ? 137 ARG A N   1 
ATOM   1115 C CA  . ARG A 1 157 ? -1.307  6.451   18.878  1.00 44.22  ? 137 ARG A CA  1 
ATOM   1116 C C   . ARG A 1 157 ? -0.096  7.191   19.316  1.00 39.45  ? 137 ARG A C   1 
ATOM   1117 O O   . ARG A 1 157 ? 0.299   7.066   20.461  1.00 38.50  ? 137 ARG A O   1 
ATOM   1118 C CB  . ARG A 1 157 ? -2.544  7.261   19.263  1.00 45.42  ? 137 ARG A CB  1 
ATOM   1119 C CG  . ARG A 1 157 ? -3.843  6.757   18.653  1.00 46.97  ? 137 ARG A CG  1 
ATOM   1120 C CD  . ARG A 1 157 ? -4.998  7.058   19.581  1.00 48.30  ? 137 ARG A CD  1 
ATOM   1121 N NE  . ARG A 1 157 ? -6.233  6.491   19.057  1.00 49.13  ? 137 ARG A NE  1 
ATOM   1122 C CZ  . ARG A 1 157 ? -7.061  7.133   18.242  1.00 49.52  ? 137 ARG A CZ  1 
ATOM   1123 N NH1 . ARG A 1 157 ? -6.786  8.381   17.866  1.00 49.59  ? 137 ARG A NH1 1 
ATOM   1124 N NH2 . ARG A 1 157 ? -8.144  6.518   17.792  1.00 49.59  ? 137 ARG A NH2 1 
ATOM   1125 N N   . VAL A 1 158 ? 0.529   7.963   18.451  1.00 37.34  ? 138 VAL A N   1 
ATOM   1126 C CA  . VAL A 1 158 ? 1.717   8.622   18.946  1.00 36.39  ? 138 VAL A CA  1 
ATOM   1127 C C   . VAL A 1 158 ? 1.923   9.912   18.234  1.00 37.86  ? 138 VAL A C   1 
ATOM   1128 O O   . VAL A 1 158 ? 1.311   10.143  17.188  1.00 37.26  ? 138 VAL A O   1 
ATOM   1129 C CB  . VAL A 1 158 ? 3.000   7.692   18.788  1.00 35.09  ? 138 VAL A CB  1 
ATOM   1130 C CG1 . VAL A 1 158 ? 2.590   6.225   18.709  1.00 34.80  ? 138 VAL A CG1 1 
ATOM   1131 C CG2 . VAL A 1 158 ? 3.810   8.025   17.543  1.00 34.80  ? 138 VAL A CG2 1 
ATOM   1132 N N   . ILE A 1 159 ? 2.760   10.751  18.834  1.00 40.93  ? 139 ILE A N   1 
ATOM   1133 C CA  . ILE A 1 159 ? 3.157   12.030  18.262  1.00 44.26  ? 139 ILE A CA  1 
ATOM   1134 C C   . ILE A 1 159 ? 4.629   11.881  17.837  1.00 42.83  ? 139 ILE A C   1 
ATOM   1135 O O   . ILE A 1 159 ? 5.417   11.315  18.576  1.00 42.78  ? 139 ILE A O   1 
ATOM   1136 C CB  . ILE A 1 159 ? 3.097   13.139  19.298  1.00 48.67  ? 139 ILE A CB  1 
ATOM   1137 C CG1 . ILE A 1 159 ? 1.647   13.430  19.653  1.00 50.78  ? 139 ILE A CG1 1 
ATOM   1138 C CG2 . ILE A 1 159 ? 3.811   14.387  18.773  1.00 49.55  ? 139 ILE A CG2 1 
ATOM   1139 C CD1 . ILE A 1 159 ? 1.526   14.516  20.685  1.00 51.64  ? 139 ILE A CD1 1 
ATOM   1140 N N   . PHE A 1 160 ? 5.009   12.366  16.659  1.00 41.47  ? 140 PHE A N   1 
ATOM   1141 C CA  . PHE A 1 160 ? 6.405   12.266  16.232  1.00 40.35  ? 140 PHE A CA  1 
ATOM   1142 C C   . PHE A 1 160 ? 7.078   13.629  16.283  1.00 41.29  ? 140 PHE A C   1 
ATOM   1143 O O   . PHE A 1 160 ? 6.393   14.642  16.244  1.00 40.77  ? 140 PHE A O   1 
ATOM   1144 C CB  . PHE A 1 160 ? 6.511   11.739  14.813  1.00 38.89  ? 140 PHE A CB  1 
ATOM   1145 C CG  . PHE A 1 160 ? 6.278   10.285  14.707  1.00 37.79  ? 140 PHE A CG  1 
ATOM   1146 C CD1 . PHE A 1 160 ? 4.996   9.762   14.813  1.00 37.40  ? 140 PHE A CD1 1 
ATOM   1147 C CD2 . PHE A 1 160 ? 7.338   9.422   14.490  1.00 37.40  ? 140 PHE A CD2 1 
ATOM   1148 C CE1 . PHE A 1 160 ? 4.784   8.375   14.696  1.00 37.20  ? 140 PHE A CE1 1 
ATOM   1149 C CE2 . PHE A 1 160 ? 7.145   8.064   14.374  1.00 37.20  ? 140 PHE A CE2 1 
ATOM   1150 C CZ  . PHE A 1 160 ? 5.875   7.529   14.473  1.00 37.14  ? 140 PHE A CZ  1 
ATOM   1151 N N   . TYR A 1 161 ? 8.411   13.645  16.397  1.00 43.91  ? 141 TYR A N   1 
ATOM   1152 C CA  . TYR A 1 161 ? 9.194   14.871  16.401  1.00 47.76  ? 141 TYR A CA  1 
ATOM   1153 C C   . TYR A 1 161 ? 10.428  14.664  15.566  1.00 48.65  ? 141 TYR A C   1 
ATOM   1154 O O   . TYR A 1 161 ? 10.857  13.526  15.346  1.00 46.95  ? 141 TYR A O   1 
ATOM   1155 C CB  . TYR A 1 161 ? 9.646   15.251  17.779  1.00 52.39  ? 141 TYR A CB  1 
ATOM   1156 C CG  . TYR A 1 161 ? 8.539   15.470  18.731  1.00 57.27  ? 141 TYR A CG  1 
ATOM   1157 C CD1 . TYR A 1 161 ? 7.822   14.403  19.242  1.00 59.26  ? 141 TYR A CD1 1 
ATOM   1158 C CD2 . TYR A 1 161 ? 8.201   16.754  19.130  1.00 59.26  ? 141 TYR A CD2 1 
ATOM   1159 C CE1 . TYR A 1 161 ? 6.780   14.612  20.143  1.00 60.38  ? 141 TYR A CE1 1 
ATOM   1160 C CE2 . TYR A 1 161 ? 7.162   16.976  20.031  1.00 60.38  ? 141 TYR A CE2 1 
ATOM   1161 C CZ  . TYR A 1 161 ? 6.454   15.904  20.536  1.00 60.80  ? 141 TYR A CZ  1 
ATOM   1162 O OH  . TYR A 1 161 ? 5.448   16.142  21.444  1.00 60.99  ? 141 TYR A OH  1 
ATOM   1163 N N   . ARG A 1 162 ? 10.965  15.786  15.092  1.00 53.63  ? 142 ARG A N   1 
ATOM   1164 C CA  . ARG A 1 162 ? 12.159  15.847  14.254  1.00 59.12  ? 142 ARG A CA  1 
ATOM   1165 C C   . ARG A 1 162 ? 12.991  16.982  14.809  1.00 58.05  ? 142 ARG A C   1 
ATOM   1166 O O   . ARG A 1 162 ? 12.448  17.930  15.361  1.00 58.43  ? 142 ARG A O   1 
ATOM   1167 C CB  . ARG A 1 162 ? 11.804  16.177  12.789  1.00 64.79  ? 142 ARG A CB  1 
ATOM   1168 C CG  . ARG A 1 162 ? 13.023  16.490  11.937  1.00 68.86  ? 142 ARG A CG  1 
ATOM   1169 C CD  . ARG A 1 162 ? 12.695  17.021  10.544  1.00 71.27  ? 142 ARG A CD  1 
ATOM   1170 N NE  . ARG A 1 162 ? 13.498  18.217  10.224  1.00 72.40  ? 142 ARG A NE  1 
ATOM   1171 C CZ  . ARG A 1 162 ? 13.968  18.563  9.017   1.00 72.84  ? 142 ARG A CZ  1 
ATOM   1172 N NH1 . ARG A 1 162 ? 13.737  17.803  7.951   1.00 72.91  ? 142 ARG A NH1 1 
ATOM   1173 N NH2 . ARG A 1 162 ? 14.664  19.693  8.878   1.00 72.91  ? 142 ARG A NH2 1 
ATOM   1174 N N   . LYS A 1 163 ? 14.304  16.863  14.701  1.00 56.13  ? 143 LYS A N   1 
ATOM   1175 C CA  . LYS A 1 163 ? 15.213  17.912  15.125  1.00 55.01  ? 143 LYS A CA  1 
ATOM   1176 C C   . LYS A 1 163 ? 16.345  17.657  14.161  1.00 59.76  ? 143 LYS A C   1 
ATOM   1177 O O   . LYS A 1 163 ? 16.630  16.500  13.803  1.00 57.78  ? 143 LYS A O   1 
ATOM   1178 C CB  . LYS A 1 163 ? 15.682  17.753  16.572  1.00 51.45  ? 143 LYS A CB  1 
ATOM   1179 C CG  . LYS A 1 163 ? 16.644  18.861  17.035  1.00 49.43  ? 143 LYS A CG  1 
ATOM   1180 C CD  . LYS A 1 163 ? 17.087  18.660  18.534  1.00 48.44  ? 143 LYS A CD  1 
ATOM   1181 C CE  . LYS A 1 163 ? 17.975  19.818  19.124  1.00 48.05  ? 143 LYS A CE  1 
ATOM   1182 N NZ  . LYS A 1 163 ? 19.314  19.974  18.400  1.00 47.94  ? 143 LYS A NZ  1 
ATOM   1183 N N   . ARG A 1 164 ? 16.972  18.726  13.695  1.00 69.83  ? 144 ARG A N   1 
ATOM   1184 C CA  . ARG A 1 164 ? 18.038  18.525  12.750  1.00 81.60  ? 144 ARG A CA  1 
ATOM   1185 C C   . ARG A 1 164 ? 19.290  18.300  13.553  1.00 82.01  ? 144 ARG A C   1 
ATOM   1186 O O   . ARG A 1 164 ? 19.400  18.804  14.676  1.00 80.27  ? 144 ARG A O   1 
ATOM   1187 C CB  . ARG A 1 164 ? 18.181  19.736  11.845  1.00 93.64  ? 144 ARG A CB  1 
ATOM   1188 C CG  . ARG A 1 164 ? 19.096  19.456  10.687  1.00 103.71 ? 144 ARG A CG  1 
ATOM   1189 C CD  . ARG A 1 164 ? 19.421  20.695  9.901   1.00 110.52 ? 144 ARG A CD  1 
ATOM   1190 N NE  . ARG A 1 164 ? 20.476  20.401  8.939   1.00 114.14 ? 144 ARG A NE  1 
ATOM   1191 C CZ  . ARG A 1 164 ? 20.919  21.274  8.046   1.00 115.71 ? 144 ARG A CZ  1 
ATOM   1192 N NH1 . ARG A 1 164 ? 20.381  22.491  8.008   1.00 115.98 ? 144 ARG A NH1 1 
ATOM   1193 N NH2 . ARG A 1 164 ? 21.889  20.936  7.196   1.00 115.98 ? 144 ARG A NH2 1 
ATOM   1194 N N   . CYS A 1 165 ? 20.226  17.541  12.984  1.00 86.15  ? 145 CYS A N   1 
ATOM   1195 C CA  . CYS A 1 165 ? 21.481  17.233  13.666  1.00 90.81  ? 145 CYS A CA  1 
ATOM   1196 C C   . CYS A 1 165 ? 22.686  18.123  13.392  1.00 93.89  ? 145 CYS A C   1 
ATOM   1197 O O   . CYS A 1 165 ? 22.710  18.850  12.365  1.00 94.76  ? 145 CYS A O   1 
ATOM   1198 C CB  . CYS A 1 165 ? 21.886  15.795  13.383  1.00 91.67  ? 145 CYS A CB  1 
ATOM   1199 S SG  . CYS A 1 165 ? 21.033  14.690  14.442  1.00 91.97  ? 145 CYS A SG  1 
ATOM   1200 O OXT . CYS A 1 165 ? 23.622  18.028  14.222  1.00 94.64  ? 145 CYS A OXT 1 
HETATM 1201 S S   . SO4 B 2 .   ? -3.046  8.665   6.353   1.00 93.51  ? 800 SO4 A S   1 
HETATM 1202 O O1  . SO4 B 2 .   ? -3.572  7.279   6.337   1.00 93.51  ? 800 SO4 A O1  1 
HETATM 1203 O O2  . SO4 B 2 .   ? -1.801  8.783   5.462   1.00 93.51  ? 800 SO4 A O2  1 
HETATM 1204 O O3  . SO4 B 2 .   ? -4.063  9.749   5.853   1.00 93.51  ? 800 SO4 A O3  1 
HETATM 1205 O O4  . SO4 B 2 .   ? -2.797  9.078   7.819   1.00 93.51  ? 800 SO4 A O4  1 
HETATM 1206 N N1A . COA C 3 .   ? -16.453 4.154   4.968   1.00 58.94  ? 600 COA A N1A 1 
HETATM 1207 C C2A . COA C 3 .   ? -16.599 3.183   5.930   1.00 58.94  ? 600 COA A C2A 1 
HETATM 1208 N N3A . COA C 3 .   ? -16.204 1.899   5.881   1.00 58.94  ? 600 COA A N3A 1 
HETATM 1209 C C4A . COA C 3 .   ? -15.558 1.542   4.688   1.00 58.94  ? 600 COA A C4A 1 
HETATM 1210 C C5A . COA C 3 .   ? -15.364 2.486   3.644   1.00 58.94  ? 600 COA A C5A 1 
HETATM 1211 C C6A . COA C 3 .   ? -15.836 3.817   3.794   1.00 58.94  ? 600 COA A C6A 1 
HETATM 1212 N N6A . COA C 3 .   ? -15.618 4.670   2.734   1.00 58.94  ? 600 COA A N6A 1 
HETATM 1213 N N7A . COA C 3 .   ? -14.727 1.933   2.556   1.00 58.94  ? 600 COA A N7A 1 
HETATM 1214 C C8A . COA C 3 .   ? -14.515 0.693   2.880   1.00 58.94  ? 600 COA A C8A 1 
HETATM 1215 N N9A . COA C 3 .   ? -15.003 0.428   4.111   1.00 58.94  ? 600 COA A N9A 1 
HETATM 1216 C C1B . COA C 3 .   ? -14.934 -0.879  4.728   1.00 58.94  ? 600 COA A C1B 1 
HETATM 1217 C C2B . COA C 3 .   ? -15.689 -1.919  3.890   1.00 58.94  ? 600 COA A C2B 1 
HETATM 1218 O O2B . COA C 3 .   ? -17.114 -1.881  4.121   1.00 58.94  ? 600 COA A O2B 1 
HETATM 1219 C C3B . COA C 3 .   ? -15.112 -3.137  4.487   1.00 58.94  ? 600 COA A C3B 1 
HETATM 1220 O O3B . COA C 3 .   ? -15.502 -4.299  3.845   1.00 58.94  ? 600 COA A O3B 1 
HETATM 1221 P P3B . COA C 3 .   ? -15.901 -5.609  4.778   1.00 58.94  ? 600 COA A P3B 1 
HETATM 1222 O O7A . COA C 3 .   ? -15.751 -5.186  6.235   1.00 58.94  ? 600 COA A O7A 1 
HETATM 1223 O O8A . COA C 3 .   ? -14.988 -6.786  4.381   1.00 58.94  ? 600 COA A O8A 1 
HETATM 1224 O O9A . COA C 3 .   ? -17.355 -5.805  4.422   1.00 58.94  ? 600 COA A O9A 1 
HETATM 1225 C C4B . COA C 3 .   ? -13.618 -2.784  4.461   1.00 58.94  ? 600 COA A C4B 1 
HETATM 1226 O O4B . COA C 3 .   ? -13.605 -1.377  4.758   1.00 58.94  ? 600 COA A O4B 1 
HETATM 1227 C C5B . COA C 3 .   ? -12.738 -3.079  3.211   1.00 58.94  ? 600 COA A C5B 1 
HETATM 1228 O O5B . COA C 3 .   ? -12.974 -2.067  2.191   1.00 58.94  ? 600 COA A O5B 1 
HETATM 1229 P P1A . COA C 3 .   ? -12.469 -2.133  0.608   1.00 58.94  ? 600 COA A P1A 1 
HETATM 1230 O O1A . COA C 3 .   ? -11.716 -3.379  0.277   1.00 58.94  ? 600 COA A O1A 1 
HETATM 1231 O O2A . COA C 3 .   ? -13.706 -1.910  -0.191  1.00 58.94  ? 600 COA A O2A 1 
HETATM 1232 O O3A . COA C 3 .   ? -11.522 -0.870  0.464   1.00 58.94  ? 600 COA A O3A 1 
HETATM 1233 P P2A . COA C 3 .   ? -11.666 0.372   -0.503  1.00 58.94  ? 600 COA A P2A 1 
HETATM 1234 O O4A . COA C 3 .   ? -11.776 -0.051  -1.925  1.00 58.94  ? 600 COA A O4A 1 
HETATM 1235 O O5A . COA C 3 .   ? -12.837 1.223   -0.185  1.00 58.94  ? 600 COA A O5A 1 
HETATM 1236 O O6A . COA C 3 .   ? -10.416 1.425   -0.264  1.00 58.94  ? 600 COA A O6A 1 
HETATM 1237 C CBP . COA C 3 .   ? -9.050  3.106   1.057   1.00 58.94  ? 600 COA A CBP 1 
HETATM 1238 C CCP . COA C 3 .   ? -10.136 1.975   1.050   1.00 58.94  ? 600 COA A CCP 1 
HETATM 1239 C CDP . COA C 3 .   ? -8.570  3.258   2.502   1.00 58.94  ? 600 COA A CDP 1 
HETATM 1240 C CEP . COA C 3 .   ? -7.832  2.569   0.258   1.00 58.94  ? 600 COA A CEP 1 
HETATM 1241 C CAP . COA C 3 .   ? -9.559  4.550   0.585   1.00 58.94  ? 600 COA A CAP 1 
HETATM 1242 O OAP . COA C 3 .   ? -10.951 4.566   0.313   1.00 58.94  ? 600 COA A OAP 1 
HETATM 1243 C C9P . COA C 3 .   ? -8.816  5.217   -0.588  1.00 58.94  ? 600 COA A C9P 1 
HETATM 1244 O O9P . COA C 3 .   ? -8.786  4.664   -1.639  1.00 58.94  ? 600 COA A O9P 1 
HETATM 1245 N N8P . COA C 3 .   ? -8.677  6.591   -0.516  1.00 58.94  ? 600 COA A N8P 1 
HETATM 1246 C C7P . COA C 3 .   ? -7.804  7.347   0.392   1.00 58.94  ? 600 COA A C7P 1 
HETATM 1247 C C6P . COA C 3 .   ? -6.434  6.723   0.728   1.00 58.94  ? 600 COA A C6P 1 
HETATM 1248 C C5P . COA C 3 .   ? -6.247  6.431   2.214   1.00 58.94  ? 600 COA A C5P 1 
HETATM 1249 O O5P . COA C 3 .   ? -7.100  6.646   3.037   1.00 58.94  ? 600 COA A O5P 1 
HETATM 1250 N N4P . COA C 3 .   ? -5.073  5.808   2.535   1.00 58.94  ? 600 COA A N4P 1 
HETATM 1251 C C3P . COA C 3 .   ? -4.883  5.027   3.802   1.00 58.94  ? 600 COA A C3P 1 
HETATM 1252 C C2P . COA C 3 .   ? -3.385  4.738   4.159   1.00 58.94  ? 600 COA A C2P 1 
HETATM 1253 S S1P . COA C 3 .   ? -2.235  5.624   3.033   1.00 58.94  ? 600 COA A S1P 1 
# 
